data_3ALQ
#
_entry.id   3ALQ
#
_cell.length_a   74.470
_cell.length_b   117.356
_cell.length_c   246.835
_cell.angle_alpha   90.00
_cell.angle_beta   90.00
_cell.angle_gamma   90.00
#
_symmetry.space_group_name_H-M   'P 21 21 21'
#
loop_
_entity.id
_entity.type
_entity.pdbx_description
1 polymer 'Tumor necrosis factor'
2 polymer 'Tumor necrosis factor receptor superfamily member 1B'
3 non-polymer 'COBALT (II) ION'
4 water water
#
loop_
_entity_poly.entity_id
_entity_poly.type
_entity_poly.pdbx_seq_one_letter_code
_entity_poly.pdbx_strand_id
1 'polypeptide(L)'
;VRSSSRTPSDMPVAHVVANPQAEGQLQWLNRRANALLANGVELRDNQLVVPSEGLYLIYSQVLFSGQGCPSTHVLLTHTI
SRIAVSYQTPVNLLSAIRSPCQRETPEGAEANPWYEPIYLGGVFQLEPGDRLSAEINRPDYLDFAESGQVYFGIIAL
;
A,B,C,D,E,F
2 'polypeptide(L)'
;APEPGSTCRLREYYDQTAQMCCSKCSPGQHAKVFCTKTSDTVCDSCEDSTYTQLWNWVPECLSCGSRCSSDQVETQACTR
EQNRICTCRPGWYCALSKQEGCRLCAPLRKCRPGFGVARPGTETSDVVCKPCAPGTFSNTTSSTDICRPHQICNVVAIPG
NASMDAVCTSTSP
;
R,S,T,U,V,W
#
# COMPACT_ATOMS: atom_id res chain seq x y z
N SER A 9 -27.62 -17.24 -45.56
CA SER A 9 -28.61 -16.25 -45.99
C SER A 9 -27.95 -15.23 -46.91
N ASP A 10 -28.73 -14.27 -47.39
CA ASP A 10 -28.20 -13.21 -48.24
C ASP A 10 -28.20 -11.85 -47.55
N MET A 11 -28.08 -11.85 -46.23
CA MET A 11 -27.99 -10.61 -45.46
C MET A 11 -26.53 -10.15 -45.35
N PRO A 12 -26.28 -8.85 -45.63
CA PRO A 12 -24.93 -8.30 -45.47
C PRO A 12 -24.40 -8.63 -44.08
N VAL A 13 -23.32 -9.40 -44.03
CA VAL A 13 -22.80 -9.86 -42.75
C VAL A 13 -21.28 -9.74 -42.69
N ALA A 14 -20.76 -9.42 -41.50
CA ALA A 14 -19.33 -9.23 -41.33
C ALA A 14 -18.87 -9.57 -39.93
N HIS A 15 -17.89 -10.45 -39.83
CA HIS A 15 -17.19 -10.72 -38.58
C HIS A 15 -15.71 -10.88 -38.89
N VAL A 16 -15.00 -9.76 -38.90
CA VAL A 16 -13.57 -9.75 -39.16
C VAL A 16 -12.80 -9.85 -37.84
N VAL A 17 -11.63 -10.48 -37.88
CA VAL A 17 -10.81 -10.63 -36.67
C VAL A 17 -9.49 -9.89 -36.81
N ALA A 18 -8.79 -9.73 -35.69
CA ALA A 18 -7.52 -9.01 -35.71
C ALA A 18 -6.40 -9.91 -36.21
N ASN A 19 -5.49 -9.32 -36.99
CA ASN A 19 -4.29 -10.03 -37.46
C ASN A 19 -3.34 -10.27 -36.29
N PRO A 20 -3.11 -11.54 -35.97
CA PRO A 20 -2.28 -12.00 -34.85
C PRO A 20 -0.79 -11.76 -35.07
N GLN A 21 -0.40 -11.45 -36.30
CA GLN A 21 1.01 -11.27 -36.62
C GLN A 21 1.34 -9.79 -36.77
N ALA A 22 0.30 -8.98 -37.00
CA ALA A 22 0.48 -7.55 -37.18
C ALA A 22 0.59 -6.83 -35.84
N GLU A 23 1.56 -7.22 -35.03
CA GLU A 23 1.69 -6.67 -33.68
C GLU A 23 2.06 -5.19 -33.69
N GLY A 24 1.57 -4.46 -32.68
CA GLY A 24 1.79 -3.02 -32.60
C GLY A 24 0.68 -2.25 -33.31
N GLN A 25 -0.24 -2.99 -33.93
CA GLN A 25 -1.31 -2.38 -34.70
C GLN A 25 -2.53 -3.30 -34.68
N LEU A 26 -3.65 -2.79 -35.18
CA LEU A 26 -4.89 -3.56 -35.21
C LEU A 26 -5.42 -3.63 -36.63
N GLN A 27 -5.09 -4.70 -37.35
CA GLN A 27 -5.53 -4.88 -38.74
C GLN A 27 -6.59 -5.97 -38.85
N TRP A 28 -7.74 -5.61 -39.41
CA TRP A 28 -8.84 -6.55 -39.54
C TRP A 28 -8.70 -7.49 -40.75
N LEU A 29 -8.85 -8.79 -40.51
CA LEU A 29 -8.77 -9.81 -41.53
C LEU A 29 -10.09 -10.54 -41.66
N ASN A 30 -10.41 -11.00 -42.87
CA ASN A 30 -11.66 -11.70 -43.09
C ASN A 30 -11.49 -13.14 -43.58
N ARG A 31 -10.32 -13.43 -44.12
CA ARG A 31 -10.04 -14.72 -44.74
C ARG A 31 -9.59 -15.77 -43.73
N ARG A 32 -10.42 -16.00 -42.71
CA ARG A 32 -10.07 -16.95 -41.66
C ARG A 32 -11.26 -17.79 -41.27
N ALA A 33 -11.00 -18.95 -40.67
CA ALA A 33 -12.06 -19.81 -40.18
C ALA A 33 -12.84 -19.10 -39.09
N ASN A 34 -14.17 -19.16 -39.18
CA ASN A 34 -15.03 -18.49 -38.20
C ASN A 34 -15.02 -16.98 -38.36
N ALA A 35 -14.72 -16.51 -39.56
CA ALA A 35 -14.81 -15.09 -39.91
C ALA A 35 -15.76 -14.92 -41.10
N LEU A 36 -16.30 -13.71 -41.26
CA LEU A 36 -17.30 -13.48 -42.31
C LEU A 36 -17.16 -12.11 -42.96
N LEU A 37 -17.27 -12.11 -44.29
CA LEU A 37 -17.39 -10.89 -45.08
C LEU A 37 -18.21 -11.33 -46.27
N ALA A 38 -19.43 -10.85 -46.39
CA ALA A 38 -20.34 -11.44 -47.36
C ALA A 38 -21.48 -10.53 -47.80
N ASN A 39 -22.15 -10.96 -48.87
CA ASN A 39 -23.36 -10.31 -49.36
C ASN A 39 -23.26 -8.79 -49.51
N GLY A 40 -22.09 -8.31 -49.92
CA GLY A 40 -21.93 -6.91 -50.27
C GLY A 40 -21.05 -6.09 -49.36
N VAL A 41 -20.84 -6.58 -48.14
CA VAL A 41 -20.03 -5.85 -47.16
C VAL A 41 -18.56 -5.94 -47.55
N GLU A 42 -17.92 -4.78 -47.68
CA GLU A 42 -16.52 -4.73 -48.10
C GLU A 42 -15.60 -4.27 -46.98
N LEU A 43 -14.34 -4.69 -47.05
CA LEU A 43 -13.33 -4.27 -46.10
C LEU A 43 -12.27 -3.45 -46.80
N ARG A 44 -12.49 -2.14 -46.89
CA ARG A 44 -11.56 -1.25 -47.54
C ARG A 44 -10.90 -0.30 -46.55
N ASP A 45 -9.57 -0.25 -46.60
CA ASP A 45 -8.78 0.64 -45.74
C ASP A 45 -9.00 0.34 -44.26
N ASN A 46 -9.36 -0.91 -43.97
CA ASN A 46 -9.52 -1.38 -42.59
C ASN A 46 -10.84 -0.95 -41.95
N GLN A 47 -11.73 -0.37 -42.75
CA GLN A 47 -13.07 -0.09 -42.29
C GLN A 47 -14.05 -1.02 -43.00
N LEU A 48 -15.26 -1.15 -42.47
CA LEU A 48 -16.28 -1.95 -43.11
C LEU A 48 -17.21 -1.06 -43.92
N VAL A 49 -17.50 -1.49 -45.14
CA VAL A 49 -18.33 -0.70 -46.04
C VAL A 49 -19.72 -1.30 -46.22
N VAL A 50 -20.73 -0.47 -45.95
CA VAL A 50 -22.13 -0.90 -45.99
C VAL A 50 -22.68 -0.90 -47.41
N PRO A 51 -23.24 -2.04 -47.82
CA PRO A 51 -23.73 -2.30 -49.18
C PRO A 51 -25.11 -1.70 -49.43
N SER A 52 -25.93 -1.62 -48.40
CA SER A 52 -27.33 -1.28 -48.59
C SER A 52 -27.93 -0.64 -47.34
N GLU A 53 -29.01 0.12 -47.54
CA GLU A 53 -29.72 0.74 -46.44
C GLU A 53 -30.34 -0.32 -45.54
N GLY A 54 -30.52 0.01 -44.27
CA GLY A 54 -31.15 -0.90 -43.33
C GLY A 54 -30.77 -0.68 -41.88
N LEU A 55 -31.25 -1.57 -41.03
CA LEU A 55 -30.88 -1.56 -39.62
C LEU A 55 -29.82 -2.62 -39.39
N TYR A 56 -28.64 -2.18 -38.93
CA TYR A 56 -27.54 -3.09 -38.67
C TYR A 56 -27.25 -3.22 -37.17
N LEU A 57 -27.02 -4.46 -36.72
CA LEU A 57 -26.38 -4.70 -35.44
C LEU A 57 -24.87 -4.50 -35.61
N ILE A 58 -24.29 -3.64 -34.79
CA ILE A 58 -22.86 -3.38 -34.88
C ILE A 58 -22.17 -3.64 -33.55
N TYR A 59 -21.18 -4.52 -33.55
CA TYR A 59 -20.52 -4.91 -32.31
C TYR A 59 -19.02 -5.05 -32.49
N SER A 60 -18.31 -5.03 -31.36
CA SER A 60 -16.87 -5.19 -31.38
C SER A 60 -16.33 -5.41 -29.97
N GLN A 61 -15.26 -6.19 -29.87
CA GLN A 61 -14.56 -6.38 -28.62
C GLN A 61 -13.06 -6.20 -28.84
N VAL A 62 -12.38 -5.64 -27.86
CA VAL A 62 -10.93 -5.66 -27.85
C VAL A 62 -10.45 -6.18 -26.51
N LEU A 63 -9.21 -6.66 -26.48
CA LEU A 63 -8.62 -7.15 -25.24
C LEU A 63 -7.22 -6.57 -25.06
N PHE A 64 -7.06 -5.79 -23.99
CA PHE A 64 -5.75 -5.27 -23.62
C PHE A 64 -5.13 -6.13 -22.52
N SER A 65 -3.81 -6.09 -22.42
CA SER A 65 -3.11 -6.77 -21.35
C SER A 65 -1.74 -6.14 -21.11
N GLY A 66 -1.13 -6.45 -19.98
CA GLY A 66 0.15 -5.87 -19.62
C GLY A 66 0.88 -6.62 -18.51
N GLN A 67 2.19 -6.42 -18.44
CA GLN A 67 3.01 -7.07 -17.43
C GLN A 67 3.01 -6.29 -16.13
N GLY A 68 2.89 -4.97 -16.22
CA GLY A 68 2.86 -4.12 -15.05
C GLY A 68 2.21 -2.79 -15.33
N CYS A 69 2.23 -1.90 -14.33
CA CYS A 69 1.61 -0.59 -14.46
C CYS A 69 2.62 0.55 -14.52
N PRO A 70 2.78 1.14 -15.72
CA PRO A 70 3.76 2.20 -16.01
C PRO A 70 3.66 3.38 -15.04
N SER A 71 4.64 4.26 -15.10
CA SER A 71 4.74 5.41 -14.20
C SER A 71 3.51 6.32 -14.30
N THR A 72 2.72 6.11 -15.35
CA THR A 72 1.55 6.94 -15.58
C THR A 72 0.25 6.22 -15.29
N HIS A 73 -0.86 6.92 -15.52
CA HIS A 73 -2.19 6.34 -15.45
C HIS A 73 -2.61 5.96 -16.86
N VAL A 74 -2.68 4.65 -17.13
CA VAL A 74 -2.95 4.15 -18.47
C VAL A 74 -4.45 4.10 -18.76
N LEU A 75 -4.87 4.81 -19.80
CA LEU A 75 -6.28 4.85 -20.18
C LEU A 75 -6.54 4.22 -21.54
N LEU A 76 -7.23 3.09 -21.55
CA LEU A 76 -7.56 2.38 -22.77
C LEU A 76 -8.90 2.85 -23.30
N THR A 77 -8.99 3.06 -24.61
CA THR A 77 -10.25 3.51 -25.22
C THR A 77 -10.58 2.74 -26.49
N HIS A 78 -11.83 2.30 -26.59
CA HIS A 78 -12.30 1.53 -27.73
C HIS A 78 -13.53 2.19 -28.32
N THR A 79 -13.52 2.45 -29.62
CA THR A 79 -14.59 3.22 -30.24
C THR A 79 -14.93 2.80 -31.66
N ILE A 80 -16.19 2.43 -31.88
CA ILE A 80 -16.70 2.23 -33.23
C ILE A 80 -17.29 3.55 -33.73
N SER A 81 -16.76 4.04 -34.84
CA SER A 81 -17.22 5.31 -35.38
C SER A 81 -17.83 5.16 -36.78
N ARG A 82 -18.72 6.08 -37.15
CA ARG A 82 -19.41 6.01 -38.43
C ARG A 82 -19.22 7.27 -39.26
N ILE A 83 -18.91 7.09 -40.54
CA ILE A 83 -18.92 8.20 -41.48
C ILE A 83 -20.10 8.02 -42.44
N ALA A 84 -21.15 8.80 -42.21
CA ALA A 84 -22.36 8.70 -43.02
C ALA A 84 -22.23 9.53 -44.29
N VAL A 85 -22.83 9.06 -45.37
CA VAL A 85 -22.87 9.82 -46.60
C VAL A 85 -23.56 11.14 -46.31
N SER A 86 -24.53 11.10 -45.40
CA SER A 86 -25.30 12.28 -45.02
C SER A 86 -24.62 13.09 -43.92
N TYR A 87 -23.41 12.69 -43.52
CA TYR A 87 -22.66 13.41 -42.50
C TYR A 87 -21.23 12.91 -42.43
N GLN A 88 -20.40 13.39 -43.36
CA GLN A 88 -19.07 12.85 -43.60
C GLN A 88 -17.98 13.28 -42.61
N THR A 89 -18.01 12.64 -41.44
CA THR A 89 -16.95 12.72 -40.44
C THR A 89 -17.20 11.56 -39.51
N PRO A 90 -16.13 11.00 -38.95
CA PRO A 90 -16.40 9.93 -37.98
C PRO A 90 -17.30 10.49 -36.87
N VAL A 91 -18.42 9.81 -36.60
CA VAL A 91 -19.27 10.15 -35.47
C VAL A 91 -19.36 8.93 -34.57
N ASN A 92 -19.06 9.11 -33.28
CA ASN A 92 -19.02 7.99 -32.35
C ASN A 92 -20.37 7.30 -32.16
N LEU A 93 -20.44 6.03 -32.55
CA LEU A 93 -21.65 5.24 -32.36
C LEU A 93 -21.60 4.48 -31.04
N LEU A 94 -20.43 3.92 -30.74
CA LEU A 94 -20.23 3.12 -29.55
C LEU A 94 -18.86 3.42 -28.98
N SER A 95 -18.80 3.81 -27.72
CA SER A 95 -17.52 4.17 -27.11
C SER A 95 -17.43 3.76 -25.65
N ALA A 96 -16.26 3.27 -25.25
CA ALA A 96 -16.01 2.95 -23.85
C ALA A 96 -14.56 3.25 -23.47
N ILE A 97 -14.30 3.33 -22.16
CA ILE A 97 -12.96 3.57 -21.67
C ILE A 97 -12.70 2.71 -20.45
N ARG A 98 -11.46 2.21 -20.34
CA ARG A 98 -11.09 1.32 -19.26
C ARG A 98 -9.72 1.74 -18.70
N SER A 99 -9.47 1.43 -17.44
CA SER A 99 -8.23 1.84 -16.75
C SER A 99 -7.73 0.77 -15.81
N PRO A 100 -6.65 0.08 -16.19
CA PRO A 100 -6.16 -1.10 -15.46
C PRO A 100 -5.27 -0.71 -14.28
N CYS A 101 -4.86 0.55 -14.27
CA CYS A 101 -3.81 1.00 -13.35
C CYS A 101 -4.20 2.22 -12.53
N GLN A 102 -3.68 2.29 -11.31
CA GLN A 102 -4.00 3.37 -10.39
C GLN A 102 -2.89 3.55 -9.34
N ALA A 111 5.18 -7.01 -10.18
CA ALA A 111 4.82 -6.66 -11.55
C ALA A 111 3.86 -7.68 -12.15
N ASN A 112 2.63 -7.70 -11.64
CA ASN A 112 1.64 -8.70 -12.03
C ASN A 112 0.90 -8.36 -13.31
N PRO A 113 0.34 -9.39 -13.97
CA PRO A 113 -0.38 -9.23 -15.25
C PRO A 113 -1.77 -8.66 -15.08
N TRP A 114 -2.24 -7.91 -16.08
CA TRP A 114 -3.59 -7.39 -16.08
C TRP A 114 -4.22 -7.50 -17.47
N TYR A 115 -5.52 -7.78 -17.50
CA TYR A 115 -6.26 -7.93 -18.76
C TYR A 115 -7.52 -7.07 -18.76
N GLU A 116 -7.80 -6.42 -19.89
CA GLU A 116 -8.94 -5.50 -19.95
C GLU A 116 -9.78 -5.65 -21.20
N PRO A 117 -10.91 -6.36 -21.08
CA PRO A 117 -11.88 -6.54 -22.17
C PRO A 117 -12.78 -5.32 -22.30
N ILE A 118 -13.07 -4.90 -23.53
CA ILE A 118 -14.11 -3.92 -23.75
C ILE A 118 -15.01 -4.40 -24.89
N TYR A 119 -16.31 -4.40 -24.63
CA TYR A 119 -17.28 -4.81 -25.66
C TYR A 119 -18.20 -3.66 -26.04
N LEU A 120 -18.32 -3.41 -27.34
CA LEU A 120 -19.26 -2.42 -27.86
C LEU A 120 -20.28 -3.13 -28.74
N GLY A 121 -21.54 -2.74 -28.62
CA GLY A 121 -22.60 -3.38 -29.38
C GLY A 121 -23.89 -2.60 -29.37
N GLY A 122 -24.48 -2.43 -30.56
CA GLY A 122 -25.72 -1.70 -30.69
C GLY A 122 -26.31 -1.81 -32.08
N VAL A 123 -27.56 -1.37 -32.21
CA VAL A 123 -28.26 -1.39 -33.48
C VAL A 123 -28.31 0.01 -34.11
N PHE A 124 -27.98 0.09 -35.40
CA PHE A 124 -27.94 1.37 -36.08
C PHE A 124 -28.49 1.30 -37.51
N GLN A 125 -29.06 2.41 -37.96
CA GLN A 125 -29.46 2.55 -39.35
C GLN A 125 -28.30 3.06 -40.20
N LEU A 126 -27.90 2.28 -41.19
CA LEU A 126 -26.79 2.65 -42.05
C LEU A 126 -27.24 2.81 -43.49
N GLU A 127 -26.61 3.75 -44.21
CA GLU A 127 -26.91 3.99 -45.61
C GLU A 127 -25.81 3.41 -46.49
N PRO A 128 -26.10 3.20 -47.78
CA PRO A 128 -25.11 2.58 -48.68
C PRO A 128 -23.90 3.47 -48.87
N GLY A 129 -22.71 2.92 -48.68
CA GLY A 129 -21.49 3.67 -48.83
C GLY A 129 -20.94 4.16 -47.50
N ASP A 130 -21.73 3.99 -46.44
CA ASP A 130 -21.28 4.32 -45.09
C ASP A 130 -20.10 3.44 -44.72
N ARG A 131 -19.10 4.01 -44.05
CA ARG A 131 -17.95 3.23 -43.61
C ARG A 131 -17.82 3.20 -42.08
N LEU A 132 -17.58 2.02 -41.53
CA LEU A 132 -17.49 1.84 -40.08
C LEU A 132 -16.09 1.44 -39.66
N SER A 133 -15.50 2.23 -38.76
CA SER A 133 -14.19 1.90 -38.23
C SER A 133 -14.26 1.48 -36.75
N ALA A 134 -13.37 0.58 -36.36
CA ALA A 134 -13.29 0.13 -34.97
C ALA A 134 -11.88 0.36 -34.45
N GLU A 135 -11.66 1.53 -33.86
CA GLU A 135 -10.33 1.97 -33.45
C GLU A 135 -10.09 1.90 -31.94
N ILE A 136 -8.82 1.95 -31.57
CA ILE A 136 -8.39 1.98 -30.18
C ILE A 136 -7.21 2.94 -30.06
N ASN A 137 -6.98 3.47 -28.87
CA ASN A 137 -5.89 4.44 -28.69
C ASN A 137 -4.50 3.81 -28.53
N ARG A 138 -4.45 2.62 -27.94
CA ARG A 138 -3.17 1.99 -27.62
C ARG A 138 -2.99 0.61 -28.27
N PRO A 139 -2.73 0.58 -29.57
CA PRO A 139 -2.54 -0.70 -30.28
C PRO A 139 -1.42 -1.54 -29.66
N ASP A 140 -0.57 -0.89 -28.88
CA ASP A 140 0.57 -1.55 -28.25
C ASP A 140 0.18 -2.40 -27.04
N TYR A 141 -1.10 -2.38 -26.68
CA TYR A 141 -1.57 -3.15 -25.53
C TYR A 141 -2.51 -4.30 -25.90
N LEU A 142 -2.86 -4.40 -27.17
CA LEU A 142 -3.74 -5.46 -27.63
C LEU A 142 -3.17 -6.83 -27.26
N ASP A 143 -4.04 -7.83 -27.18
CA ASP A 143 -3.61 -9.19 -26.86
C ASP A 143 -4.16 -10.18 -27.88
N PHE A 144 -3.28 -10.67 -28.75
CA PHE A 144 -3.67 -11.60 -29.81
C PHE A 144 -3.28 -13.05 -29.50
N ALA A 145 -2.92 -13.33 -28.26
CA ALA A 145 -2.54 -14.69 -27.88
C ALA A 145 -3.46 -15.76 -28.48
N GLU A 146 -4.76 -15.67 -28.19
CA GLU A 146 -5.74 -16.63 -28.72
C GLU A 146 -6.76 -15.99 -29.64
N SER A 147 -7.56 -16.84 -30.28
CA SER A 147 -8.57 -16.38 -31.23
C SER A 147 -9.86 -15.98 -30.54
N GLY A 148 -10.55 -15.00 -31.12
CA GLY A 148 -11.83 -14.55 -30.58
C GLY A 148 -11.71 -13.56 -29.45
N GLN A 149 -10.51 -13.02 -29.24
CA GLN A 149 -10.31 -11.97 -28.24
C GLN A 149 -10.53 -10.58 -28.85
N VAL A 150 -10.25 -10.45 -30.13
CA VAL A 150 -10.39 -9.17 -30.82
C VAL A 150 -11.19 -9.32 -32.10
N TYR A 151 -12.30 -8.59 -32.20
CA TYR A 151 -13.17 -8.72 -33.35
C TYR A 151 -14.05 -7.50 -33.61
N PHE A 152 -14.57 -7.42 -34.82
CA PHE A 152 -15.37 -6.30 -35.27
C PHE A 152 -16.37 -6.88 -36.26
N GLY A 153 -17.65 -6.57 -36.09
CA GLY A 153 -18.66 -7.19 -36.92
C GLY A 153 -19.96 -6.45 -37.08
N ILE A 154 -20.66 -6.73 -38.17
CA ILE A 154 -21.98 -6.15 -38.40
C ILE A 154 -22.87 -7.16 -39.07
N ILE A 155 -24.19 -6.99 -38.90
CA ILE A 155 -25.16 -7.80 -39.62
C ILE A 155 -26.45 -7.02 -39.86
N ALA A 156 -26.91 -7.04 -41.10
CA ALA A 156 -28.17 -6.37 -41.45
C ALA A 156 -29.35 -7.19 -40.94
N LEU A 157 -30.24 -6.52 -40.19
CA LEU A 157 -31.44 -7.16 -39.69
C LEU A 157 -32.63 -6.87 -40.60
N SER B 9 -41.55 -16.89 -33.09
CA SER B 9 -41.18 -17.20 -34.47
C SER B 9 -40.69 -18.65 -34.60
N ASP B 10 -40.32 -19.04 -35.82
CA ASP B 10 -39.90 -20.41 -36.10
C ASP B 10 -38.39 -20.54 -36.23
N MET B 11 -37.66 -19.55 -35.71
CA MET B 11 -36.21 -19.53 -35.81
C MET B 11 -35.57 -20.22 -34.62
N PRO B 12 -34.53 -21.03 -34.87
CA PRO B 12 -33.80 -21.65 -33.76
C PRO B 12 -33.36 -20.59 -32.75
N VAL B 13 -33.56 -20.84 -31.46
CA VAL B 13 -33.19 -19.86 -30.45
C VAL B 13 -32.99 -20.47 -29.08
N ALA B 14 -31.97 -19.99 -28.38
CA ALA B 14 -31.71 -20.42 -27.01
C ALA B 14 -31.21 -19.27 -26.18
N HIS B 15 -31.72 -19.15 -24.96
CA HIS B 15 -31.15 -18.26 -23.97
C HIS B 15 -31.21 -18.99 -22.65
N VAL B 16 -30.12 -19.67 -22.30
CA VAL B 16 -30.09 -20.46 -21.09
C VAL B 16 -29.33 -19.75 -19.97
N VAL B 17 -29.69 -20.09 -18.73
CA VAL B 17 -29.19 -19.36 -17.56
C VAL B 17 -28.53 -20.29 -16.55
N ALA B 18 -27.83 -19.70 -15.59
CA ALA B 18 -27.08 -20.48 -14.61
C ALA B 18 -27.98 -21.02 -13.50
N ASN B 19 -27.80 -22.30 -13.18
CA ASN B 19 -28.50 -22.91 -12.05
C ASN B 19 -27.91 -22.40 -10.73
N PRO B 20 -28.66 -21.54 -10.03
CA PRO B 20 -28.15 -20.92 -8.79
C PRO B 20 -27.95 -21.93 -7.67
N GLN B 21 -28.56 -23.10 -7.81
CA GLN B 21 -28.51 -24.10 -6.74
C GLN B 21 -27.39 -25.09 -6.99
N ALA B 22 -26.64 -24.89 -8.07
CA ALA B 22 -25.53 -25.77 -8.40
C ALA B 22 -24.21 -25.08 -8.12
N GLU B 23 -24.08 -24.52 -6.93
CA GLU B 23 -22.86 -23.83 -6.51
C GLU B 23 -21.58 -24.63 -6.79
N GLY B 24 -20.56 -23.94 -7.30
CA GLY B 24 -19.28 -24.57 -7.56
C GLY B 24 -19.10 -25.05 -8.99
N GLN B 25 -20.15 -24.88 -9.81
CA GLN B 25 -20.11 -25.31 -11.20
C GLN B 25 -21.04 -24.44 -12.06
N LEU B 26 -20.96 -24.59 -13.37
CA LEU B 26 -21.82 -23.83 -14.28
C LEU B 26 -22.74 -24.76 -15.07
N GLN B 27 -23.99 -24.87 -14.64
CA GLN B 27 -24.96 -25.76 -15.26
C GLN B 27 -26.10 -24.92 -15.87
N TRP B 28 -26.15 -24.88 -17.20
CA TRP B 28 -27.15 -24.09 -17.90
C TRP B 28 -28.56 -24.70 -17.78
N LEU B 29 -29.56 -23.84 -17.60
CA LEU B 29 -30.95 -24.28 -17.51
C LEU B 29 -31.81 -23.51 -18.50
N ASN B 30 -32.91 -24.13 -18.92
CA ASN B 30 -33.83 -23.48 -19.85
C ASN B 30 -35.27 -23.41 -19.34
N ARG B 31 -35.63 -24.31 -18.45
CA ARG B 31 -37.00 -24.35 -17.94
C ARG B 31 -37.23 -23.23 -16.94
N ARG B 32 -37.01 -21.99 -17.38
CA ARG B 32 -37.16 -20.85 -16.49
C ARG B 32 -37.90 -19.69 -17.14
N ALA B 33 -38.37 -18.77 -16.31
CA ALA B 33 -39.02 -17.56 -16.80
C ALA B 33 -37.97 -16.68 -17.44
N ASN B 34 -38.28 -16.18 -18.63
CA ASN B 34 -37.31 -15.38 -19.38
C ASN B 34 -36.09 -16.19 -19.79
N ALA B 35 -36.32 -17.47 -20.08
CA ALA B 35 -35.29 -18.31 -20.69
C ALA B 35 -35.90 -18.99 -21.92
N LEU B 36 -35.03 -19.40 -22.85
CA LEU B 36 -35.49 -19.95 -24.11
C LEU B 36 -34.70 -21.18 -24.53
N LEU B 37 -35.40 -22.17 -25.06
CA LEU B 37 -34.77 -23.27 -25.78
C LEU B 37 -35.81 -23.88 -26.70
N ALA B 38 -35.81 -23.46 -27.97
CA ALA B 38 -36.88 -23.87 -28.87
C ALA B 38 -36.47 -23.97 -30.34
N ASN B 39 -37.41 -24.45 -31.16
CA ASN B 39 -37.25 -24.48 -32.60
C ASN B 39 -36.05 -25.28 -33.08
N GLY B 40 -35.73 -26.37 -32.37
CA GLY B 40 -34.67 -27.26 -32.79
C GLY B 40 -33.44 -27.26 -31.90
N VAL B 41 -33.19 -26.15 -31.21
CA VAL B 41 -31.98 -26.05 -30.39
C VAL B 41 -32.02 -27.03 -29.23
N GLU B 42 -31.01 -27.89 -29.16
CA GLU B 42 -30.91 -28.91 -28.12
C GLU B 42 -29.87 -28.51 -27.09
N LEU B 43 -30.05 -29.01 -25.88
CA LEU B 43 -29.09 -28.81 -24.80
C LEU B 43 -28.67 -30.17 -24.28
N ARG B 44 -27.49 -30.62 -24.69
CA ARG B 44 -26.98 -31.92 -24.29
C ARG B 44 -25.58 -31.79 -23.71
N ASP B 45 -25.32 -32.53 -22.64
CA ASP B 45 -24.05 -32.45 -21.92
C ASP B 45 -23.60 -31.00 -21.75
N ASN B 46 -24.54 -30.16 -21.33
CA ASN B 46 -24.27 -28.75 -21.01
C ASN B 46 -23.86 -27.86 -22.18
N GLN B 47 -23.91 -28.41 -23.40
CA GLN B 47 -23.60 -27.65 -24.60
C GLN B 47 -24.85 -27.43 -25.43
N LEU B 48 -24.87 -26.34 -26.21
CA LEU B 48 -25.96 -26.09 -27.14
C LEU B 48 -25.70 -26.83 -28.44
N VAL B 49 -26.75 -27.45 -29.00
CA VAL B 49 -26.61 -28.18 -30.27
C VAL B 49 -27.41 -27.52 -31.39
N VAL B 50 -26.70 -26.95 -32.35
CA VAL B 50 -27.34 -26.26 -33.47
C VAL B 50 -28.22 -27.17 -34.32
N PRO B 51 -29.44 -26.70 -34.67
CA PRO B 51 -30.43 -27.44 -35.46
C PRO B 51 -30.19 -27.36 -36.95
N SER B 52 -29.67 -26.23 -37.43
CA SER B 52 -29.63 -25.97 -38.85
C SER B 52 -28.53 -25.01 -39.25
N GLU B 53 -28.11 -25.11 -40.51
CA GLU B 53 -27.15 -24.18 -41.09
C GLU B 53 -27.72 -22.77 -41.13
N GLY B 54 -26.85 -21.78 -40.96
CA GLY B 54 -27.24 -20.39 -40.99
C GLY B 54 -26.31 -19.48 -40.20
N LEU B 55 -26.62 -18.20 -40.21
CA LEU B 55 -25.88 -17.21 -39.43
C LEU B 55 -26.50 -17.09 -38.05
N TYR B 56 -25.70 -17.34 -37.01
CA TYR B 56 -26.19 -17.26 -35.64
C TYR B 56 -25.57 -16.10 -34.88
N LEU B 57 -26.36 -15.45 -34.03
CA LEU B 57 -25.81 -14.54 -33.04
C LEU B 57 -25.52 -15.35 -31.79
N ILE B 58 -24.27 -15.32 -31.33
CA ILE B 58 -23.87 -16.04 -30.14
C ILE B 58 -23.40 -15.04 -29.11
N TYR B 59 -23.94 -15.15 -27.89
CA TYR B 59 -23.53 -14.29 -26.80
C TYR B 59 -23.51 -15.04 -25.48
N SER B 60 -22.84 -14.46 -24.49
CA SER B 60 -22.79 -15.01 -23.15
C SER B 60 -22.26 -13.98 -22.16
N GLN B 61 -22.66 -14.10 -20.91
CA GLN B 61 -22.13 -13.25 -19.85
C GLN B 61 -21.96 -14.03 -18.56
N VAL B 62 -20.81 -13.86 -17.91
CA VAL B 62 -20.61 -14.42 -16.59
C VAL B 62 -20.31 -13.32 -15.60
N LEU B 63 -20.60 -13.56 -14.33
CA LEU B 63 -20.24 -12.62 -13.28
C LEU B 63 -19.37 -13.29 -12.24
N PHE B 64 -18.19 -12.74 -12.01
CA PHE B 64 -17.31 -13.22 -10.95
C PHE B 64 -17.34 -12.29 -9.74
N SER B 65 -17.29 -12.87 -8.55
CA SER B 65 -17.21 -12.08 -7.33
C SER B 65 -16.41 -12.82 -6.27
N GLY B 66 -15.55 -12.07 -5.59
CA GLY B 66 -14.77 -12.63 -4.51
C GLY B 66 -14.79 -11.70 -3.32
N GLN B 67 -14.53 -12.25 -2.14
CA GLN B 67 -14.49 -11.44 -0.93
C GLN B 67 -13.18 -10.67 -0.87
N GLY B 68 -12.08 -11.36 -1.10
CA GLY B 68 -10.76 -10.74 -1.05
C GLY B 68 -9.83 -11.23 -2.13
N CYS B 69 -8.56 -10.82 -2.07
CA CYS B 69 -7.56 -11.22 -3.06
C CYS B 69 -6.48 -12.12 -2.47
N PRO B 70 -6.47 -13.40 -2.88
CA PRO B 70 -5.51 -14.41 -2.40
C PRO B 70 -4.07 -14.05 -2.72
N SER B 71 -3.13 -14.79 -2.13
CA SER B 71 -1.70 -14.52 -2.31
C SER B 71 -1.25 -14.77 -3.75
N THR B 72 -2.16 -15.29 -4.56
CA THR B 72 -1.88 -15.50 -5.97
C THR B 72 -2.70 -14.54 -6.83
N HIS B 73 -2.05 -13.94 -7.82
CA HIS B 73 -2.75 -13.13 -8.80
C HIS B 73 -3.84 -13.97 -9.46
N VAL B 74 -5.09 -13.66 -9.15
CA VAL B 74 -6.22 -14.41 -9.68
C VAL B 74 -6.59 -13.93 -11.08
N LEU B 75 -6.78 -14.87 -11.99
CA LEU B 75 -7.17 -14.54 -13.36
C LEU B 75 -8.47 -15.23 -13.74
N LEU B 76 -9.35 -14.51 -14.40
CA LEU B 76 -10.65 -15.04 -14.75
C LEU B 76 -10.84 -15.07 -16.26
N THR B 77 -11.06 -16.27 -16.80
CA THR B 77 -11.23 -16.44 -18.23
C THR B 77 -12.63 -16.93 -18.59
N HIS B 78 -13.21 -16.36 -19.64
CA HIS B 78 -14.51 -16.78 -20.14
C HIS B 78 -14.45 -17.04 -21.64
N THR B 79 -14.91 -18.22 -22.05
CA THR B 79 -14.81 -18.61 -23.45
C THR B 79 -16.01 -19.37 -24.01
N ILE B 80 -16.55 -18.86 -25.10
CA ILE B 80 -17.48 -19.65 -25.90
C ILE B 80 -16.66 -20.34 -26.97
N SER B 81 -16.67 -21.67 -26.97
CA SER B 81 -15.93 -22.41 -27.97
C SER B 81 -16.86 -23.26 -28.85
N ARG B 82 -16.38 -23.58 -30.05
CA ARG B 82 -17.17 -24.32 -31.02
C ARG B 82 -16.54 -25.64 -31.40
N ILE B 83 -17.34 -26.70 -31.45
CA ILE B 83 -16.90 -27.96 -32.03
C ILE B 83 -17.67 -28.24 -33.31
N ALA B 84 -17.12 -27.77 -34.43
CA ALA B 84 -17.78 -27.92 -35.71
C ALA B 84 -17.74 -29.36 -36.18
N VAL B 85 -18.76 -29.77 -36.92
CA VAL B 85 -18.76 -31.08 -37.55
C VAL B 85 -17.65 -31.10 -38.61
N SER B 86 -17.39 -29.93 -39.18
CA SER B 86 -16.39 -29.77 -40.23
C SER B 86 -14.98 -29.63 -39.66
N TYR B 87 -14.89 -29.62 -38.33
CA TYR B 87 -13.62 -29.47 -37.65
C TYR B 87 -13.78 -29.86 -36.18
N GLN B 88 -13.72 -31.16 -35.92
CA GLN B 88 -14.06 -31.69 -34.58
C GLN B 88 -12.99 -31.53 -33.49
N THR B 89 -12.82 -30.29 -33.02
CA THR B 89 -12.17 -30.01 -31.74
C THR B 89 -12.64 -28.64 -31.28
N PRO B 90 -12.64 -28.41 -29.96
CA PRO B 90 -13.01 -27.09 -29.48
C PRO B 90 -12.12 -26.00 -30.11
N VAL B 91 -12.76 -24.99 -30.68
CA VAL B 91 -12.06 -23.84 -31.23
C VAL B 91 -12.72 -22.59 -30.67
N ASN B 92 -11.93 -21.69 -30.09
CA ASN B 92 -12.46 -20.50 -29.46
C ASN B 92 -13.06 -19.51 -30.46
N LEU B 93 -14.34 -19.19 -30.28
CA LEU B 93 -15.01 -18.22 -31.13
C LEU B 93 -14.92 -16.85 -30.50
N LEU B 94 -15.32 -16.78 -29.24
CA LEU B 94 -15.28 -15.55 -28.47
C LEU B 94 -14.61 -15.87 -27.15
N SER B 95 -13.81 -14.94 -26.63
CA SER B 95 -13.11 -15.17 -25.39
C SER B 95 -12.56 -13.90 -24.76
N ALA B 96 -12.47 -13.90 -23.44
CA ALA B 96 -11.89 -12.76 -22.71
C ALA B 96 -11.22 -13.26 -21.45
N ILE B 97 -10.41 -12.40 -20.83
CA ILE B 97 -9.79 -12.69 -19.56
C ILE B 97 -9.82 -11.44 -18.71
N ARG B 98 -9.85 -11.61 -17.39
CA ARG B 98 -9.94 -10.47 -16.50
C ARG B 98 -9.10 -10.70 -15.24
N SER B 99 -8.69 -9.61 -14.59
CA SER B 99 -7.77 -9.67 -13.46
C SER B 99 -8.20 -8.77 -12.29
N PRO B 100 -8.88 -9.35 -11.29
CA PRO B 100 -9.42 -8.58 -10.17
C PRO B 100 -8.37 -8.27 -9.11
N CYS B 101 -7.23 -8.95 -9.17
CA CYS B 101 -6.25 -8.89 -8.08
C CYS B 101 -4.85 -8.47 -8.52
N GLN B 102 -4.39 -7.35 -7.98
CA GLN B 102 -3.14 -6.76 -8.44
C GLN B 102 -2.48 -5.90 -7.35
N ALA B 111 -11.27 -7.09 4.15
CA ALA B 111 -11.43 -7.90 2.94
C ALA B 111 -12.53 -7.34 2.03
N ASN B 112 -12.20 -6.30 1.28
CA ASN B 112 -13.14 -5.65 0.38
C ASN B 112 -13.47 -6.51 -0.84
N PRO B 113 -14.76 -6.56 -1.21
CA PRO B 113 -15.30 -7.39 -2.29
C PRO B 113 -15.04 -6.82 -3.67
N TRP B 114 -14.89 -7.70 -4.67
CA TRP B 114 -14.75 -7.29 -6.06
C TRP B 114 -15.73 -8.05 -6.93
N TYR B 115 -16.18 -7.39 -8.00
CA TYR B 115 -17.09 -8.00 -8.96
C TYR B 115 -16.58 -7.77 -10.38
N GLU B 116 -16.56 -8.84 -11.18
CA GLU B 116 -16.02 -8.77 -12.53
C GLU B 116 -16.98 -9.37 -13.56
N PRO B 117 -17.58 -8.51 -14.39
CA PRO B 117 -18.44 -8.91 -15.52
C PRO B 117 -17.62 -9.24 -16.76
N ILE B 118 -18.13 -10.15 -17.58
CA ILE B 118 -17.53 -10.44 -18.88
C ILE B 118 -18.61 -10.75 -19.91
N TYR B 119 -18.65 -9.96 -20.98
CA TYR B 119 -19.61 -10.19 -22.06
C TYR B 119 -18.91 -10.65 -23.34
N LEU B 120 -19.49 -11.64 -24.00
CA LEU B 120 -18.98 -12.13 -25.28
C LEU B 120 -20.13 -12.28 -26.28
N GLY B 121 -19.93 -11.79 -27.49
CA GLY B 121 -20.97 -11.87 -28.50
C GLY B 121 -20.52 -11.52 -29.91
N GLY B 122 -20.97 -12.30 -30.89
CA GLY B 122 -20.69 -12.05 -32.29
C GLY B 122 -21.46 -12.96 -33.22
N VAL B 123 -21.60 -12.55 -34.48
CA VAL B 123 -22.30 -13.36 -35.49
C VAL B 123 -21.39 -14.38 -36.15
N PHE B 124 -21.80 -15.64 -36.12
CA PHE B 124 -21.03 -16.73 -36.70
C PHE B 124 -21.91 -17.62 -37.57
N GLN B 125 -21.33 -18.22 -38.61
CA GLN B 125 -22.07 -19.18 -39.41
C GLN B 125 -21.88 -20.59 -38.87
N LEU B 126 -22.99 -21.24 -38.50
CA LEU B 126 -22.93 -22.57 -37.93
C LEU B 126 -23.54 -23.60 -38.86
N GLU B 127 -23.26 -24.87 -38.58
CA GLU B 127 -23.76 -25.97 -39.39
C GLU B 127 -24.40 -27.01 -38.47
N PRO B 128 -25.46 -27.69 -38.95
CA PRO B 128 -26.24 -28.63 -38.15
C PRO B 128 -25.36 -29.70 -37.48
N GLY B 129 -25.45 -29.81 -36.17
CA GLY B 129 -24.66 -30.75 -35.42
C GLY B 129 -23.56 -30.06 -34.63
N ASP B 130 -23.28 -28.81 -35.00
CA ASP B 130 -22.27 -28.03 -34.31
C ASP B 130 -22.60 -27.97 -32.83
N ARG B 131 -21.59 -28.15 -31.99
CA ARG B 131 -21.78 -28.01 -30.55
C ARG B 131 -21.13 -26.72 -30.05
N LEU B 132 -21.88 -25.97 -29.25
CA LEU B 132 -21.38 -24.73 -28.66
C LEU B 132 -21.37 -24.83 -27.15
N SER B 133 -20.25 -24.48 -26.53
CA SER B 133 -20.16 -24.49 -25.07
C SER B 133 -19.53 -23.22 -24.53
N ALA B 134 -20.05 -22.75 -23.40
CA ALA B 134 -19.53 -21.55 -22.74
C ALA B 134 -18.90 -21.91 -21.39
N GLU B 135 -17.57 -21.91 -21.34
CA GLU B 135 -16.84 -22.36 -20.16
C GLU B 135 -16.16 -21.24 -19.39
N ILE B 136 -15.70 -21.56 -18.18
CA ILE B 136 -14.90 -20.65 -17.35
C ILE B 136 -13.84 -21.44 -16.60
N ASN B 137 -12.71 -20.81 -16.32
CA ASN B 137 -11.64 -21.48 -15.59
C ASN B 137 -11.94 -21.59 -14.10
N ARG B 138 -12.70 -20.64 -13.57
CA ARG B 138 -12.93 -20.58 -12.13
C ARG B 138 -14.40 -20.55 -11.76
N PRO B 139 -15.04 -21.73 -11.73
CA PRO B 139 -16.46 -21.79 -11.38
C PRO B 139 -16.71 -21.35 -9.94
N ASP B 140 -15.73 -21.56 -9.08
CA ASP B 140 -15.88 -21.24 -7.66
C ASP B 140 -15.94 -19.73 -7.39
N TYR B 141 -15.78 -18.94 -8.43
CA TYR B 141 -15.88 -17.49 -8.31
C TYR B 141 -17.14 -16.95 -8.99
N LEU B 142 -18.00 -17.85 -9.45
CA LEU B 142 -19.23 -17.45 -10.11
C LEU B 142 -20.21 -16.86 -9.12
N ASP B 143 -21.02 -15.92 -9.58
CA ASP B 143 -22.01 -15.27 -8.74
C ASP B 143 -23.42 -15.54 -9.28
N PHE B 144 -24.28 -16.09 -8.42
CA PHE B 144 -25.64 -16.43 -8.84
C PHE B 144 -26.68 -15.67 -8.03
N ALA B 145 -26.23 -14.72 -7.23
CA ALA B 145 -27.11 -13.96 -6.35
C ALA B 145 -28.44 -13.63 -7.00
N GLU B 146 -28.42 -12.74 -7.99
CA GLU B 146 -29.62 -12.38 -8.73
C GLU B 146 -29.64 -13.05 -10.11
N SER B 147 -30.79 -12.94 -10.77
CA SER B 147 -30.95 -13.48 -12.11
C SER B 147 -30.37 -12.53 -13.16
N GLY B 148 -30.16 -13.05 -14.37
CA GLY B 148 -29.63 -12.26 -15.47
C GLY B 148 -28.17 -11.90 -15.34
N GLN B 149 -27.44 -12.63 -14.51
CA GLN B 149 -26.02 -12.36 -14.28
C GLN B 149 -25.15 -13.34 -15.05
N VAL B 150 -25.65 -14.55 -15.20
CA VAL B 150 -24.94 -15.59 -15.94
C VAL B 150 -25.89 -16.20 -16.97
N TYR B 151 -25.54 -16.06 -18.25
CA TYR B 151 -26.37 -16.59 -19.32
C TYR B 151 -25.55 -16.91 -20.56
N PHE B 152 -26.17 -17.67 -21.45
CA PHE B 152 -25.54 -18.11 -22.69
C PHE B 152 -26.64 -18.33 -23.71
N GLY B 153 -26.53 -17.68 -24.87
CA GLY B 153 -27.60 -17.75 -25.84
C GLY B 153 -27.19 -17.61 -27.29
N ILE B 154 -28.02 -18.15 -28.18
CA ILE B 154 -27.82 -18.01 -29.61
C ILE B 154 -29.16 -17.80 -30.31
N ILE B 155 -29.12 -17.20 -31.49
CA ILE B 155 -30.32 -17.08 -32.31
C ILE B 155 -30.01 -16.97 -33.80
N ALA B 156 -30.57 -17.90 -34.57
CA ALA B 156 -30.42 -17.87 -36.03
C ALA B 156 -30.99 -16.58 -36.61
N LEU B 157 -30.21 -15.90 -37.44
CA LEU B 157 -30.63 -14.63 -38.03
C LEU B 157 -31.11 -14.76 -39.48
N SER C 9 -36.42 -1.15 -41.97
CA SER C 9 -37.35 -2.27 -41.85
C SER C 9 -38.60 -1.86 -41.05
N ASP C 10 -39.67 -2.65 -41.22
CA ASP C 10 -40.92 -2.42 -40.51
C ASP C 10 -40.90 -3.05 -39.12
N MET C 11 -39.74 -3.54 -38.71
CA MET C 11 -39.58 -4.16 -37.39
C MET C 11 -39.40 -3.13 -36.29
N PRO C 12 -40.13 -3.29 -35.18
CA PRO C 12 -39.99 -2.43 -34.00
C PRO C 12 -38.53 -2.33 -33.61
N VAL C 13 -38.03 -1.11 -33.42
CA VAL C 13 -36.64 -0.95 -33.03
C VAL C 13 -36.46 0.26 -32.11
N ALA C 14 -35.43 0.23 -31.31
CA ALA C 14 -35.13 1.33 -30.41
C ALA C 14 -33.67 1.32 -29.99
N HIS C 15 -33.02 2.47 -30.12
CA HIS C 15 -31.69 2.67 -29.56
C HIS C 15 -31.63 4.07 -28.99
N VAL C 16 -32.05 4.22 -27.74
CA VAL C 16 -32.02 5.50 -27.06
C VAL C 16 -30.67 5.72 -26.38
N VAL C 17 -30.38 6.98 -26.07
CA VAL C 17 -29.10 7.38 -25.50
C VAL C 17 -29.30 8.33 -24.32
N ALA C 18 -28.27 8.48 -23.50
CA ALA C 18 -28.33 9.35 -22.33
C ALA C 18 -28.37 10.82 -22.70
N ASN C 19 -29.20 11.58 -22.00
CA ASN C 19 -29.22 13.03 -22.16
C ASN C 19 -27.95 13.63 -21.56
N PRO C 20 -27.05 14.12 -22.42
CA PRO C 20 -25.73 14.60 -22.00
C PRO C 20 -25.80 15.78 -21.03
N GLN C 21 -26.93 16.49 -21.03
CA GLN C 21 -27.08 17.67 -20.19
C GLN C 21 -27.63 17.33 -18.81
N ALA C 22 -28.61 16.43 -18.78
CA ALA C 22 -29.28 16.05 -17.53
C ALA C 22 -28.35 15.35 -16.55
N GLU C 23 -27.29 16.05 -16.15
CA GLU C 23 -26.30 15.52 -15.22
C GLU C 23 -26.89 15.15 -13.87
N GLY C 24 -26.41 14.05 -13.30
CA GLY C 24 -26.93 13.56 -12.03
C GLY C 24 -27.96 12.46 -12.21
N GLN C 25 -28.61 12.46 -13.36
CA GLN C 25 -29.66 11.47 -13.64
C GLN C 25 -29.46 10.84 -15.02
N LEU C 26 -30.19 9.76 -15.29
CA LEU C 26 -30.09 9.02 -16.55
C LEU C 26 -31.40 9.08 -17.33
N GLN C 27 -31.50 10.06 -18.24
CA GLN C 27 -32.71 10.23 -19.04
C GLN C 27 -32.45 9.81 -20.48
N TRP C 28 -33.16 8.78 -20.94
CA TRP C 28 -33.01 8.30 -22.30
C TRP C 28 -33.69 9.24 -23.30
N LEU C 29 -32.98 9.55 -24.38
CA LEU C 29 -33.53 10.36 -25.47
C LEU C 29 -33.56 9.55 -26.75
N ASN C 30 -34.28 10.05 -27.75
CA ASN C 30 -34.32 9.39 -29.05
C ASN C 30 -34.19 10.37 -30.22
N ARG C 31 -34.62 11.61 -30.00
CA ARG C 31 -34.56 12.64 -31.04
C ARG C 31 -33.13 13.11 -31.27
N ARG C 32 -32.21 12.16 -31.42
CA ARG C 32 -30.82 12.48 -31.71
C ARG C 32 -30.33 11.69 -32.91
N ALA C 33 -29.30 12.20 -33.58
CA ALA C 33 -28.66 11.49 -34.67
C ALA C 33 -28.17 10.14 -34.20
N ASN C 34 -28.31 9.12 -35.03
CA ASN C 34 -27.88 7.78 -34.70
C ASN C 34 -28.63 7.17 -33.52
N ALA C 35 -29.81 7.72 -33.23
CA ALA C 35 -30.73 7.16 -32.25
C ALA C 35 -31.99 6.62 -32.94
N LEU C 36 -32.64 5.64 -32.32
CA LEU C 36 -33.80 5.00 -32.93
C LEU C 36 -34.96 4.83 -31.96
N LEU C 37 -36.16 5.14 -32.44
CA LEU C 37 -37.40 4.84 -31.74
C LEU C 37 -38.47 4.72 -32.81
N ALA C 38 -38.70 3.51 -33.31
CA ALA C 38 -39.54 3.34 -34.48
C ALA C 38 -40.36 2.05 -34.53
N ASN C 39 -41.41 2.09 -35.34
CA ASN C 39 -42.26 0.93 -35.61
C ASN C 39 -43.05 0.44 -34.40
N GLY C 40 -43.55 1.37 -33.59
CA GLY C 40 -44.44 1.02 -32.51
C GLY C 40 -43.83 1.10 -31.13
N VAL C 41 -42.52 0.98 -31.03
CA VAL C 41 -41.87 1.08 -29.72
C VAL C 41 -42.02 2.50 -29.20
N GLU C 42 -42.57 2.62 -27.99
CA GLU C 42 -42.77 3.91 -27.36
C GLU C 42 -41.78 4.11 -26.23
N LEU C 43 -41.52 5.37 -25.89
CA LEU C 43 -40.63 5.69 -24.78
C LEU C 43 -41.40 6.52 -23.76
N ARG C 44 -42.05 5.84 -22.82
CA ARG C 44 -42.85 6.49 -21.78
C ARG C 44 -42.21 6.33 -20.41
N ASP C 45 -42.29 7.39 -19.61
CA ASP C 45 -41.69 7.43 -18.27
C ASP C 45 -40.32 6.76 -18.22
N ASN C 46 -39.45 7.12 -19.17
CA ASN C 46 -38.06 6.66 -19.20
C ASN C 46 -37.90 5.15 -19.40
N GLN C 47 -38.92 4.52 -19.98
CA GLN C 47 -38.90 3.08 -20.22
C GLN C 47 -39.38 2.76 -21.63
N LEU C 48 -38.93 1.63 -22.17
CA LEU C 48 -39.29 1.23 -23.52
C LEU C 48 -40.49 0.28 -23.51
N VAL C 49 -41.52 0.62 -24.28
CA VAL C 49 -42.73 -0.18 -24.31
C VAL C 49 -42.82 -1.03 -25.57
N VAL C 50 -42.71 -2.34 -25.39
CA VAL C 50 -42.84 -3.29 -26.49
C VAL C 50 -44.22 -3.20 -27.15
N PRO C 51 -44.24 -3.04 -28.48
CA PRO C 51 -45.47 -2.83 -29.26
C PRO C 51 -46.10 -4.13 -29.71
N SER C 52 -45.35 -5.23 -29.70
CA SER C 52 -45.86 -6.50 -30.19
C SER C 52 -45.09 -7.71 -29.67
N GLU C 53 -45.76 -8.86 -29.67
CA GLU C 53 -45.14 -10.13 -29.28
C GLU C 53 -44.02 -10.51 -30.26
N GLY C 54 -43.03 -11.23 -29.78
CA GLY C 54 -41.94 -11.69 -30.62
C GLY C 54 -40.61 -11.73 -29.90
N LEU C 55 -39.62 -12.39 -30.50
CA LEU C 55 -38.27 -12.43 -29.94
C LEU C 55 -37.59 -11.08 -30.12
N TYR C 56 -36.91 -10.64 -29.07
CA TYR C 56 -36.25 -9.34 -29.07
C TYR C 56 -34.80 -9.44 -28.61
N LEU C 57 -33.91 -8.72 -29.29
CA LEU C 57 -32.56 -8.51 -28.78
C LEU C 57 -32.59 -7.28 -27.89
N ILE C 58 -32.20 -7.45 -26.63
CA ILE C 58 -32.16 -6.33 -25.71
C ILE C 58 -30.72 -6.08 -25.31
N TYR C 59 -30.33 -4.80 -25.31
CA TYR C 59 -28.96 -4.45 -24.98
C TYR C 59 -28.87 -3.09 -24.31
N SER C 60 -27.74 -2.83 -23.67
CA SER C 60 -27.52 -1.56 -22.99
C SER C 60 -26.09 -1.46 -22.48
N GLN C 61 -25.49 -0.29 -22.67
CA GLN C 61 -24.21 0.01 -22.06
C GLN C 61 -24.29 1.26 -21.19
N VAL C 62 -23.63 1.21 -20.04
CA VAL C 62 -23.41 2.40 -19.23
C VAL C 62 -21.92 2.56 -18.93
N LEU C 63 -21.46 3.81 -18.82
CA LEU C 63 -20.06 4.08 -18.49
C LEU C 63 -19.92 4.94 -17.24
N PHE C 64 -19.41 4.35 -16.18
CA PHE C 64 -19.11 5.09 -14.96
C PHE C 64 -17.68 5.63 -15.00
N SER C 65 -17.46 6.71 -14.26
CA SER C 65 -16.11 7.25 -14.06
C SER C 65 -16.05 8.02 -12.75
N GLY C 66 -14.83 8.17 -12.22
CA GLY C 66 -14.62 8.91 -11.00
C GLY C 66 -13.20 9.43 -10.94
N GLN C 67 -12.96 10.38 -10.04
CA GLN C 67 -11.62 10.94 -9.89
C GLN C 67 -10.83 10.17 -8.84
N GLY C 68 -11.50 9.76 -7.77
CA GLY C 68 -10.83 9.07 -6.68
C GLY C 68 -11.65 7.94 -6.06
N CYS C 69 -11.11 7.37 -4.99
CA CYS C 69 -11.75 6.27 -4.30
C CYS C 69 -12.05 6.61 -2.84
N PRO C 70 -13.32 6.94 -2.56
CA PRO C 70 -13.76 7.31 -1.20
C PRO C 70 -13.70 6.14 -0.23
N SER C 71 -14.85 5.52 0.02
CA SER C 71 -14.92 4.40 0.95
C SER C 71 -14.13 3.20 0.42
N THR C 72 -13.94 2.19 1.27
CA THR C 72 -13.15 1.02 0.91
C THR C 72 -13.88 0.10 -0.07
N HIS C 73 -15.12 0.44 -0.43
CA HIS C 73 -15.90 -0.42 -1.33
C HIS C 73 -17.05 0.29 -2.06
N VAL C 74 -16.73 1.05 -3.10
CA VAL C 74 -17.74 1.63 -3.97
C VAL C 74 -18.23 0.59 -4.97
N LEU C 75 -19.54 0.37 -5.02
CA LEU C 75 -20.09 -0.63 -5.93
C LEU C 75 -21.07 -0.02 -6.92
N LEU C 76 -20.91 -0.37 -8.19
CA LEU C 76 -21.78 0.12 -9.25
C LEU C 76 -22.56 -1.05 -9.86
N THR C 77 -23.85 -0.86 -10.10
CA THR C 77 -24.67 -1.90 -10.70
C THR C 77 -25.36 -1.41 -11.96
N HIS C 78 -25.68 -2.34 -12.85
CA HIS C 78 -26.39 -2.03 -14.09
C HIS C 78 -27.38 -3.14 -14.43
N THR C 79 -28.63 -2.75 -14.67
CA THR C 79 -29.69 -3.73 -14.81
C THR C 79 -30.73 -3.36 -15.87
N ILE C 80 -31.10 -4.35 -16.69
CA ILE C 80 -32.29 -4.22 -17.53
C ILE C 80 -33.34 -5.14 -16.94
N SER C 81 -34.42 -4.56 -16.45
CA SER C 81 -35.50 -5.34 -15.84
C SER C 81 -36.76 -5.29 -16.69
N ARG C 82 -37.54 -6.35 -16.64
CA ARG C 82 -38.78 -6.46 -17.39
C ARG C 82 -39.98 -6.36 -16.44
N ILE C 83 -40.97 -5.54 -16.82
CA ILE C 83 -42.28 -5.57 -16.17
C ILE C 83 -43.27 -6.15 -17.17
N ALA C 84 -43.54 -7.44 -17.07
CA ALA C 84 -44.38 -8.13 -18.04
C ALA C 84 -45.85 -8.03 -17.70
N VAL C 85 -46.68 -7.70 -18.68
CA VAL C 85 -48.12 -7.74 -18.49
C VAL C 85 -48.50 -9.06 -17.86
N SER C 86 -47.78 -10.11 -18.24
CA SER C 86 -48.03 -11.47 -17.78
C SER C 86 -47.39 -11.75 -16.42
N TYR C 87 -46.80 -10.73 -15.82
CA TYR C 87 -46.14 -10.87 -14.52
C TYR C 87 -45.69 -9.49 -14.04
N GLN C 88 -46.59 -8.77 -13.38
CA GLN C 88 -46.40 -7.35 -13.13
C GLN C 88 -45.52 -6.96 -11.93
N THR C 89 -44.24 -7.31 -12.02
CA THR C 89 -43.18 -6.74 -11.17
C THR C 89 -41.89 -6.74 -11.95
N PRO C 90 -41.00 -5.78 -11.66
CA PRO C 90 -39.67 -5.79 -12.27
C PRO C 90 -38.97 -7.13 -12.08
N VAL C 91 -38.62 -7.78 -13.18
CA VAL C 91 -37.85 -9.01 -13.13
C VAL C 91 -36.53 -8.79 -13.87
N ASN C 92 -35.42 -9.13 -13.23
CA ASN C 92 -34.10 -8.89 -13.81
C ASN C 92 -33.80 -9.81 -15.00
N LEU C 93 -33.67 -9.21 -16.18
CA LEU C 93 -33.29 -9.97 -17.36
C LEU C 93 -31.78 -10.06 -17.46
N LEU C 94 -31.11 -8.91 -17.27
CA LEU C 94 -29.67 -8.81 -17.38
C LEU C 94 -29.16 -7.94 -16.25
N SER C 95 -28.03 -8.30 -15.66
CA SER C 95 -27.53 -7.61 -14.48
C SER C 95 -26.03 -7.80 -14.26
N ALA C 96 -25.33 -6.70 -14.05
CA ALA C 96 -23.91 -6.78 -13.71
C ALA C 96 -23.55 -5.78 -12.63
N ILE C 97 -22.54 -6.14 -11.84
CA ILE C 97 -22.00 -5.25 -10.82
C ILE C 97 -20.52 -5.07 -11.07
N ARG C 98 -19.95 -3.99 -10.56
CA ARG C 98 -18.55 -3.67 -10.80
C ARG C 98 -17.98 -2.85 -9.65
N SER C 99 -16.71 -3.10 -9.33
CA SER C 99 -16.07 -2.46 -8.18
C SER C 99 -14.76 -1.77 -8.55
N PRO C 100 -14.81 -0.43 -8.73
CA PRO C 100 -13.65 0.38 -9.15
C PRO C 100 -12.62 0.55 -8.04
N CYS C 101 -13.05 0.42 -6.79
CA CYS C 101 -12.23 0.81 -5.65
C CYS C 101 -12.13 -0.23 -4.56
N GLN C 102 -10.92 -0.42 -4.04
CA GLN C 102 -10.68 -1.35 -2.94
C GLN C 102 -9.70 -0.78 -1.93
N ALA C 111 -5.05 10.61 -6.52
CA ALA C 111 -6.43 10.70 -7.00
C ALA C 111 -6.53 10.38 -8.50
N ASN C 112 -6.05 9.20 -8.87
CA ASN C 112 -6.10 8.78 -10.27
C ASN C 112 -7.52 8.46 -10.72
N PRO C 113 -7.87 8.91 -11.94
CA PRO C 113 -9.19 8.67 -12.54
C PRO C 113 -9.42 7.19 -12.80
N TRP C 114 -10.68 6.76 -12.72
CA TRP C 114 -11.04 5.40 -13.06
C TRP C 114 -12.26 5.37 -13.99
N TYR C 115 -12.29 4.40 -14.89
CA TYR C 115 -13.41 4.24 -15.81
C TYR C 115 -13.96 2.82 -15.76
N GLU C 116 -15.29 2.69 -15.76
CA GLU C 116 -15.92 1.39 -15.69
C GLU C 116 -17.14 1.28 -16.61
N PRO C 117 -17.00 0.53 -17.71
CA PRO C 117 -18.10 0.25 -18.63
C PRO C 117 -18.80 -1.06 -18.29
N ILE C 118 -20.12 -1.12 -18.41
CA ILE C 118 -20.83 -2.39 -18.28
C ILE C 118 -21.71 -2.66 -19.50
N TYR C 119 -21.65 -3.88 -20.02
CA TYR C 119 -22.46 -4.25 -21.17
C TYR C 119 -23.45 -5.37 -20.88
N LEU C 120 -24.70 -5.16 -21.30
CA LEU C 120 -25.76 -6.14 -21.11
C LEU C 120 -26.49 -6.37 -22.43
N GLY C 121 -26.70 -7.63 -22.78
CA GLY C 121 -27.37 -7.96 -24.02
C GLY C 121 -27.80 -9.40 -24.11
N GLY C 122 -29.02 -9.63 -24.59
CA GLY C 122 -29.55 -10.98 -24.73
C GLY C 122 -30.89 -11.02 -25.43
N VAL C 123 -31.37 -12.22 -25.73
CA VAL C 123 -32.62 -12.39 -26.48
C VAL C 123 -33.76 -12.88 -25.59
N PHE C 124 -34.89 -12.21 -25.66
CA PHE C 124 -36.01 -12.47 -24.77
C PHE C 124 -37.34 -12.42 -25.50
N GLN C 125 -38.30 -13.24 -25.07
CA GLN C 125 -39.65 -13.14 -25.64
C GLN C 125 -40.43 -12.08 -24.89
N LEU C 126 -41.15 -11.24 -25.63
CA LEU C 126 -41.87 -10.12 -25.04
C LEU C 126 -43.30 -10.03 -25.56
N GLU C 127 -44.20 -9.50 -24.74
CA GLU C 127 -45.60 -9.38 -25.12
C GLU C 127 -46.01 -7.92 -25.23
N PRO C 128 -47.04 -7.63 -26.06
CA PRO C 128 -47.51 -6.26 -26.29
C PRO C 128 -47.88 -5.57 -24.98
N GLY C 129 -47.12 -4.55 -24.61
CA GLY C 129 -47.39 -3.83 -23.37
C GLY C 129 -46.31 -4.01 -22.32
N ASP C 130 -45.44 -4.99 -22.53
CA ASP C 130 -44.30 -5.21 -21.63
C ASP C 130 -43.53 -3.90 -21.49
N ARG C 131 -42.92 -3.69 -20.34
CA ARG C 131 -42.13 -2.49 -20.11
C ARG C 131 -40.68 -2.84 -19.80
N LEU C 132 -39.76 -2.12 -20.41
CA LEU C 132 -38.35 -2.35 -20.14
C LEU C 132 -37.67 -1.12 -19.56
N SER C 133 -36.88 -1.32 -18.52
CA SER C 133 -36.12 -0.23 -17.91
C SER C 133 -34.66 -0.61 -17.73
N ALA C 134 -33.78 0.36 -17.97
CA ALA C 134 -32.35 0.17 -17.80
C ALA C 134 -31.86 1.17 -16.77
N GLU C 135 -31.59 0.68 -15.55
CA GLU C 135 -31.33 1.57 -14.42
C GLU C 135 -30.01 1.27 -13.71
N ILE C 136 -29.48 2.28 -13.03
CA ILE C 136 -28.23 2.14 -12.31
C ILE C 136 -28.38 2.57 -10.86
N ASN C 137 -27.45 2.15 -10.01
CA ASN C 137 -27.51 2.49 -8.59
C ASN C 137 -26.85 3.83 -8.27
N ARG C 138 -25.97 4.30 -9.15
CA ARG C 138 -25.20 5.51 -8.90
C ARG C 138 -25.14 6.44 -10.11
N PRO C 139 -26.25 7.13 -10.41
CA PRO C 139 -26.25 8.00 -11.59
C PRO C 139 -25.18 9.07 -11.47
N ASP C 140 -24.78 9.37 -10.25
CA ASP C 140 -23.80 10.42 -10.01
C ASP C 140 -22.42 10.05 -10.54
N TYR C 141 -22.24 8.79 -10.94
CA TYR C 141 -21.00 8.34 -11.55
C TYR C 141 -21.17 8.11 -13.05
N LEU C 142 -22.29 8.55 -13.62
CA LEU C 142 -22.52 8.39 -15.04
C LEU C 142 -21.63 9.32 -15.82
N ASP C 143 -21.10 8.83 -16.93
CA ASP C 143 -20.22 9.62 -17.78
C ASP C 143 -20.85 9.85 -19.14
N PHE C 144 -21.16 11.11 -19.45
CA PHE C 144 -21.73 11.49 -20.72
C PHE C 144 -20.77 12.35 -21.54
N ALA C 145 -19.50 12.32 -21.18
CA ALA C 145 -18.52 13.17 -21.84
C ALA C 145 -18.62 13.08 -23.36
N GLU C 146 -18.61 11.85 -23.89
CA GLU C 146 -18.74 11.63 -25.32
C GLU C 146 -19.97 10.80 -25.66
N SER C 147 -20.38 10.84 -26.93
CA SER C 147 -21.53 10.06 -27.38
C SER C 147 -21.17 8.58 -27.50
N GLY C 148 -22.19 7.73 -27.64
CA GLY C 148 -21.99 6.31 -27.80
C GLY C 148 -21.51 5.59 -26.55
N GLN C 149 -21.46 6.32 -25.42
CA GLN C 149 -20.97 5.75 -24.18
C GLN C 149 -22.07 5.15 -23.31
N VAL C 150 -23.26 5.74 -23.37
CA VAL C 150 -24.40 5.23 -22.61
C VAL C 150 -25.62 5.09 -23.50
N TYR C 151 -26.14 3.87 -23.59
CA TYR C 151 -27.26 3.61 -24.49
C TYR C 151 -28.12 2.41 -24.06
N PHE C 152 -29.31 2.33 -24.67
CA PHE C 152 -30.30 1.33 -24.35
C PHE C 152 -31.02 0.99 -25.64
N GLY C 153 -31.08 -0.28 -25.99
CA GLY C 153 -31.66 -0.67 -27.27
C GLY C 153 -32.41 -1.99 -27.31
N ILE C 154 -33.46 -2.03 -28.12
CA ILE C 154 -34.20 -3.27 -28.37
C ILE C 154 -34.55 -3.35 -29.84
N ILE C 155 -34.44 -4.54 -30.42
CA ILE C 155 -34.88 -4.76 -31.80
C ILE C 155 -35.63 -6.08 -31.99
N ALA C 156 -36.72 -6.02 -32.75
CA ALA C 156 -37.58 -7.17 -32.98
C ALA C 156 -37.00 -8.11 -34.04
N LEU C 157 -36.54 -9.28 -33.60
CA LEU C 157 -35.93 -10.24 -34.50
C LEU C 157 -36.99 -11.11 -35.18
N SER D 9 26.89 11.44 47.55
CA SER D 9 28.09 12.22 47.28
C SER D 9 27.79 13.72 47.40
N ASP D 10 28.85 14.52 47.50
CA ASP D 10 28.71 15.97 47.61
C ASP D 10 28.64 16.65 46.23
N MET D 11 28.55 15.83 45.18
CA MET D 11 28.49 16.34 43.81
C MET D 11 27.07 16.68 43.39
N PRO D 12 26.90 17.78 42.64
CA PRO D 12 25.60 18.20 42.13
C PRO D 12 25.00 17.13 41.22
N VAL D 13 23.70 16.87 41.37
CA VAL D 13 23.06 15.83 40.58
C VAL D 13 21.57 16.09 40.47
N ALA D 14 20.96 15.51 39.44
CA ALA D 14 19.53 15.61 39.25
C ALA D 14 19.08 14.55 38.28
N HIS D 15 17.93 13.94 38.58
CA HIS D 15 17.27 13.06 37.65
C HIS D 15 15.78 13.36 37.80
N VAL D 16 15.29 14.32 37.03
CA VAL D 16 13.88 14.66 37.08
C VAL D 16 13.09 13.81 36.09
N VAL D 17 11.83 13.53 36.43
CA VAL D 17 10.99 12.66 35.64
C VAL D 17 9.73 13.39 35.21
N ALA D 18 9.04 12.85 34.21
CA ALA D 18 7.84 13.50 33.69
C ALA D 18 6.61 13.16 34.54
N ASN D 19 5.87 14.21 34.90
CA ASN D 19 4.59 14.07 35.60
C ASN D 19 3.59 13.27 34.79
N PRO D 20 3.28 12.05 35.24
CA PRO D 20 2.38 11.13 34.53
C PRO D 20 0.92 11.58 34.56
N GLN D 21 0.65 12.75 35.14
CA GLN D 21 -0.73 13.21 35.29
C GLN D 21 -0.99 14.49 34.49
N ALA D 22 0.07 15.19 34.13
CA ALA D 22 -0.07 16.41 33.35
C ALA D 22 -0.06 16.08 31.87
N GLU D 23 -1.25 15.83 31.31
CA GLU D 23 -1.33 15.45 29.91
C GLU D 23 -1.28 16.66 28.98
N GLY D 24 -0.68 16.46 27.80
CA GLY D 24 -0.60 17.51 26.81
C GLY D 24 0.63 18.40 26.97
N GLN D 25 1.44 18.11 27.99
CA GLN D 25 2.64 18.89 28.22
C GLN D 25 3.69 18.12 29.03
N LEU D 26 4.90 18.67 29.05
CA LEU D 26 6.02 18.05 29.75
C LEU D 26 6.37 18.84 31.02
N GLN D 27 6.08 18.26 32.17
CA GLN D 27 6.39 18.90 33.44
C GLN D 27 7.38 18.07 34.24
N TRP D 28 8.54 18.65 34.53
CA TRP D 28 9.62 17.96 35.25
C TRP D 28 9.41 17.95 36.78
N LEU D 29 9.51 16.76 37.39
CA LEU D 29 9.26 16.58 38.82
C LEU D 29 10.43 15.89 39.52
N ASN D 30 10.65 16.22 40.79
CA ASN D 30 11.79 15.67 41.50
C ASN D 30 11.45 14.93 42.81
N ARG D 31 10.27 15.22 43.35
CA ARG D 31 9.85 14.60 44.62
C ARG D 31 9.28 13.20 44.41
N ARG D 32 10.05 12.32 43.78
CA ARG D 32 9.65 10.94 43.57
C ARG D 32 10.79 9.97 43.89
N ALA D 33 10.44 8.70 44.09
CA ALA D 33 11.42 7.67 44.34
C ALA D 33 12.21 7.39 43.06
N ASN D 34 13.53 7.35 43.19
CA ASN D 34 14.42 7.14 42.05
C ASN D 34 14.52 8.38 41.17
N ALA D 35 14.09 9.52 41.74
CA ALA D 35 14.34 10.83 41.15
C ALA D 35 15.37 11.58 42.01
N LEU D 36 16.02 12.60 41.44
CA LEU D 36 17.10 13.27 42.13
C LEU D 36 17.18 14.77 41.85
N LEU D 37 17.60 15.53 42.87
CA LEU D 37 17.78 16.97 42.75
C LEU D 37 18.48 17.42 44.03
N ALA D 38 19.80 17.39 44.02
CA ALA D 38 20.58 17.60 45.23
C ALA D 38 21.78 18.50 45.00
N ASN D 39 22.43 18.85 46.11
CA ASN D 39 23.71 19.56 46.10
C ASN D 39 23.76 20.82 45.24
N GLY D 40 22.65 21.56 45.21
CA GLY D 40 22.63 22.87 44.58
C GLY D 40 21.82 22.97 43.30
N VAL D 41 21.59 21.82 42.66
CA VAL D 41 20.84 21.79 41.41
C VAL D 41 19.37 22.11 41.68
N GLU D 42 18.83 23.07 40.93
CA GLU D 42 17.47 23.54 41.19
C GLU D 42 16.53 23.32 40.01
N LEU D 43 15.24 23.29 40.29
CA LEU D 43 14.22 23.11 39.27
C LEU D 43 13.33 24.35 39.17
N ARG D 44 13.75 25.33 38.38
CA ARG D 44 13.03 26.59 38.21
C ARG D 44 12.39 26.68 36.84
N ASP D 45 11.15 27.14 36.78
CA ASP D 45 10.42 27.33 35.53
C ASP D 45 10.65 26.17 34.55
N ASN D 46 10.64 24.95 35.07
CA ASN D 46 10.77 23.73 34.26
C ASN D 46 12.18 23.47 33.70
N GLN D 47 13.15 24.28 34.13
CA GLN D 47 14.52 24.13 33.67
C GLN D 47 15.45 23.78 34.84
N LEU D 48 16.57 23.14 34.55
CA LEU D 48 17.57 22.82 35.58
C LEU D 48 18.60 23.94 35.71
N VAL D 49 18.83 24.38 36.94
CA VAL D 49 19.79 25.46 37.18
C VAL D 49 21.07 24.94 37.82
N VAL D 50 22.20 25.38 37.29
CA VAL D 50 23.51 24.85 37.68
C VAL D 50 24.13 25.60 38.85
N PRO D 51 24.49 24.86 39.91
CA PRO D 51 25.08 25.40 41.14
C PRO D 51 26.50 25.87 40.92
N SER D 52 27.40 24.92 40.71
CA SER D 52 28.81 25.23 40.55
C SER D 52 29.30 25.05 39.11
N GLU D 53 30.53 25.49 38.89
CA GLU D 53 31.21 25.31 37.61
C GLU D 53 31.77 23.89 37.51
N GLY D 54 31.90 23.37 36.30
CA GLY D 54 32.49 22.05 36.11
C GLY D 54 32.05 21.33 34.86
N LEU D 55 32.51 20.10 34.70
CA LEU D 55 32.11 19.27 33.57
C LEU D 55 30.91 18.41 33.94
N TYR D 56 29.77 18.71 33.35
CA TYR D 56 28.54 18.00 33.67
C TYR D 56 28.19 16.96 32.61
N LEU D 57 27.77 15.79 33.07
CA LEU D 57 27.15 14.82 32.17
C LEU D 57 25.67 15.14 32.07
N ILE D 58 25.21 15.41 30.85
CA ILE D 58 23.82 15.78 30.63
C ILE D 58 23.16 14.76 29.72
N TYR D 59 22.00 14.27 30.14
CA TYR D 59 21.28 13.26 29.37
C TYR D 59 19.78 13.45 29.52
N SER D 60 19.04 12.99 28.51
CA SER D 60 17.59 13.05 28.54
C SER D 60 17.03 11.98 27.64
N GLN D 61 15.86 11.47 27.99
CA GLN D 61 15.12 10.57 27.12
C GLN D 61 13.67 10.99 27.06
N VAL D 62 13.06 10.86 25.89
CA VAL D 62 11.61 11.00 25.77
C VAL D 62 11.08 9.83 24.98
N LEU D 63 9.77 9.61 25.06
CA LEU D 63 9.15 8.52 24.33
C LEU D 63 7.78 8.94 23.81
N PHE D 64 7.65 8.96 22.50
CA PHE D 64 6.37 9.30 21.87
C PHE D 64 5.63 8.01 21.52
N SER D 65 4.32 8.13 21.39
CA SER D 65 3.51 7.03 20.89
C SER D 65 2.24 7.57 20.26
N GLY D 66 1.77 6.91 19.20
CA GLY D 66 0.55 7.30 18.53
C GLY D 66 -0.26 6.08 18.13
N GLN D 67 -1.57 6.27 17.95
CA GLN D 67 -2.43 5.17 17.59
C GLN D 67 -2.39 4.89 16.09
N GLY D 68 -2.36 5.95 15.29
CA GLY D 68 -2.29 5.80 13.85
C GLY D 68 -1.39 6.86 13.22
N CYS D 69 -1.45 6.97 11.90
CA CYS D 69 -0.59 7.90 11.19
C CYS D 69 -1.37 8.95 10.41
N PRO D 70 -1.55 10.13 11.02
CA PRO D 70 -2.33 11.26 10.50
C PRO D 70 -2.07 11.59 9.04
N SER D 71 -2.92 12.45 8.49
CA SER D 71 -2.86 12.82 7.08
C SER D 71 -1.51 13.43 6.69
N THR D 72 -0.66 13.66 7.68
CA THR D 72 0.61 14.33 7.44
C THR D 72 1.82 13.50 7.89
N HIS D 73 3.00 13.97 7.50
CA HIS D 73 4.26 13.42 7.97
C HIS D 73 4.55 13.96 9.37
N VAL D 74 4.46 13.08 10.36
CA VAL D 74 4.64 13.48 11.76
C VAL D 74 6.11 13.48 12.15
N LEU D 75 6.67 14.67 12.38
CA LEU D 75 8.05 14.77 12.81
C LEU D 75 8.14 15.04 14.31
N LEU D 76 9.12 14.43 14.96
CA LEU D 76 9.23 14.47 16.41
C LEU D 76 10.63 14.92 16.82
N THR D 77 10.71 16.05 17.51
CA THR D 77 12.01 16.58 17.93
C THR D 77 12.17 16.61 19.45
N HIS D 78 13.37 16.26 19.89
CA HIS D 78 13.74 16.33 21.30
C HIS D 78 15.06 17.07 21.41
N THR D 79 15.12 18.08 22.27
CA THR D 79 16.29 18.94 22.33
C THR D 79 16.65 19.43 23.72
N ILE D 80 17.85 19.09 24.18
CA ILE D 80 18.39 19.70 25.39
C ILE D 80 19.17 20.96 25.01
N SER D 81 18.68 22.12 25.42
CA SER D 81 19.38 23.37 25.13
C SER D 81 19.97 24.05 26.37
N ARG D 82 20.85 25.01 26.14
CA ARG D 82 21.54 25.69 27.22
C ARG D 82 21.37 27.20 27.08
N ILE D 83 21.08 27.87 28.19
CA ILE D 83 21.10 29.33 28.24
C ILE D 83 22.20 29.77 29.18
N ALA D 84 23.43 29.81 28.68
CA ALA D 84 24.57 30.18 29.50
C ALA D 84 24.44 31.61 30.05
N VAL D 85 25.13 31.87 31.16
CA VAL D 85 25.20 33.21 31.70
C VAL D 85 26.15 34.05 30.84
N SER D 86 27.11 33.37 30.22
CA SER D 86 28.06 34.04 29.33
C SER D 86 27.51 34.21 27.92
N TYR D 87 26.41 33.53 27.62
CA TYR D 87 25.73 33.64 26.33
C TYR D 87 24.25 33.45 26.56
N GLN D 88 23.52 34.54 26.70
CA GLN D 88 22.14 34.49 27.17
C GLN D 88 21.10 34.32 26.06
N THR D 89 21.08 33.11 25.49
CA THR D 89 19.99 32.64 24.63
C THR D 89 20.09 31.12 24.59
N PRO D 90 18.98 30.45 24.30
CA PRO D 90 18.97 28.98 24.18
C PRO D 90 19.95 28.51 23.10
N VAL D 91 20.67 27.44 23.38
CA VAL D 91 21.63 26.89 22.43
C VAL D 91 21.62 25.37 22.50
N ASN D 92 21.39 24.74 21.35
CA ASN D 92 21.28 23.28 21.30
C ASN D 92 22.56 22.54 21.63
N LEU D 93 22.57 21.85 22.77
CA LEU D 93 23.70 21.03 23.17
C LEU D 93 23.50 19.61 22.68
N LEU D 94 22.28 19.11 22.84
CA LEU D 94 21.91 17.79 22.36
C LEU D 94 20.60 17.91 21.61
N SER D 95 20.51 17.28 20.45
CA SER D 95 19.33 17.41 19.60
C SER D 95 19.10 16.18 18.74
N ALA D 96 17.84 15.87 18.47
CA ALA D 96 17.49 14.75 17.60
C ALA D 96 16.05 14.82 17.11
N ILE D 97 15.83 14.30 15.92
CA ILE D 97 14.51 14.21 15.31
C ILE D 97 14.21 12.77 14.97
N ARG D 98 12.93 12.44 14.84
CA ARG D 98 12.49 11.08 14.56
C ARG D 98 11.14 11.17 13.84
N SER D 99 10.84 10.20 12.99
CA SER D 99 9.64 10.28 12.15
C SER D 99 8.93 8.95 11.94
N PRO D 100 7.76 8.78 12.57
CA PRO D 100 7.03 7.51 12.58
C PRO D 100 6.18 7.28 11.34
N CYS D 101 5.70 8.36 10.73
CA CYS D 101 4.68 8.27 9.71
C CYS D 101 5.14 8.71 8.33
N GLN D 102 5.33 7.73 7.45
CA GLN D 102 5.82 8.00 6.11
C GLN D 102 4.78 7.65 5.06
N ALA D 111 -5.33 0.70 12.18
CA ALA D 111 -4.76 1.78 12.98
C ALA D 111 -3.80 1.24 14.03
N ASN D 112 -2.60 0.85 13.59
CA ASN D 112 -1.61 0.22 14.46
C ASN D 112 -0.76 1.22 15.24
N PRO D 113 -0.42 0.88 16.50
CA PRO D 113 0.33 1.73 17.43
C PRO D 113 1.81 1.81 17.09
N TRP D 114 2.34 3.03 17.11
CA TRP D 114 3.77 3.24 16.96
C TRP D 114 4.38 3.82 18.23
N TYR D 115 5.65 3.51 18.47
CA TYR D 115 6.37 3.99 19.65
C TYR D 115 7.73 4.55 19.27
N GLU D 116 8.04 5.75 19.76
CA GLU D 116 9.30 6.41 19.37
C GLU D 116 10.10 6.97 20.54
N PRO D 117 11.23 6.32 20.86
CA PRO D 117 12.16 6.81 21.87
C PRO D 117 13.20 7.74 21.26
N ILE D 118 13.75 8.64 22.07
CA ILE D 118 14.88 9.47 21.66
C ILE D 118 15.75 9.76 22.87
N TYR D 119 17.04 9.43 22.77
CA TYR D 119 17.98 9.64 23.86
C TYR D 119 19.08 10.65 23.53
N LEU D 120 19.33 11.58 24.44
CA LEU D 120 20.40 12.55 24.28
C LEU D 120 21.32 12.53 25.49
N GLY D 121 22.61 12.72 25.29
CA GLY D 121 23.54 12.72 26.41
C GLY D 121 25.00 12.95 26.06
N GLY D 122 25.63 13.87 26.78
CA GLY D 122 27.05 14.15 26.60
C GLY D 122 27.62 15.03 27.70
N VAL D 123 28.95 15.19 27.71
CA VAL D 123 29.65 15.97 28.73
C VAL D 123 29.83 17.43 28.32
N PHE D 124 29.44 18.34 29.21
CA PHE D 124 29.49 19.76 28.90
C PHE D 124 30.08 20.57 30.05
N GLN D 125 31.02 21.46 29.73
CA GLN D 125 31.57 22.39 30.73
C GLN D 125 30.56 23.49 30.99
N LEU D 126 30.11 23.60 32.25
CA LEU D 126 29.07 24.56 32.61
C LEU D 126 29.52 25.53 33.71
N GLU D 127 28.81 26.64 33.80
CA GLU D 127 29.09 27.67 34.80
C GLU D 127 27.87 27.87 35.70
N PRO D 128 28.10 28.40 36.92
CA PRO D 128 27.01 28.71 37.86
C PRO D 128 26.03 29.74 37.29
N GLY D 129 24.75 29.38 37.24
CA GLY D 129 23.72 30.25 36.73
C GLY D 129 23.16 29.78 35.41
N ASP D 130 23.83 28.80 34.81
CA ASP D 130 23.42 28.27 33.52
C ASP D 130 22.12 27.48 33.62
N ARG D 131 21.20 27.73 32.70
CA ARG D 131 19.92 27.04 32.69
C ARG D 131 19.84 26.02 31.55
N LEU D 132 19.50 24.78 31.90
CA LEU D 132 19.34 23.71 30.94
C LEU D 132 17.86 23.36 30.79
N SER D 133 17.36 23.35 29.55
CA SER D 133 15.98 22.97 29.31
C SER D 133 15.89 21.81 28.31
N ALA D 134 15.12 20.79 28.66
CA ALA D 134 14.90 19.64 27.78
C ALA D 134 13.50 19.68 27.19
N GLU D 135 13.40 20.03 25.91
CA GLU D 135 12.11 20.28 25.28
C GLU D 135 11.77 19.37 24.09
N ILE D 136 10.50 19.35 23.73
CA ILE D 136 10.01 18.61 22.58
C ILE D 136 9.01 19.45 21.78
N ASN D 137 8.87 19.17 20.49
CA ASN D 137 7.93 19.91 19.66
C ASN D 137 6.49 19.46 19.86
N ARG D 138 6.29 18.16 20.07
CA ARG D 138 4.96 17.59 20.16
C ARG D 138 4.66 16.98 21.53
N PRO D 139 4.21 17.81 22.47
CA PRO D 139 3.87 17.35 23.82
C PRO D 139 2.73 16.35 23.79
N ASP D 140 1.82 16.51 22.84
CA ASP D 140 0.64 15.66 22.76
C ASP D 140 0.93 14.20 22.39
N TYR D 141 2.15 13.94 21.93
CA TYR D 141 2.54 12.58 21.56
C TYR D 141 3.43 11.90 22.62
N LEU D 142 3.72 12.59 23.71
CA LEU D 142 4.46 11.99 24.83
C LEU D 142 3.74 10.74 25.33
N ASP D 143 4.42 9.97 26.17
CA ASP D 143 3.84 8.73 26.68
C ASP D 143 4.34 8.45 28.10
N PHE D 144 3.43 8.55 29.07
CA PHE D 144 3.80 8.38 30.47
C PHE D 144 3.32 7.06 31.07
N ALA D 145 2.83 6.16 30.22
CA ALA D 145 2.36 4.86 30.68
C ALA D 145 3.20 4.32 31.85
N GLU D 146 4.41 3.89 31.55
CA GLU D 146 5.31 3.35 32.57
C GLU D 146 6.28 4.40 33.06
N SER D 147 6.91 4.11 34.19
CA SER D 147 7.99 4.95 34.68
C SER D 147 9.28 4.59 33.94
N GLY D 148 10.22 5.52 33.91
CA GLY D 148 11.50 5.29 33.25
C GLY D 148 11.47 5.59 31.77
N GLN D 149 10.38 6.19 31.31
CA GLN D 149 10.23 6.48 29.88
C GLN D 149 10.58 7.93 29.56
N VAL D 150 10.39 8.82 30.52
CA VAL D 150 10.70 10.23 30.31
C VAL D 150 11.48 10.79 31.48
N TYR D 151 12.74 11.16 31.22
CA TYR D 151 13.60 11.73 32.25
C TYR D 151 14.59 12.75 31.70
N PHE D 152 15.29 13.40 32.62
CA PHE D 152 16.20 14.49 32.31
C PHE D 152 17.16 14.59 33.50
N GLY D 153 18.46 14.59 33.22
CA GLY D 153 19.42 14.55 34.30
C GLY D 153 20.78 15.16 34.05
N ILE D 154 21.38 15.70 35.10
CA ILE D 154 22.77 16.16 35.04
C ILE D 154 23.50 15.67 36.27
N ILE D 155 24.79 15.42 36.11
CA ILE D 155 25.65 15.12 37.24
C ILE D 155 27.03 15.72 36.98
N ALA D 156 27.62 16.34 37.99
CA ALA D 156 28.95 16.92 37.85
C ALA D 156 30.00 15.87 38.12
N LEU D 157 30.92 15.71 37.19
CA LEU D 157 31.94 14.68 37.29
C LEU D 157 33.28 15.24 37.80
N SER E 9 40.33 1.46 38.01
CA SER E 9 40.19 2.28 39.22
C SER E 9 39.73 1.44 40.42
N ASP E 10 38.99 2.06 41.33
CA ASP E 10 38.58 1.40 42.58
C ASP E 10 37.06 1.42 42.78
N MET E 11 36.37 2.26 42.02
CA MET E 11 34.93 2.37 42.13
C MET E 11 34.22 1.14 41.61
N PRO E 12 33.08 0.78 42.20
CA PRO E 12 32.27 -0.35 41.73
C PRO E 12 31.81 -0.10 40.30
N VAL E 13 32.12 -1.04 39.40
CA VAL E 13 31.78 -0.86 38.00
C VAL E 13 31.45 -2.20 37.33
N ALA E 14 30.70 -2.13 36.26
CA ALA E 14 30.36 -3.32 35.50
C ALA E 14 29.93 -2.93 34.11
N HIS E 15 30.39 -3.67 33.11
CA HIS E 15 29.91 -3.54 31.75
C HIS E 15 29.81 -4.91 31.11
N VAL E 16 28.69 -5.58 31.36
CA VAL E 16 28.49 -6.93 30.86
C VAL E 16 27.99 -6.90 29.41
N VAL E 17 28.29 -7.96 28.67
CA VAL E 17 27.89 -8.06 27.28
C VAL E 17 27.00 -9.28 27.05
N ALA E 18 26.24 -9.25 25.96
CA ALA E 18 25.35 -10.35 25.64
C ALA E 18 26.14 -11.54 25.11
N ASN E 19 25.84 -12.71 25.66
CA ASN E 19 26.43 -13.95 25.19
C ASN E 19 25.96 -14.25 23.77
N PRO E 20 26.84 -14.02 22.78
CA PRO E 20 26.48 -14.19 21.36
C PRO E 20 26.02 -15.61 21.04
N GLN E 21 26.59 -16.60 21.71
CA GLN E 21 26.30 -17.99 21.42
C GLN E 21 25.08 -18.50 22.20
N ALA E 22 24.55 -17.64 23.06
CA ALA E 22 23.34 -17.96 23.81
C ALA E 22 22.15 -17.31 23.13
N GLU E 23 21.67 -17.94 22.05
CA GLU E 23 20.57 -17.38 21.28
C GLU E 23 19.21 -17.72 21.89
N GLY E 24 18.19 -16.98 21.46
CA GLY E 24 16.84 -17.14 21.99
C GLY E 24 16.66 -16.47 23.33
N GLN E 25 17.77 -16.08 23.96
CA GLN E 25 17.74 -15.52 25.29
C GLN E 25 18.83 -14.47 25.54
N LEU E 26 18.72 -13.76 26.64
CA LEU E 26 19.68 -12.71 26.98
C LEU E 26 20.48 -13.07 28.23
N GLN E 27 21.74 -13.43 28.04
CA GLN E 27 22.61 -13.85 29.14
C GLN E 27 23.85 -12.96 29.24
N TRP E 28 23.91 -12.14 30.31
CA TRP E 28 25.02 -11.22 30.49
C TRP E 28 26.32 -11.91 30.90
N LEU E 29 27.43 -11.52 30.28
CA LEU E 29 28.73 -12.09 30.58
C LEU E 29 29.72 -10.98 30.90
N ASN E 30 30.73 -11.30 31.69
CA ASN E 30 31.73 -10.30 32.07
C ASN E 30 33.13 -10.67 31.60
N ARG E 31 33.35 -11.96 31.40
CA ARG E 31 34.66 -12.45 31.00
C ARG E 31 34.87 -12.39 29.48
N ARG E 32 35.04 -11.17 28.99
CA ARG E 32 35.36 -10.91 27.59
C ARG E 32 36.11 -9.59 27.54
N ALA E 33 36.96 -9.40 26.53
CA ALA E 33 37.68 -8.15 26.38
C ALA E 33 36.69 -6.97 26.32
N ASN E 34 37.08 -5.85 26.91
CA ASN E 34 36.24 -4.65 26.92
C ASN E 34 34.99 -4.77 27.78
N ALA E 35 34.84 -5.91 28.46
CA ALA E 35 33.78 -6.08 29.46
C ALA E 35 34.35 -5.86 30.86
N LEU E 36 33.48 -5.58 31.82
CA LEU E 36 33.93 -5.25 33.17
C LEU E 36 33.05 -5.83 34.27
N LEU E 37 33.68 -6.12 35.41
CA LEU E 37 32.99 -6.54 36.62
C LEU E 37 34.00 -6.59 37.75
N ALA E 38 34.03 -5.55 38.57
CA ALA E 38 35.02 -5.46 39.63
C ALA E 38 34.66 -4.45 40.70
N ASN E 39 35.46 -4.45 41.77
CA ASN E 39 35.29 -3.50 42.86
C ASN E 39 33.96 -3.66 43.60
N GLY E 40 33.50 -4.90 43.74
CA GLY E 40 32.35 -5.20 44.55
C GLY E 40 31.14 -5.69 43.78
N VAL E 41 30.94 -5.15 42.57
CA VAL E 41 29.77 -5.49 41.78
C VAL E 41 29.82 -6.97 41.42
N GLU E 42 28.72 -7.67 41.68
CA GLU E 42 28.65 -9.10 41.38
C GLU E 42 27.64 -9.34 40.26
N LEU E 43 27.73 -10.50 39.62
CA LEU E 43 26.79 -10.88 38.58
C LEU E 43 26.12 -12.20 38.94
N ARG E 44 24.94 -12.12 39.54
CA ARG E 44 24.23 -13.31 39.99
C ARG E 44 22.80 -13.32 39.48
N ASP E 45 22.34 -14.50 39.04
CA ASP E 45 21.01 -14.64 38.47
C ASP E 45 20.82 -13.62 37.36
N ASN E 46 21.83 -13.49 36.49
CA ASN E 46 21.78 -12.58 35.36
C ASN E 46 21.43 -11.15 35.79
N GLN E 47 21.71 -10.83 37.05
CA GLN E 47 21.46 -9.50 37.59
C GLN E 47 22.73 -8.92 38.20
N LEU E 48 22.82 -7.60 38.20
CA LEU E 48 23.93 -6.91 38.86
C LEU E 48 23.55 -6.57 40.29
N VAL E 49 24.45 -6.84 41.23
CA VAL E 49 24.18 -6.54 42.63
C VAL E 49 25.12 -5.47 43.18
N VAL E 50 24.55 -4.31 43.48
CA VAL E 50 25.29 -3.17 44.01
C VAL E 50 26.00 -3.53 45.31
N PRO E 51 27.30 -3.24 45.39
CA PRO E 51 28.13 -3.57 46.55
C PRO E 51 28.01 -2.53 47.66
N SER E 52 27.69 -1.29 47.29
CA SER E 52 27.69 -0.21 48.26
C SER E 52 26.82 0.97 47.83
N GLU E 53 26.34 1.71 48.82
CA GLU E 53 25.58 2.94 48.61
C GLU E 53 26.36 3.91 47.72
N GLY E 54 25.67 4.93 47.23
CA GLY E 54 26.27 5.94 46.37
C GLY E 54 25.53 6.11 45.07
N LEU E 55 25.82 7.16 44.33
CA LEU E 55 25.20 7.38 43.03
C LEU E 55 25.83 6.47 41.96
N TYR E 56 25.01 6.03 41.01
CA TYR E 56 25.48 5.12 39.96
C TYR E 56 24.94 5.51 38.58
N LEU E 57 25.84 5.72 37.64
CA LEU E 57 25.43 5.82 36.25
C LEU E 57 24.97 4.42 35.80
N ILE E 58 23.75 4.33 35.30
CA ILE E 58 23.20 3.05 34.86
C ILE E 58 22.76 3.09 33.41
N TYR E 59 23.34 2.23 32.58
CA TYR E 59 23.04 2.23 31.15
C TYR E 59 22.88 0.83 30.57
N SER E 60 22.32 0.79 29.36
CA SER E 60 22.17 -0.45 28.62
C SER E 60 21.68 -0.18 27.20
N GLN E 61 22.13 -0.99 26.25
CA GLN E 61 21.59 -0.99 24.90
C GLN E 61 21.28 -2.41 24.44
N VAL E 62 20.26 -2.56 23.60
CA VAL E 62 20.03 -3.83 22.92
C VAL E 62 19.78 -3.58 21.45
N LEU E 63 19.82 -4.64 20.66
CA LEU E 63 19.53 -4.53 19.24
C LEU E 63 18.57 -5.61 18.79
N PHE E 64 17.49 -5.20 18.11
CA PHE E 64 16.55 -6.13 17.51
C PHE E 64 16.69 -6.14 16.00
N SER E 65 16.44 -7.29 15.40
CA SER E 65 16.41 -7.39 13.94
C SER E 65 15.44 -8.46 13.48
N GLY E 66 14.73 -8.17 12.40
CA GLY E 66 13.85 -9.14 11.78
C GLY E 66 14.00 -9.10 10.28
N GLN E 67 13.68 -10.20 9.62
CA GLN E 67 13.79 -10.27 8.16
C GLN E 67 12.49 -9.82 7.52
N GLY E 68 11.40 -9.82 8.29
CA GLY E 68 10.11 -9.40 7.79
C GLY E 68 9.15 -9.03 8.91
N CYS E 69 7.99 -8.50 8.53
CA CYS E 69 6.98 -8.09 9.50
C CYS E 69 5.75 -8.99 9.49
N PRO E 70 5.55 -9.76 10.57
CA PRO E 70 4.39 -10.64 10.68
C PRO E 70 3.10 -9.85 10.58
N SER E 71 1.99 -10.52 10.27
CA SER E 71 0.70 -9.84 10.13
C SER E 71 0.23 -9.24 11.44
N THR E 72 1.03 -9.41 12.49
CA THR E 72 0.77 -8.77 13.78
C THR E 72 1.66 -7.55 13.91
N HIS E 73 1.26 -6.62 14.78
CA HIS E 73 2.12 -5.48 15.09
C HIS E 73 3.03 -5.82 16.26
N VAL E 74 4.24 -6.28 15.94
CA VAL E 74 5.21 -6.69 16.95
C VAL E 74 5.85 -5.51 17.64
N LEU E 75 5.87 -5.56 18.98
CA LEU E 75 6.44 -4.50 19.79
C LEU E 75 7.65 -4.99 20.57
N LEU E 76 8.60 -4.09 20.79
CA LEU E 76 9.82 -4.45 21.51
C LEU E 76 10.04 -3.52 22.71
N THR E 77 10.10 -4.11 23.89
CA THR E 77 10.31 -3.34 25.12
C THR E 77 11.66 -3.66 25.75
N HIS E 78 12.33 -2.61 26.20
CA HIS E 78 13.62 -2.74 26.89
C HIS E 78 13.51 -2.03 28.23
N THR E 79 13.88 -2.70 29.32
CA THR E 79 13.63 -2.14 30.65
C THR E 79 14.66 -2.51 31.73
N ILE E 80 15.25 -1.49 32.35
CA ILE E 80 16.12 -1.69 33.50
C ILE E 80 15.33 -1.42 34.78
N SER E 81 15.00 -2.48 35.51
CA SER E 81 14.24 -2.35 36.74
C SER E 81 15.14 -2.48 37.96
N ARG E 82 14.69 -1.92 39.08
CA ARG E 82 15.44 -1.97 40.33
C ARG E 82 14.68 -2.70 41.43
N ILE E 83 15.29 -3.75 41.96
CA ILE E 83 14.78 -4.39 43.17
C ILE E 83 15.57 -3.88 44.37
N ALA E 84 14.99 -2.94 45.10
CA ALA E 84 15.68 -2.33 46.23
C ALA E 84 15.37 -3.04 47.54
N VAL E 85 16.32 -2.98 48.47
CA VAL E 85 16.13 -3.56 49.80
C VAL E 85 15.10 -2.73 50.57
N SER E 86 15.19 -1.41 50.42
CA SER E 86 14.25 -0.50 51.07
C SER E 86 12.87 -0.55 50.44
N TYR E 87 12.74 -1.32 49.36
CA TYR E 87 11.47 -1.46 48.66
C TYR E 87 11.59 -2.65 47.71
N GLN E 88 11.18 -3.83 48.19
CA GLN E 88 11.42 -5.07 47.47
C GLN E 88 10.33 -5.47 46.46
N THR E 89 10.33 -4.81 45.31
CA THR E 89 9.57 -5.19 44.12
C THR E 89 10.21 -4.52 42.92
N PRO E 90 10.20 -5.19 41.76
CA PRO E 90 10.80 -4.58 40.58
C PRO E 90 10.19 -3.21 40.33
N VAL E 91 11.03 -2.20 40.14
CA VAL E 91 10.55 -0.86 39.80
C VAL E 91 11.39 -0.29 38.66
N ASN E 92 10.73 0.00 37.54
CA ASN E 92 11.42 0.47 36.35
C ASN E 92 12.16 1.78 36.55
N LEU E 93 13.45 1.77 36.20
CA LEU E 93 14.26 2.98 36.26
C LEU E 93 14.34 3.59 34.88
N LEU E 94 14.54 2.72 33.90
CA LEU E 94 14.69 3.12 32.50
C LEU E 94 13.89 2.16 31.66
N SER E 95 13.14 2.69 30.71
CA SER E 95 12.27 1.86 29.89
C SER E 95 12.00 2.49 28.52
N ALA E 96 11.83 1.63 27.52
CA ALA E 96 11.49 2.10 26.19
C ALA E 96 10.78 1.02 25.37
N ILE E 97 9.93 1.45 24.47
CA ILE E 97 9.25 0.55 23.55
C ILE E 97 9.56 0.97 22.12
N ARG E 98 9.51 0.02 21.20
CA ARG E 98 9.79 0.31 19.81
C ARG E 98 8.89 -0.55 18.92
N SER E 99 8.39 0.05 17.83
CA SER E 99 7.48 -0.62 16.92
C SER E 99 8.01 -0.59 15.50
N PRO E 100 8.51 -1.73 15.00
CA PRO E 100 9.08 -1.84 13.67
C PRO E 100 8.05 -2.09 12.57
N CYS E 101 6.88 -2.59 12.95
CA CYS E 101 5.94 -3.12 11.96
C CYS E 101 4.59 -2.41 11.90
N GLN E 102 4.34 -1.78 10.76
CA GLN E 102 3.09 -1.07 10.50
C GLN E 102 2.28 -1.78 9.43
N ALA E 111 10.35 -9.60 1.68
CA ALA E 111 10.56 -9.52 3.13
C ALA E 111 11.83 -8.74 3.46
N ASN E 112 11.68 -7.46 3.78
CA ASN E 112 12.81 -6.58 4.04
C ASN E 112 13.26 -6.61 5.51
N PRO E 113 14.57 -6.45 5.73
CA PRO E 113 15.18 -6.49 7.06
C PRO E 113 14.95 -5.20 7.83
N TRP E 114 14.87 -5.31 9.14
CA TRP E 114 14.81 -4.12 10.00
C TRP E 114 15.69 -4.29 11.23
N TYR E 115 16.21 -3.17 11.71
CA TYR E 115 17.08 -3.15 12.87
C TYR E 115 16.62 -2.07 13.83
N GLU E 116 16.47 -2.43 15.10
CA GLU E 116 15.94 -1.50 16.10
C GLU E 116 16.80 -1.44 17.36
N PRO E 117 17.57 -0.36 17.52
CA PRO E 117 18.35 -0.09 18.72
C PRO E 117 17.49 0.57 19.79
N ILE E 118 17.75 0.26 21.06
CA ILE E 118 17.12 0.98 22.16
C ILE E 118 18.17 1.26 23.23
N TYR E 119 18.37 2.53 23.54
CA TYR E 119 19.33 2.89 24.58
C TYR E 119 18.66 3.50 25.83
N LEU E 120 19.15 3.12 27.00
CA LEU E 120 18.65 3.64 28.27
C LEU E 120 19.83 4.01 29.16
N GLY E 121 19.71 5.12 29.89
CA GLY E 121 20.79 5.57 30.74
C GLY E 121 20.47 6.78 31.60
N GLY E 122 20.83 6.70 32.88
CA GLY E 122 20.61 7.80 33.80
C GLY E 122 21.28 7.56 35.14
N VAL E 123 21.36 8.60 35.95
CA VAL E 123 22.00 8.50 37.26
C VAL E 123 21.01 8.15 38.36
N PHE E 124 21.40 7.21 39.22
CA PHE E 124 20.52 6.70 40.26
C PHE E 124 21.24 6.47 41.58
N GLN E 125 20.54 6.71 42.68
CA GLN E 125 21.03 6.33 44.00
C GLN E 125 20.72 4.86 44.27
N LEU E 126 21.71 4.12 44.77
CA LEU E 126 21.53 2.71 45.06
C LEU E 126 22.06 2.34 46.45
N GLU E 127 21.71 1.15 46.91
CA GLU E 127 22.07 0.69 48.25
C GLU E 127 22.53 -0.76 48.22
N PRO E 128 23.43 -1.14 49.14
CA PRO E 128 23.90 -2.53 49.18
C PRO E 128 22.75 -3.51 49.21
N GLY E 129 22.80 -4.53 48.36
CA GLY E 129 21.75 -5.53 48.29
C GLY E 129 20.82 -5.30 47.12
N ASP E 130 20.75 -4.05 46.66
CA ASP E 130 19.97 -3.69 45.49
C ASP E 130 20.35 -4.53 44.28
N ARG E 131 19.35 -5.20 43.71
CA ARG E 131 19.55 -5.98 42.49
C ARG E 131 19.04 -5.23 41.27
N LEU E 132 19.82 -5.24 40.19
CA LEU E 132 19.43 -4.58 38.95
C LEU E 132 19.23 -5.58 37.83
N SER E 133 18.18 -5.38 37.04
CA SER E 133 17.91 -6.25 35.91
C SER E 133 17.59 -5.48 34.63
N ALA E 134 18.11 -5.96 33.51
CA ALA E 134 17.81 -5.37 32.21
C ALA E 134 17.14 -6.42 31.31
N GLU E 135 15.86 -6.22 31.03
CA GLU E 135 15.06 -7.26 30.37
C GLU E 135 14.38 -6.80 29.07
N ILE E 136 14.02 -7.77 28.24
CA ILE E 136 13.28 -7.49 27.01
C ILE E 136 12.13 -8.48 26.84
N ASN E 137 11.16 -8.12 26.00
CA ASN E 137 10.00 -8.98 25.78
C ASN E 137 10.20 -10.02 24.69
N ARG E 138 11.06 -9.72 23.72
CA ARG E 138 11.25 -10.61 22.58
C ARG E 138 12.71 -10.99 22.39
N PRO E 139 13.24 -11.85 23.27
CA PRO E 139 14.63 -12.32 23.20
C PRO E 139 14.91 -13.00 21.86
N ASP E 140 13.85 -13.36 21.16
CA ASP E 140 13.96 -14.05 19.87
C ASP E 140 14.23 -13.08 18.71
N TYR E 141 14.17 -11.79 19.00
CA TYR E 141 14.48 -10.78 17.98
C TYR E 141 15.82 -10.08 18.22
N LEU E 142 16.55 -10.50 19.25
CA LEU E 142 17.87 -9.93 19.54
C LEU E 142 18.83 -10.13 18.37
N ASP E 143 19.96 -9.43 18.41
CA ASP E 143 20.97 -9.52 17.36
C ASP E 143 22.37 -9.39 17.95
N PHE E 144 23.13 -10.49 17.92
CA PHE E 144 24.49 -10.49 18.43
C PHE E 144 25.51 -10.67 17.31
N ALA E 145 25.14 -10.30 16.09
CA ALA E 145 26.01 -10.47 14.94
C ALA E 145 27.41 -9.93 15.23
N GLU E 146 27.46 -8.72 15.78
CA GLU E 146 28.72 -8.11 16.15
C GLU E 146 28.76 -7.80 17.65
N SER E 147 29.95 -7.46 18.14
CA SER E 147 30.09 -7.02 19.52
C SER E 147 29.55 -5.60 19.67
N GLY E 148 29.50 -5.11 20.90
CA GLY E 148 29.09 -3.74 21.17
C GLY E 148 27.66 -3.42 20.78
N GLN E 149 26.85 -4.46 20.57
CA GLN E 149 25.46 -4.26 20.18
C GLN E 149 24.48 -4.48 21.32
N VAL E 150 24.86 -5.33 22.27
CA VAL E 150 24.03 -5.58 23.43
C VAL E 150 24.84 -5.57 24.72
N TYR E 151 24.71 -4.49 25.49
CA TYR E 151 25.46 -4.34 26.73
C TYR E 151 24.60 -3.82 27.87
N PHE E 152 25.14 -3.92 29.08
CA PHE E 152 24.46 -3.50 30.30
C PHE E 152 25.55 -3.12 31.28
N GLY E 153 25.54 -1.89 31.77
CA GLY E 153 26.63 -1.42 32.60
C GLY E 153 26.25 -0.44 33.69
N ILE E 154 27.06 -0.43 34.75
CA ILE E 154 26.92 0.55 35.82
C ILE E 154 28.29 0.98 36.32
N ILE E 155 28.34 2.12 37.00
CA ILE E 155 29.55 2.58 37.65
C ILE E 155 29.26 3.65 38.71
N ALA E 156 29.83 3.47 39.90
CA ALA E 156 29.68 4.44 40.97
C ALA E 156 30.43 5.72 40.63
N LEU E 157 29.73 6.84 40.60
CA LEU E 157 30.36 8.11 40.22
C LEU E 157 30.90 8.90 41.40
N SER F 9 37.88 20.37 35.58
CA SER F 9 38.57 19.29 36.29
C SER F 9 39.89 18.94 35.61
N ASP F 10 40.71 18.16 36.30
CA ASP F 10 42.01 17.73 35.77
C ASP F 10 41.91 16.32 35.19
N MET F 11 40.70 15.95 34.79
CA MET F 11 40.44 14.67 34.16
C MET F 11 40.44 14.81 32.64
N PRO F 12 40.97 13.79 31.93
CA PRO F 12 40.97 13.79 30.47
C PRO F 12 39.55 13.82 29.92
N VAL F 13 39.23 14.80 29.10
CA VAL F 13 37.86 14.97 28.62
C VAL F 13 37.80 15.41 27.15
N ALA F 14 36.72 15.04 26.46
CA ALA F 14 36.52 15.46 25.09
C ALA F 14 35.06 15.33 24.67
N HIS F 15 34.52 16.39 24.08
CA HIS F 15 33.22 16.35 23.44
C HIS F 15 33.32 17.06 22.09
N VAL F 16 33.53 16.29 21.03
CA VAL F 16 33.76 16.87 19.71
C VAL F 16 32.53 16.81 18.81
N VAL F 17 32.28 17.89 18.09
CA VAL F 17 31.11 17.99 17.22
C VAL F 17 31.51 17.87 15.75
N ALA F 18 30.54 17.51 14.91
CA ALA F 18 30.79 17.37 13.48
C ALA F 18 30.94 18.74 12.82
N ASN F 19 31.91 18.85 11.91
CA ASN F 19 32.06 20.05 11.12
C ASN F 19 30.91 20.18 10.13
N PRO F 20 30.04 21.19 10.33
CA PRO F 20 28.82 21.38 9.56
C PRO F 20 29.08 21.69 8.10
N GLN F 21 30.25 22.27 7.80
CA GLN F 21 30.57 22.71 6.45
C GLN F 21 31.22 21.61 5.60
N ALA F 22 31.91 20.69 6.26
CA ALA F 22 32.55 19.58 5.56
C ALA F 22 31.50 18.58 5.10
N GLU F 23 30.53 19.07 4.33
CA GLU F 23 29.40 18.25 3.91
C GLU F 23 29.81 17.05 3.05
N GLY F 24 29.21 15.90 3.34
CA GLY F 24 29.55 14.67 2.66
C GLY F 24 30.36 13.74 3.55
N GLN F 25 31.17 14.32 4.42
CA GLN F 25 32.01 13.54 5.32
C GLN F 25 31.78 13.88 6.79
N LEU F 26 32.31 13.06 7.68
CA LEU F 26 32.18 13.29 9.12
C LEU F 26 33.52 13.72 9.72
N GLN F 27 33.67 15.02 9.94
CA GLN F 27 34.92 15.59 10.47
C GLN F 27 34.71 16.19 11.86
N TRP F 28 35.41 15.65 12.86
CA TRP F 28 35.21 16.05 14.25
C TRP F 28 35.91 17.36 14.63
N LEU F 29 35.17 18.29 15.21
CA LEU F 29 35.71 19.59 15.62
C LEU F 29 35.82 19.71 17.15
N ASN F 30 36.57 20.70 17.61
CA ASN F 30 36.68 20.95 19.04
C ASN F 30 36.76 22.44 19.41
N ARG F 31 37.23 23.26 18.48
CA ARG F 31 37.31 24.71 18.71
C ARG F 31 35.95 25.38 18.62
N ARG F 32 34.95 24.83 19.31
CA ARG F 32 33.60 25.36 19.25
C ARG F 32 32.99 25.58 20.64
N ALA F 33 32.00 26.45 20.71
CA ALA F 33 31.27 26.65 21.96
C ALA F 33 30.56 25.36 22.34
N ASN F 34 30.73 24.93 23.57
CA ASN F 34 30.12 23.68 24.04
C ASN F 34 30.79 22.44 23.45
N ALA F 35 32.03 22.59 22.99
CA ALA F 35 32.83 21.45 22.57
C ALA F 35 33.99 21.29 23.54
N LEU F 36 34.54 20.07 23.62
CA LEU F 36 35.56 19.76 24.61
C LEU F 36 36.73 18.90 24.11
N LEU F 37 37.91 19.22 24.61
CA LEU F 37 39.13 18.47 24.32
C LEU F 37 40.27 19.05 25.17
N ALA F 38 40.54 18.41 26.30
CA ALA F 38 41.54 18.94 27.23
C ALA F 38 42.14 17.87 28.14
N ASN F 39 43.11 18.31 28.95
CA ASN F 39 43.73 17.46 29.96
C ASN F 39 44.33 16.16 29.44
N GLY F 40 44.86 16.18 28.22
CA GLY F 40 45.64 15.08 27.71
C GLY F 40 45.09 14.41 26.48
N VAL F 41 43.82 14.64 26.20
CA VAL F 41 43.18 13.98 25.06
C VAL F 41 43.56 14.67 23.76
N GLU F 42 43.99 13.88 22.78
CA GLU F 42 44.38 14.39 21.47
C GLU F 42 43.34 14.04 20.41
N LEU F 43 43.20 14.92 19.42
CA LEU F 43 42.35 14.65 18.28
C LEU F 43 43.24 14.56 17.03
N ARG F 44 43.85 13.40 16.82
CA ARG F 44 44.77 13.21 15.72
C ARG F 44 44.28 12.20 14.69
N ASP F 45 44.28 12.59 13.43
CA ASP F 45 43.81 11.73 12.35
C ASP F 45 42.33 11.37 12.53
N ASN F 46 41.57 12.35 13.03
CA ASN F 46 40.13 12.21 13.23
C ASN F 46 39.75 11.15 14.25
N GLN F 47 40.74 10.69 15.01
CA GLN F 47 40.52 9.75 16.10
C GLN F 47 40.84 10.43 17.42
N LEU F 48 40.36 9.84 18.52
CA LEU F 48 40.65 10.36 19.85
C LEU F 48 41.77 9.56 20.51
N VAL F 49 42.70 10.27 21.13
CA VAL F 49 43.86 9.61 21.72
C VAL F 49 43.78 9.62 23.25
N VAL F 50 43.84 8.44 23.85
CA VAL F 50 43.76 8.30 25.30
C VAL F 50 45.08 8.68 25.95
N PRO F 51 45.03 9.64 26.88
CA PRO F 51 46.22 10.19 27.55
C PRO F 51 46.74 9.27 28.65
N SER F 52 45.84 8.55 29.32
CA SER F 52 46.22 7.77 30.49
C SER F 52 45.29 6.60 30.78
N GLU F 53 45.77 5.68 31.61
CA GLU F 53 45.00 4.50 32.00
C GLU F 53 43.80 4.87 32.87
N GLY F 54 42.83 3.96 32.97
CA GLY F 54 41.65 4.19 33.80
C GLY F 54 40.33 3.85 33.13
N LEU F 55 39.23 4.17 33.80
CA LEU F 55 37.89 3.93 33.27
C LEU F 55 37.35 5.17 32.58
N TYR F 56 36.79 4.98 31.39
CA TYR F 56 36.30 6.08 30.58
C TYR F 56 34.84 5.92 30.21
N LEU F 57 34.09 7.02 30.22
CA LEU F 57 32.78 7.02 29.60
C LEU F 57 32.98 7.36 28.14
N ILE F 58 32.44 6.53 27.26
CA ILE F 58 32.59 6.77 25.84
C ILE F 58 31.20 6.85 25.21
N TYR F 59 30.94 7.94 24.49
CA TYR F 59 29.64 8.13 23.89
C TYR F 59 29.70 8.83 22.53
N SER F 60 28.65 8.64 21.76
CA SER F 60 28.52 9.31 20.47
C SER F 60 27.10 9.22 19.91
N GLN F 61 26.71 10.25 19.16
CA GLN F 61 25.43 10.24 18.47
C GLN F 61 25.57 10.77 17.04
N VAL F 62 24.90 10.11 16.11
CA VAL F 62 24.81 10.60 14.75
C VAL F 62 23.34 10.75 14.38
N LEU F 63 23.06 11.60 13.39
CA LEU F 63 21.70 11.77 12.89
C LEU F 63 21.64 11.72 11.36
N PHE F 64 20.87 10.77 10.83
CA PHE F 64 20.69 10.64 9.40
C PHE F 64 19.34 11.22 8.96
N SER F 65 19.25 11.64 7.70
CA SER F 65 17.99 12.13 7.14
C SER F 65 18.00 12.07 5.62
N GLY F 66 16.86 11.69 5.04
CA GLY F 66 16.73 11.58 3.60
C GLY F 66 15.37 12.06 3.14
N GLN F 67 15.26 12.38 1.86
CA GLN F 67 14.01 12.93 1.32
C GLN F 67 13.07 11.86 0.78
N GLY F 68 13.54 10.61 0.73
CA GLY F 68 12.73 9.52 0.24
C GLY F 68 13.33 8.15 0.52
N CYS F 69 12.85 7.13 -0.19
CA CYS F 69 13.32 5.77 0.01
C CYS F 69 13.78 5.07 -1.28
N PRO F 70 15.09 5.09 -1.54
CA PRO F 70 15.74 4.58 -2.75
C PRO F 70 15.48 3.10 -2.98
N SER F 71 16.21 2.24 -2.28
CA SER F 71 16.07 0.79 -2.42
C SER F 71 15.12 0.23 -1.36
N THR F 72 14.76 -1.05 -1.52
CA THR F 72 13.85 -1.70 -0.60
C THR F 72 14.45 -1.80 0.80
N HIS F 73 15.77 -1.61 0.88
CA HIS F 73 16.48 -1.67 2.17
C HIS F 73 17.74 -0.81 2.22
N VAL F 74 17.63 0.34 2.89
CA VAL F 74 18.78 1.19 3.18
C VAL F 74 19.20 0.97 4.62
N LEU F 75 20.50 0.73 4.83
CA LEU F 75 20.97 0.42 6.17
C LEU F 75 21.99 1.42 6.69
N LEU F 76 21.67 2.03 7.83
CA LEU F 76 22.53 3.04 8.45
C LEU F 76 23.20 2.46 9.68
N THR F 77 24.52 2.63 9.77
CA THR F 77 25.29 2.11 10.90
C THR F 77 26.13 3.17 11.59
N HIS F 78 26.22 3.08 12.91
CA HIS F 78 27.11 3.91 13.69
C HIS F 78 27.92 3.04 14.63
N THR F 79 29.24 3.20 14.61
CA THR F 79 30.11 2.32 15.38
C THR F 79 31.30 3.03 16.02
N ILE F 80 31.50 2.76 17.30
CA ILE F 80 32.68 3.22 18.02
C ILE F 80 33.62 2.04 18.24
N SER F 81 34.80 2.08 17.60
CA SER F 81 35.76 1.01 17.77
C SER F 81 37.07 1.47 18.45
N ARG F 82 37.80 0.52 19.00
CA ARG F 82 39.01 0.80 19.78
C ARG F 82 40.25 0.12 19.19
N ILE F 83 41.27 0.93 18.89
CA ILE F 83 42.55 0.40 18.48
C ILE F 83 43.48 0.47 19.68
N ALA F 84 43.46 -0.59 20.49
CA ALA F 84 44.25 -0.62 21.72
C ALA F 84 45.72 -0.92 21.43
N VAL F 85 46.61 -0.40 22.26
CA VAL F 85 48.01 -0.73 22.14
C VAL F 85 48.19 -2.21 22.47
N SER F 86 47.39 -2.71 23.39
CA SER F 86 47.43 -4.11 23.77
C SER F 86 46.91 -5.02 22.67
N TYR F 87 45.92 -4.54 21.93
CA TYR F 87 45.34 -5.30 20.82
C TYR F 87 45.12 -4.39 19.62
N GLN F 88 46.13 -4.32 18.75
CA GLN F 88 46.20 -3.28 17.73
C GLN F 88 45.45 -3.55 16.43
N THR F 89 44.13 -3.60 16.51
CA THR F 89 43.26 -3.58 15.34
C THR F 89 41.88 -3.12 15.79
N PRO F 90 41.17 -2.40 14.90
CA PRO F 90 39.85 -1.88 15.27
C PRO F 90 38.97 -2.96 15.90
N VAL F 91 38.51 -2.72 17.12
CA VAL F 91 37.58 -3.63 17.78
C VAL F 91 36.35 -2.86 18.21
N ASN F 92 35.17 -3.39 17.89
CA ASN F 92 33.93 -2.71 18.23
C ASN F 92 33.63 -2.70 19.72
N LEU F 93 33.44 -1.51 20.27
CA LEU F 93 33.03 -1.35 21.66
C LEU F 93 31.52 -1.16 21.73
N LEU F 94 31.03 -0.28 20.87
CA LEU F 94 29.61 0.01 20.77
C LEU F 94 29.24 0.09 19.31
N SER F 95 28.07 -0.41 18.96
CA SER F 95 27.59 -0.34 17.58
C SER F 95 26.09 -0.53 17.49
N ALA F 96 25.50 0.08 16.46
CA ALA F 96 24.06 -0.03 16.23
C ALA F 96 23.74 0.07 14.76
N ILE F 97 22.57 -0.44 14.36
CA ILE F 97 22.12 -0.36 12.98
C ILE F 97 20.67 0.14 12.94
N ARG F 98 20.32 0.84 11.88
CA ARG F 98 18.99 1.42 11.76
C ARG F 98 18.53 1.41 10.30
N SER F 99 17.23 1.21 10.07
CA SER F 99 16.69 1.06 8.72
C SER F 99 15.43 1.90 8.49
N PRO F 100 15.57 3.01 7.76
CA PRO F 100 14.51 3.99 7.56
C PRO F 100 13.53 3.62 6.45
N CYS F 101 13.86 2.60 5.67
CA CYS F 101 13.11 2.34 4.44
C CYS F 101 12.66 0.90 4.24
N GLN F 102 11.36 0.71 4.07
CA GLN F 102 10.78 -0.60 3.77
C GLN F 102 9.80 -0.54 2.60
N ALA F 111 7.39 11.68 -1.69
CA ALA F 111 8.71 11.49 -1.10
C ALA F 111 8.85 12.22 0.24
N ASN F 112 8.37 11.58 1.30
CA ASN F 112 8.34 12.18 2.63
C ASN F 112 9.68 12.09 3.36
N PRO F 113 9.88 12.96 4.38
CA PRO F 113 11.14 13.03 5.11
C PRO F 113 11.32 11.84 6.05
N TRP F 114 12.57 11.51 6.38
CA TRP F 114 12.86 10.54 7.42
C TRP F 114 14.13 10.91 8.20
N TYR F 115 14.06 10.72 9.52
CA TYR F 115 15.16 11.06 10.41
C TYR F 115 15.47 9.87 11.31
N GLU F 116 16.73 9.45 11.33
CA GLU F 116 17.15 8.33 12.17
C GLU F 116 18.34 8.71 13.04
N PRO F 117 18.11 8.83 14.36
CA PRO F 117 19.20 9.07 15.31
C PRO F 117 19.65 7.75 15.90
N ILE F 118 20.96 7.54 15.98
CA ILE F 118 21.51 6.39 16.66
C ILE F 118 22.37 6.91 17.79
N TYR F 119 22.36 6.21 18.91
CA TYR F 119 23.16 6.62 20.06
C TYR F 119 23.92 5.42 20.62
N LEU F 120 25.16 5.67 20.99
CA LEU F 120 25.99 4.65 21.63
C LEU F 120 26.64 5.29 22.86
N GLY F 121 26.84 4.50 23.91
CA GLY F 121 27.44 5.01 25.11
C GLY F 121 27.72 3.91 26.09
N GLY F 122 28.90 3.91 26.69
CA GLY F 122 29.27 2.89 27.65
C GLY F 122 30.56 3.20 28.38
N VAL F 123 30.92 2.31 29.30
CA VAL F 123 32.13 2.48 30.11
C VAL F 123 33.18 1.41 29.78
N PHE F 124 34.40 1.85 29.53
CA PHE F 124 35.47 0.93 29.18
C PHE F 124 36.79 1.28 29.88
N GLN F 125 37.67 0.30 29.99
CA GLN F 125 39.03 0.55 30.46
C GLN F 125 39.93 0.87 29.28
N LEU F 126 40.66 1.98 29.38
CA LEU F 126 41.54 2.41 28.30
C LEU F 126 42.98 2.60 28.77
N GLU F 127 43.92 2.42 27.85
CA GLU F 127 45.34 2.63 28.15
C GLU F 127 45.86 3.82 27.35
N PRO F 128 46.99 4.40 27.78
CA PRO F 128 47.60 5.49 27.01
C PRO F 128 47.98 4.99 25.62
N GLY F 129 47.69 5.79 24.59
CA GLY F 129 48.02 5.41 23.23
C GLY F 129 46.87 4.72 22.53
N ASP F 130 45.83 4.39 23.29
CA ASP F 130 44.61 3.85 22.72
C ASP F 130 43.95 4.87 21.82
N ARG F 131 43.41 4.43 20.69
CA ARG F 131 42.71 5.34 19.79
C ARG F 131 41.23 4.95 19.63
N LEU F 132 40.36 5.97 19.60
CA LEU F 132 38.94 5.76 19.45
C LEU F 132 38.44 6.47 18.20
N SER F 133 37.65 5.77 17.39
CA SER F 133 37.07 6.38 16.19
C SER F 133 35.55 6.23 16.17
N ALA F 134 34.87 7.25 15.65
CA ALA F 134 33.42 7.21 15.50
C ALA F 134 33.04 7.23 14.02
N GLU F 135 32.64 6.08 13.50
CA GLU F 135 32.48 5.93 12.05
C GLU F 135 31.08 5.45 11.62
N ILE F 136 30.60 6.03 10.53
CA ILE F 136 29.30 5.67 9.97
C ILE F 136 29.50 5.20 8.54
N ASN F 137 28.57 4.40 8.04
CA ASN F 137 28.71 3.87 6.69
C ASN F 137 28.17 4.80 5.60
N ARG F 138 27.20 5.63 5.94
CA ARG F 138 26.59 6.55 4.97
C ARG F 138 26.81 8.01 5.34
N PRO F 139 28.02 8.53 5.09
CA PRO F 139 28.30 9.93 5.41
C PRO F 139 27.49 10.89 4.55
N ASP F 140 26.88 10.38 3.47
CA ASP F 140 26.08 11.20 2.57
C ASP F 140 24.66 11.40 3.11
N TYR F 141 24.36 10.76 4.24
CA TYR F 141 23.05 10.88 4.86
C TYR F 141 23.11 11.59 6.21
N LEU F 142 24.32 11.95 6.65
CA LEU F 142 24.48 12.71 7.89
C LEU F 142 23.75 14.05 7.80
N ASP F 143 23.31 14.55 8.95
CA ASP F 143 22.57 15.80 9.00
C ASP F 143 23.19 16.78 10.01
N PHE F 144 23.73 17.89 9.50
CA PHE F 144 24.35 18.90 10.35
C PHE F 144 23.50 20.15 10.48
N ALA F 145 22.27 20.09 9.98
CA ALA F 145 21.38 21.25 9.98
C ALA F 145 21.53 22.10 11.25
N GLU F 146 21.44 21.46 12.40
CA GLU F 146 21.60 22.14 13.69
C GLU F 146 22.72 21.54 14.53
N SER F 147 22.99 22.19 15.66
CA SER F 147 24.03 21.74 16.58
C SER F 147 23.48 20.74 17.60
N GLY F 148 24.33 19.79 17.99
CA GLY F 148 23.93 18.79 18.97
C GLY F 148 23.38 17.53 18.34
N GLN F 149 23.38 17.48 17.01
CA GLN F 149 22.85 16.35 16.28
C GLN F 149 23.90 15.27 16.00
N VAL F 150 25.16 15.69 15.90
CA VAL F 150 26.26 14.75 15.69
C VAL F 150 27.46 15.08 16.59
N TYR F 151 27.73 14.19 17.54
CA TYR F 151 28.78 14.42 18.53
C TYR F 151 29.44 13.10 18.98
N PHE F 152 30.56 13.24 19.67
CA PHE F 152 31.42 12.11 20.03
C PHE F 152 32.34 12.57 21.15
N GLY F 153 32.33 11.87 22.28
CA GLY F 153 33.09 12.32 23.42
C GLY F 153 33.46 11.26 24.45
N ILE F 154 34.40 11.60 25.32
CA ILE F 154 34.83 10.71 26.38
C ILE F 154 35.21 11.47 27.64
N ILE F 155 35.30 10.74 28.76
CA ILE F 155 35.73 11.33 30.01
C ILE F 155 36.21 10.27 30.99
N ALA F 156 37.29 10.58 31.70
CA ALA F 156 37.83 9.67 32.70
C ALA F 156 37.01 9.73 33.99
N LEU F 157 36.80 8.58 34.61
CA LEU F 157 36.08 8.51 35.87
C LEU F 157 37.00 8.02 36.98
N THR G 7 -24.52 -42.54 -44.45
CA THR G 7 -23.22 -42.87 -43.87
C THR G 7 -22.13 -42.84 -44.93
N CYS G 8 -20.95 -42.34 -44.57
CA CYS G 8 -19.87 -42.16 -45.52
C CYS G 8 -18.60 -42.95 -45.20
N ARG G 9 -17.68 -42.92 -46.15
CA ARG G 9 -16.35 -43.48 -45.97
C ARG G 9 -15.57 -42.56 -45.04
N LEU G 10 -14.44 -43.02 -44.55
CA LEU G 10 -13.56 -42.16 -43.77
C LEU G 10 -12.91 -41.17 -44.72
N ARG G 11 -12.52 -40.00 -44.19
CA ARG G 11 -11.98 -38.92 -45.02
C ARG G 11 -13.04 -38.37 -45.96
N GLU G 12 -14.30 -38.71 -45.69
CA GLU G 12 -15.44 -38.17 -46.42
C GLU G 12 -16.54 -37.79 -45.45
N TYR G 13 -17.40 -36.87 -45.87
CA TYR G 13 -18.54 -36.46 -45.07
C TYR G 13 -19.79 -36.37 -45.92
N TYR G 14 -20.94 -36.29 -45.29
CA TYR G 14 -22.20 -36.17 -46.01
C TYR G 14 -22.59 -34.71 -46.10
N ASP G 15 -22.51 -34.14 -47.30
CA ASP G 15 -22.92 -32.76 -47.52
C ASP G 15 -24.45 -32.65 -47.59
N GLN G 16 -25.03 -31.91 -46.65
CA GLN G 16 -26.48 -31.76 -46.57
C GLN G 16 -27.05 -31.22 -47.88
N THR G 17 -26.34 -30.28 -48.48
CA THR G 17 -26.80 -29.62 -49.71
C THR G 17 -26.71 -30.54 -50.93
N ALA G 18 -25.51 -31.03 -51.23
CA ALA G 18 -25.31 -31.89 -52.37
C ALA G 18 -26.05 -33.21 -52.20
N GLN G 19 -26.28 -33.58 -50.95
CA GLN G 19 -26.94 -34.85 -50.65
C GLN G 19 -26.10 -36.02 -51.14
N MET G 20 -24.88 -36.12 -50.62
CA MET G 20 -23.99 -37.24 -50.93
C MET G 20 -22.66 -37.11 -50.20
N CYS G 21 -21.88 -38.18 -50.22
CA CYS G 21 -20.58 -38.18 -49.59
C CYS G 21 -19.57 -37.42 -50.45
N CYS G 22 -18.93 -36.41 -49.86
CA CYS G 22 -17.92 -35.62 -50.56
C CYS G 22 -16.59 -35.69 -49.82
N SER G 23 -15.51 -35.41 -50.54
CA SER G 23 -14.17 -35.52 -49.98
C SER G 23 -13.90 -34.43 -48.95
N LYS G 24 -13.30 -34.80 -47.84
CA LYS G 24 -12.82 -33.84 -46.86
C LYS G 24 -11.43 -33.37 -47.26
N CYS G 25 -11.09 -32.15 -46.86
CA CYS G 25 -9.75 -31.63 -47.10
C CYS G 25 -8.79 -32.16 -46.05
N SER G 26 -7.50 -32.20 -46.38
CA SER G 26 -6.51 -32.72 -45.46
C SER G 26 -5.98 -31.62 -44.56
N PRO G 27 -5.35 -32.00 -43.44
CA PRO G 27 -4.68 -31.00 -42.60
C PRO G 27 -3.70 -30.21 -43.46
N GLY G 28 -3.72 -28.89 -43.35
CA GLY G 28 -2.83 -28.06 -44.15
C GLY G 28 -3.56 -27.41 -45.31
N GLN G 29 -4.75 -27.93 -45.60
CA GLN G 29 -5.60 -27.31 -46.60
C GLN G 29 -7.02 -27.08 -46.08
N HIS G 30 -7.74 -26.17 -46.71
CA HIS G 30 -9.10 -25.86 -46.34
C HIS G 30 -9.99 -26.07 -47.55
N ALA G 31 -11.29 -26.03 -47.37
CA ALA G 31 -12.22 -26.16 -48.49
C ALA G 31 -12.32 -24.85 -49.24
N LYS G 32 -11.88 -24.82 -50.49
CA LYS G 32 -12.00 -23.63 -51.31
C LYS G 32 -13.32 -23.62 -52.07
N VAL G 33 -13.77 -24.80 -52.49
CA VAL G 33 -15.05 -24.93 -53.18
C VAL G 33 -15.75 -26.21 -52.75
N PHE G 34 -17.02 -26.07 -52.36
CA PHE G 34 -17.78 -27.21 -51.85
C PHE G 34 -18.34 -28.07 -52.97
N CYS G 35 -18.61 -29.33 -52.66
CA CYS G 35 -18.99 -30.30 -53.68
C CYS G 35 -20.41 -30.07 -54.18
N THR G 36 -20.68 -30.66 -55.34
CA THR G 36 -22.02 -30.62 -55.94
C THR G 36 -22.40 -32.01 -56.45
N LYS G 37 -23.59 -32.12 -57.04
CA LYS G 37 -24.01 -33.38 -57.62
C LYS G 37 -23.00 -33.81 -58.69
N THR G 38 -22.24 -32.85 -59.20
CA THR G 38 -21.32 -33.12 -60.30
C THR G 38 -19.86 -33.22 -59.87
N SER G 39 -19.38 -32.21 -59.14
CA SER G 39 -17.97 -32.13 -58.80
C SER G 39 -17.69 -32.38 -57.32
N ASP G 40 -16.49 -32.86 -57.01
CA ASP G 40 -16.10 -33.13 -55.64
C ASP G 40 -15.56 -31.86 -54.99
N THR G 41 -15.13 -31.96 -53.74
CA THR G 41 -14.60 -30.82 -53.00
C THR G 41 -13.29 -30.29 -53.59
N VAL G 42 -13.24 -28.99 -53.84
CA VAL G 42 -12.00 -28.35 -54.23
C VAL G 42 -11.31 -27.82 -52.98
N CYS G 43 -10.18 -28.47 -52.62
CA CYS G 43 -9.40 -28.05 -51.47
C CYS G 43 -8.24 -27.16 -51.87
N ASP G 44 -7.69 -26.43 -50.91
CA ASP G 44 -6.61 -25.48 -51.17
C ASP G 44 -5.69 -25.30 -49.97
N SER G 45 -4.42 -25.07 -50.23
CA SER G 45 -3.42 -24.88 -49.18
C SER G 45 -3.68 -23.67 -48.29
N CYS G 46 -3.37 -23.83 -47.00
CA CYS G 46 -3.41 -22.73 -46.06
C CYS G 46 -2.28 -21.74 -46.35
N GLU G 47 -2.56 -20.45 -46.26
CA GLU G 47 -1.55 -19.43 -46.53
C GLU G 47 -0.78 -19.00 -45.28
N ASP G 48 -0.24 -17.79 -45.32
CA ASP G 48 0.66 -17.28 -44.27
C ASP G 48 0.07 -17.35 -42.86
N SER G 49 0.81 -17.99 -41.96
CA SER G 49 0.47 -18.00 -40.54
C SER G 49 -0.93 -18.51 -40.28
N THR G 50 -1.29 -19.57 -41.00
CA THR G 50 -2.64 -20.09 -40.99
C THR G 50 -2.56 -21.61 -41.12
N TYR G 51 -3.53 -22.33 -40.56
CA TYR G 51 -3.41 -23.78 -40.44
C TYR G 51 -4.74 -24.51 -40.24
N THR G 52 -4.69 -25.83 -40.41
CA THR G 52 -5.80 -26.72 -40.11
C THR G 52 -5.23 -28.08 -39.73
N GLN G 53 -5.42 -28.49 -38.49
CA GLN G 53 -4.78 -29.72 -38.02
C GLN G 53 -5.60 -31.00 -38.25
N LEU G 54 -6.89 -30.84 -38.52
CA LEU G 54 -7.78 -31.99 -38.74
C LEU G 54 -8.23 -32.14 -40.20
N TRP G 55 -8.67 -33.35 -40.55
CA TRP G 55 -9.31 -33.56 -41.83
C TRP G 55 -10.64 -32.82 -41.79
N ASN G 56 -10.75 -31.76 -42.59
CA ASN G 56 -11.83 -30.81 -42.41
C ASN G 56 -12.60 -30.50 -43.67
N TRP G 57 -13.55 -29.58 -43.55
CA TRP G 57 -14.14 -28.90 -44.70
C TRP G 57 -14.54 -27.47 -44.33
N VAL G 58 -13.62 -26.76 -43.68
CA VAL G 58 -13.83 -25.37 -43.34
C VAL G 58 -13.47 -24.47 -44.53
N PRO G 59 -14.14 -23.30 -44.64
CA PRO G 59 -14.01 -22.36 -45.75
C PRO G 59 -12.63 -21.70 -45.81
N GLU G 60 -12.06 -21.42 -44.64
CA GLU G 60 -10.73 -20.84 -44.54
C GLU G 60 -10.01 -21.55 -43.40
N CYS G 61 -8.71 -21.31 -43.27
CA CYS G 61 -7.91 -21.94 -42.23
C CYS G 61 -7.95 -21.19 -40.89
N LEU G 62 -7.51 -21.84 -39.83
CA LEU G 62 -7.43 -21.20 -38.52
C LEU G 62 -6.21 -20.29 -38.44
N SER G 63 -6.38 -19.10 -37.86
CA SER G 63 -5.27 -18.19 -37.62
C SER G 63 -4.27 -18.79 -36.65
N CYS G 64 -2.98 -18.68 -36.96
CA CYS G 64 -1.94 -19.09 -36.02
C CYS G 64 -1.86 -18.07 -34.91
N GLY G 65 -1.52 -18.52 -33.71
CA GLY G 65 -1.39 -17.61 -32.58
C GLY G 65 -0.30 -16.58 -32.85
N SER G 66 -0.14 -15.62 -31.95
CA SER G 66 0.92 -14.64 -32.10
C SER G 66 2.23 -15.23 -31.58
N ARG G 67 3.32 -14.50 -31.75
CA ARG G 67 4.62 -14.93 -31.24
C ARG G 67 4.55 -15.15 -29.73
N CYS G 68 5.35 -16.08 -29.21
CA CYS G 68 5.44 -16.32 -27.77
C CYS G 68 5.90 -15.07 -27.03
N SER G 69 5.41 -14.90 -25.80
CA SER G 69 5.72 -13.70 -25.03
C SER G 69 7.08 -13.78 -24.34
N SER G 70 7.40 -12.75 -23.57
CA SER G 70 8.65 -12.70 -22.83
C SER G 70 8.78 -13.90 -21.88
N ASP G 71 10.02 -14.31 -21.63
CA ASP G 71 10.30 -15.41 -20.71
C ASP G 71 9.66 -16.72 -21.15
N GLN G 72 9.38 -16.85 -22.45
CA GLN G 72 8.78 -18.06 -22.99
C GLN G 72 9.57 -18.56 -24.20
N VAL G 73 9.55 -19.87 -24.40
CA VAL G 73 10.21 -20.48 -25.56
C VAL G 73 9.16 -21.07 -26.51
N GLU G 74 9.42 -20.99 -27.80
CA GLU G 74 8.55 -21.61 -28.79
C GLU G 74 9.00 -23.04 -29.05
N THR G 75 8.26 -24.00 -28.52
CA THR G 75 8.62 -25.40 -28.65
C THR G 75 8.00 -26.06 -29.88
N GLN G 76 7.19 -25.30 -30.62
CA GLN G 76 6.55 -25.81 -31.83
C GLN G 76 6.14 -24.68 -32.79
N ALA G 77 6.69 -24.71 -33.99
CA ALA G 77 6.49 -23.64 -34.96
C ALA G 77 5.11 -23.70 -35.62
N CYS G 78 4.55 -22.53 -35.88
CA CYS G 78 3.35 -22.44 -36.69
C CYS G 78 3.66 -22.99 -38.08
N THR G 79 2.95 -24.05 -38.46
CA THR G 79 3.07 -24.63 -39.79
C THR G 79 1.72 -24.56 -40.47
N ARG G 80 1.56 -25.30 -41.56
CA ARG G 80 0.28 -25.40 -42.24
C ARG G 80 -0.62 -26.45 -41.60
N GLU G 81 -0.04 -27.32 -40.77
CA GLU G 81 -0.76 -28.45 -40.21
C GLU G 81 -0.85 -28.43 -38.69
N GLN G 82 -0.40 -27.34 -38.07
CA GLN G 82 -0.38 -27.24 -36.61
C GLN G 82 -0.08 -25.82 -36.10
N ASN G 83 -0.71 -25.46 -35.00
CA ASN G 83 -0.51 -24.13 -34.43
C ASN G 83 0.84 -24.01 -33.71
N ARG G 84 1.15 -22.80 -33.28
CA ARG G 84 2.36 -22.51 -32.53
C ARG G 84 2.15 -22.80 -31.06
N ILE G 85 3.12 -23.46 -30.44
CA ILE G 85 3.05 -23.77 -29.02
C ILE G 85 4.15 -23.04 -28.25
N CYS G 86 3.78 -22.48 -27.10
CA CYS G 86 4.74 -21.76 -26.28
C CYS G 86 4.81 -22.39 -24.89
N THR G 87 6.01 -22.57 -24.38
CA THR G 87 6.21 -23.15 -23.05
C THR G 87 7.10 -22.24 -22.21
N CYS G 88 7.08 -22.46 -20.90
CA CYS G 88 7.88 -21.67 -19.98
C CYS G 88 9.32 -22.20 -19.94
N ARG G 89 10.26 -21.29 -19.72
CA ARG G 89 11.66 -21.68 -19.56
C ARG G 89 11.80 -22.42 -18.23
N PRO G 90 12.84 -23.24 -18.10
CA PRO G 90 13.06 -23.97 -16.85
C PRO G 90 13.08 -23.00 -15.66
N GLY G 91 12.55 -23.42 -14.52
CA GLY G 91 12.50 -22.57 -13.34
C GLY G 91 11.21 -21.79 -13.25
N TRP G 92 10.32 -22.01 -14.21
CA TRP G 92 9.03 -21.34 -14.22
C TRP G 92 7.91 -22.35 -14.34
N TYR G 93 6.67 -21.88 -14.20
CA TYR G 93 5.50 -22.72 -14.40
C TYR G 93 4.43 -21.98 -15.17
N CYS G 94 3.38 -22.70 -15.55
CA CYS G 94 2.29 -22.11 -16.30
C CYS G 94 1.22 -21.53 -15.38
N ALA G 95 1.02 -20.22 -15.46
CA ALA G 95 0.00 -19.56 -14.67
C ALA G 95 -1.36 -19.77 -15.33
N LEU G 96 -1.43 -19.46 -16.62
CA LEU G 96 -2.69 -19.57 -17.36
C LEU G 96 -2.50 -20.45 -18.59
N SER G 97 -3.11 -21.63 -18.54
CA SER G 97 -3.02 -22.57 -19.65
C SER G 97 -3.73 -22.02 -20.88
N LYS G 98 -3.26 -22.44 -22.06
CA LYS G 98 -3.95 -22.17 -23.31
C LYS G 98 -4.57 -23.49 -23.78
N GLN G 99 -5.52 -23.41 -24.72
CA GLN G 99 -6.07 -24.61 -25.32
C GLN G 99 -4.94 -25.60 -25.60
N GLU G 100 -3.77 -25.06 -25.92
CA GLU G 100 -2.58 -25.85 -26.15
C GLU G 100 -1.32 -25.01 -25.91
N GLY G 101 -0.54 -25.39 -24.92
CA GLY G 101 0.65 -24.64 -24.55
C GLY G 101 0.47 -23.86 -23.25
N CYS G 102 1.05 -22.67 -23.20
CA CYS G 102 0.90 -21.81 -22.03
C CYS G 102 0.73 -20.36 -22.47
N ARG G 103 -0.13 -19.63 -21.75
CA ARG G 103 -0.44 -18.25 -22.12
C ARG G 103 0.36 -17.23 -21.30
N LEU G 104 0.48 -17.47 -20.01
CA LEU G 104 1.22 -16.59 -19.12
C LEU G 104 2.15 -17.39 -18.22
N CYS G 105 3.42 -17.00 -18.17
CA CYS G 105 4.41 -17.69 -17.33
C CYS G 105 4.72 -16.93 -16.05
N ALA G 106 4.96 -17.68 -14.97
CA ALA G 106 5.27 -17.08 -13.67
C ALA G 106 6.43 -17.81 -13.01
N PRO G 107 7.14 -17.13 -12.08
CA PRO G 107 8.27 -17.76 -11.40
C PRO G 107 7.82 -18.72 -10.30
N LEU G 108 8.55 -19.82 -10.13
CA LEU G 108 8.28 -20.76 -9.05
C LEU G 108 8.50 -20.06 -7.71
N ARG G 109 7.58 -20.30 -6.77
CA ARG G 109 7.67 -19.67 -5.45
C ARG G 109 8.99 -20.04 -4.79
N LYS G 110 9.44 -19.19 -3.87
CA LYS G 110 10.65 -19.47 -3.11
C LYS G 110 10.29 -19.79 -1.67
N CYS G 111 10.72 -20.95 -1.18
CA CYS G 111 10.48 -21.34 0.20
C CYS G 111 11.58 -20.79 1.12
N ARG G 112 11.21 -19.77 1.89
CA ARG G 112 12.13 -18.98 2.69
C ARG G 112 12.78 -19.77 3.84
N PRO G 113 13.63 -19.09 4.64
CA PRO G 113 14.17 -19.67 5.87
C PRO G 113 13.06 -19.89 6.89
N GLY G 114 12.80 -21.15 7.22
CA GLY G 114 11.71 -21.51 8.10
C GLY G 114 10.74 -22.45 7.43
N PHE G 115 10.69 -22.38 6.10
CA PHE G 115 9.77 -23.20 5.32
C PHE G 115 10.53 -24.03 4.30
N GLY G 116 9.95 -25.17 3.91
CA GLY G 116 10.60 -26.06 2.98
C GLY G 116 9.72 -26.47 1.81
N VAL G 117 10.35 -26.83 0.70
CA VAL G 117 9.63 -27.22 -0.51
C VAL G 117 8.90 -28.54 -0.33
N ALA G 118 7.60 -28.45 -0.05
CA ALA G 118 6.76 -29.65 0.04
C ALA G 118 6.83 -30.41 -1.28
N ARG G 119 6.18 -29.89 -2.32
CA ARG G 119 6.24 -30.49 -3.64
C ARG G 119 6.49 -29.47 -4.75
N PRO G 120 7.38 -29.80 -5.69
CA PRO G 120 7.74 -28.95 -6.83
C PRO G 120 6.75 -29.09 -7.98
N GLY G 121 7.20 -28.84 -9.20
CA GLY G 121 6.35 -28.99 -10.38
C GLY G 121 6.60 -27.97 -11.46
N THR G 122 7.79 -28.03 -12.08
CA THR G 122 8.16 -27.10 -13.14
C THR G 122 7.32 -27.35 -14.40
N GLU G 123 6.18 -28.00 -14.22
CA GLU G 123 5.26 -28.30 -15.30
C GLU G 123 4.17 -27.24 -15.41
N THR G 124 3.10 -27.42 -14.63
CA THR G 124 1.97 -26.50 -14.68
C THR G 124 1.40 -26.25 -13.28
N SER G 125 2.27 -26.24 -12.28
CA SER G 125 1.87 -25.96 -10.91
C SER G 125 3.00 -25.33 -10.11
N ASP G 126 2.70 -24.25 -9.38
CA ASP G 126 3.69 -23.58 -8.58
C ASP G 126 4.24 -24.53 -7.52
N VAL G 127 5.34 -24.13 -6.89
CA VAL G 127 5.91 -24.89 -5.79
C VAL G 127 5.05 -24.73 -4.54
N VAL G 128 5.03 -25.75 -3.70
CA VAL G 128 4.24 -25.74 -2.48
C VAL G 128 5.11 -25.57 -1.25
N CYS G 129 5.07 -24.41 -0.61
CA CYS G 129 5.83 -24.16 0.60
C CYS G 129 5.09 -24.66 1.84
N LYS G 130 5.85 -25.11 2.84
CA LYS G 130 5.28 -25.60 4.10
C LYS G 130 6.23 -25.33 5.27
N PRO G 131 5.68 -24.96 6.43
CA PRO G 131 6.51 -24.77 7.63
C PRO G 131 7.24 -26.08 7.97
N CYS G 132 8.45 -25.97 8.53
CA CYS G 132 9.21 -27.16 8.90
C CYS G 132 8.66 -27.76 10.20
N ALA G 133 8.38 -29.06 10.18
CA ALA G 133 7.92 -29.79 11.37
C ALA G 133 9.07 -29.98 12.34
N PRO G 134 8.78 -29.86 13.66
CA PRO G 134 9.81 -30.00 14.69
C PRO G 134 10.77 -31.15 14.39
N GLY G 135 12.06 -30.86 14.32
CA GLY G 135 13.05 -31.85 13.98
C GLY G 135 13.67 -31.58 12.61
N THR G 136 13.14 -30.58 11.93
CA THR G 136 13.65 -30.18 10.62
C THR G 136 13.77 -28.66 10.52
N PHE G 137 14.37 -28.18 9.43
CA PHE G 137 14.62 -26.75 9.28
C PHE G 137 14.97 -26.42 7.83
N SER G 138 15.25 -25.14 7.59
CA SER G 138 15.80 -24.70 6.31
C SER G 138 16.32 -23.27 6.43
N ASN G 139 17.63 -23.12 6.45
CA ASN G 139 18.25 -21.80 6.50
C ASN G 139 18.45 -21.26 5.10
N THR G 140 17.50 -21.56 4.21
CA THR G 140 17.66 -21.25 2.80
C THR G 140 16.36 -20.79 2.14
N THR G 141 16.43 -19.68 1.41
CA THR G 141 15.32 -19.21 0.60
C THR G 141 15.43 -19.84 -0.79
N SER G 142 15.04 -21.10 -0.90
CA SER G 142 15.18 -21.82 -2.17
C SER G 142 13.85 -22.35 -2.69
N SER G 143 13.78 -22.54 -4.00
CA SER G 143 12.60 -23.12 -4.62
C SER G 143 12.72 -24.63 -4.76
N THR G 144 13.83 -25.18 -4.25
CA THR G 144 14.11 -26.60 -4.38
C THR G 144 14.32 -27.30 -3.03
N ASP G 145 15.26 -26.76 -2.24
CA ASP G 145 15.61 -27.34 -0.94
C ASP G 145 14.39 -27.60 -0.05
N ILE G 146 14.51 -28.60 0.82
CA ILE G 146 13.41 -28.99 1.70
C ILE G 146 13.83 -29.00 3.17
N CYS G 147 12.85 -29.16 4.06
CA CYS G 147 13.14 -29.20 5.50
C CYS G 147 13.97 -30.43 5.89
N ARG G 148 15.28 -30.27 5.92
CA ARG G 148 16.18 -31.35 6.29
C ARG G 148 16.24 -31.54 7.81
N PRO G 149 16.25 -32.80 8.27
CA PRO G 149 16.23 -33.12 9.70
C PRO G 149 17.38 -32.46 10.46
N HIS G 150 17.17 -32.14 11.73
CA HIS G 150 18.22 -31.53 12.55
C HIS G 150 19.36 -32.50 12.80
N GLN G 151 20.55 -31.94 12.95
CA GLN G 151 21.71 -32.73 13.36
C GLN G 151 21.64 -32.95 14.86
N ILE G 152 21.08 -34.09 15.28
CA ILE G 152 20.98 -34.40 16.70
C ILE G 152 22.36 -34.75 17.27
N CYS G 153 22.96 -33.81 17.98
CA CYS G 153 24.31 -33.98 18.52
C CYS G 153 24.31 -34.97 19.68
N ASN G 154 25.51 -35.40 20.06
CA ASN G 154 25.65 -36.26 21.23
C ASN G 154 25.25 -35.49 22.48
N VAL G 155 25.78 -34.27 22.61
CA VAL G 155 25.37 -33.36 23.67
C VAL G 155 24.83 -32.08 23.04
N VAL G 156 23.58 -31.75 23.34
CA VAL G 156 22.92 -30.60 22.75
C VAL G 156 23.42 -29.27 23.33
N ALA G 157 24.04 -28.46 22.49
CA ALA G 157 24.47 -27.11 22.88
C ALA G 157 23.34 -26.12 22.61
N ILE G 158 23.25 -25.63 21.39
CA ILE G 158 22.15 -24.77 20.97
C ILE G 158 21.04 -25.61 20.35
N PRO G 159 19.82 -25.54 20.94
CA PRO G 159 18.65 -26.30 20.47
C PRO G 159 18.33 -26.08 18.99
N GLY G 160 17.23 -26.67 18.54
CA GLY G 160 16.87 -26.60 17.13
C GLY G 160 15.58 -25.85 16.85
N ASN G 161 15.66 -24.92 15.91
CA ASN G 161 14.48 -24.24 15.40
C ASN G 161 14.33 -24.48 13.90
N ALA G 162 13.19 -24.08 13.34
CA ALA G 162 12.91 -24.33 11.93
C ALA G 162 13.69 -23.40 11.01
N SER G 163 14.60 -22.62 11.57
CA SER G 163 15.38 -21.68 10.79
C SER G 163 16.87 -22.03 10.77
N MET G 164 17.34 -22.68 11.83
CA MET G 164 18.74 -23.07 11.92
C MET G 164 18.93 -24.46 12.52
N ASP G 165 20.02 -25.12 12.13
CA ASP G 165 20.32 -26.47 12.59
C ASP G 165 20.89 -26.45 14.01
N ALA G 166 20.70 -27.56 14.74
CA ALA G 166 21.22 -27.68 16.09
C ALA G 166 22.75 -27.55 16.11
N VAL G 167 23.31 -27.30 17.28
CA VAL G 167 24.76 -27.16 17.43
C VAL G 167 25.30 -28.17 18.45
N CYS G 168 26.52 -28.65 18.22
CA CYS G 168 27.12 -29.66 19.09
C CYS G 168 28.07 -29.06 20.13
N GLY H 5 -63.99 -4.64 -26.74
CA GLY H 5 -64.16 -5.32 -25.47
C GLY H 5 -62.87 -5.41 -24.67
N SER H 6 -62.33 -6.62 -24.57
CA SER H 6 -61.07 -6.85 -23.87
C SER H 6 -61.14 -6.56 -22.36
N THR H 7 -62.33 -6.61 -21.79
CA THR H 7 -62.52 -6.43 -20.34
C THR H 7 -62.86 -7.75 -19.68
N CYS H 8 -61.91 -8.29 -18.91
CA CYS H 8 -62.04 -9.65 -18.38
C CYS H 8 -62.11 -9.73 -16.84
N ARG H 9 -62.64 -10.84 -16.35
CA ARG H 9 -62.67 -11.14 -14.92
C ARG H 9 -61.34 -10.86 -14.25
N LEU H 10 -61.36 -10.72 -12.93
CA LEU H 10 -60.13 -10.72 -12.15
C LEU H 10 -59.63 -12.17 -12.18
N ARG H 11 -58.32 -12.33 -12.31
CA ARG H 11 -57.72 -13.65 -12.48
C ARG H 11 -57.97 -14.14 -13.91
N GLU H 12 -58.16 -13.19 -14.81
CA GLU H 12 -58.26 -13.47 -16.24
C GLU H 12 -57.57 -12.36 -17.04
N TYR H 13 -56.95 -12.74 -18.16
CA TYR H 13 -56.33 -11.78 -19.06
C TYR H 13 -56.94 -11.98 -20.44
N TYR H 14 -56.72 -11.04 -21.34
CA TYR H 14 -57.21 -11.20 -22.71
C TYR H 14 -56.13 -11.75 -23.65
N ASP H 15 -56.22 -13.02 -23.98
CA ASP H 15 -55.27 -13.66 -24.88
C ASP H 15 -55.59 -13.27 -26.32
N GLN H 16 -54.73 -12.46 -26.93
CA GLN H 16 -54.99 -11.94 -28.27
C GLN H 16 -55.01 -13.04 -29.34
N THR H 17 -54.23 -14.09 -29.13
CA THR H 17 -54.21 -15.22 -30.04
C THR H 17 -55.56 -15.93 -30.08
N ALA H 18 -56.21 -16.03 -28.92
CA ALA H 18 -57.48 -16.74 -28.81
C ALA H 18 -58.69 -15.81 -28.93
N GLN H 19 -58.43 -14.51 -28.95
CA GLN H 19 -59.50 -13.51 -29.07
C GLN H 19 -60.57 -13.71 -27.99
N MET H 20 -60.14 -14.01 -26.77
CA MET H 20 -61.06 -14.27 -25.67
C MET H 20 -60.38 -14.19 -24.30
N CYS H 21 -61.17 -13.94 -23.26
CA CYS H 21 -60.67 -13.95 -21.90
C CYS H 21 -60.13 -15.33 -21.55
N CYS H 22 -59.05 -15.37 -20.79
CA CYS H 22 -58.47 -16.63 -20.34
C CYS H 22 -58.07 -16.54 -18.89
N SER H 23 -58.25 -17.62 -18.15
CA SER H 23 -57.92 -17.62 -16.74
C SER H 23 -56.41 -17.61 -16.56
N LYS H 24 -55.94 -16.86 -15.56
CA LYS H 24 -54.52 -16.83 -15.22
C LYS H 24 -54.19 -18.00 -14.31
N CYS H 25 -52.90 -18.26 -14.13
CA CYS H 25 -52.46 -19.24 -13.16
C CYS H 25 -52.18 -18.54 -11.84
N SER H 26 -52.12 -19.29 -10.75
CA SER H 26 -52.04 -18.70 -9.43
C SER H 26 -50.61 -18.60 -8.97
N PRO H 27 -50.35 -17.72 -8.00
CA PRO H 27 -49.04 -17.76 -7.34
C PRO H 27 -48.76 -19.18 -6.91
N GLY H 28 -47.66 -19.76 -7.39
CA GLY H 28 -47.32 -21.13 -7.05
C GLY H 28 -47.33 -22.04 -8.25
N GLN H 29 -47.63 -21.49 -9.42
CA GLN H 29 -47.67 -22.28 -10.64
C GLN H 29 -47.52 -21.42 -11.90
N HIS H 30 -47.12 -22.06 -13.00
CA HIS H 30 -46.94 -21.37 -14.28
C HIS H 30 -47.89 -21.90 -15.34
N ALA H 31 -48.00 -21.17 -16.44
CA ALA H 31 -48.79 -21.62 -17.59
C ALA H 31 -48.06 -22.76 -18.26
N LYS H 32 -48.73 -23.90 -18.44
CA LYS H 32 -48.14 -25.04 -19.12
C LYS H 32 -48.62 -25.13 -20.57
N VAL H 33 -49.92 -25.01 -20.77
CA VAL H 33 -50.50 -24.94 -22.10
C VAL H 33 -51.35 -23.69 -22.19
N PHE H 34 -51.16 -22.91 -23.24
CA PHE H 34 -51.86 -21.65 -23.35
C PHE H 34 -53.32 -21.79 -23.78
N CYS H 35 -53.97 -20.65 -23.87
CA CYS H 35 -55.35 -20.56 -24.27
C CYS H 35 -55.55 -20.94 -25.73
N THR H 36 -56.64 -21.66 -26.00
CA THR H 36 -57.08 -21.92 -27.36
C THR H 36 -58.51 -21.43 -27.52
N LYS H 37 -59.02 -21.51 -28.75
CA LYS H 37 -60.39 -21.11 -29.06
C LYS H 37 -61.37 -22.08 -28.37
N THR H 38 -60.90 -23.29 -28.10
CA THR H 38 -61.72 -24.32 -27.48
C THR H 38 -61.54 -24.44 -25.96
N SER H 39 -60.32 -24.79 -25.53
CA SER H 39 -60.04 -25.01 -24.11
C SER H 39 -59.36 -23.82 -23.43
N ASP H 40 -59.28 -23.88 -22.10
CA ASP H 40 -58.73 -22.79 -21.30
C ASP H 40 -57.24 -23.02 -21.00
N THR H 41 -56.72 -22.25 -20.04
CA THR H 41 -55.32 -22.37 -19.63
C THR H 41 -55.09 -23.66 -18.86
N VAL H 42 -53.92 -24.25 -19.05
CA VAL H 42 -53.53 -25.43 -18.29
C VAL H 42 -52.32 -25.09 -17.44
N CYS H 43 -52.53 -24.98 -16.13
CA CYS H 43 -51.47 -24.58 -15.21
C CYS H 43 -50.77 -25.78 -14.59
N ASP H 44 -49.57 -25.53 -14.05
CA ASP H 44 -48.78 -26.57 -13.39
C ASP H 44 -47.99 -25.94 -12.24
N SER H 45 -47.89 -26.66 -11.12
CA SER H 45 -47.12 -26.16 -9.99
C SER H 45 -45.63 -26.03 -10.30
N CYS H 46 -45.00 -25.02 -9.70
CA CYS H 46 -43.55 -24.83 -9.85
C CYS H 46 -42.79 -25.99 -9.24
N GLU H 47 -41.66 -26.36 -9.85
CA GLU H 47 -40.88 -27.51 -9.40
C GLU H 47 -39.68 -27.12 -8.53
N ASP H 48 -38.52 -27.68 -8.89
CA ASP H 48 -37.30 -27.51 -8.10
C ASP H 48 -36.87 -26.06 -7.94
N SER H 49 -36.90 -25.57 -6.70
CA SER H 49 -36.31 -24.28 -6.36
C SER H 49 -36.76 -23.15 -7.28
N THR H 50 -38.04 -23.15 -7.61
CA THR H 50 -38.60 -22.16 -8.51
C THR H 50 -39.91 -21.62 -7.94
N TYR H 51 -40.34 -20.45 -8.41
CA TYR H 51 -41.52 -19.82 -7.83
C TYR H 51 -42.21 -18.81 -8.74
N THR H 52 -43.40 -18.39 -8.32
CA THR H 52 -44.12 -17.27 -8.92
C THR H 52 -44.97 -16.63 -7.83
N GLN H 53 -44.82 -15.33 -7.63
CA GLN H 53 -45.49 -14.65 -6.52
C GLN H 53 -46.67 -13.79 -6.96
N LEU H 54 -47.11 -13.94 -8.20
CA LEU H 54 -48.27 -13.19 -8.69
C LEU H 54 -49.13 -14.05 -9.60
N TRP H 55 -50.39 -13.65 -9.74
CA TRP H 55 -51.24 -14.27 -10.73
C TRP H 55 -50.65 -13.95 -12.09
N ASN H 56 -50.48 -14.98 -12.91
CA ASN H 56 -49.64 -14.88 -14.09
C ASN H 56 -50.09 -15.77 -15.21
N TRP H 57 -49.41 -15.62 -16.35
CA TRP H 57 -49.43 -16.63 -17.40
C TRP H 57 -48.06 -16.72 -18.05
N VAL H 58 -47.02 -16.82 -17.22
CA VAL H 58 -45.65 -17.00 -17.69
C VAL H 58 -45.41 -18.48 -17.97
N PRO H 59 -44.58 -18.77 -18.99
CA PRO H 59 -44.31 -20.12 -19.48
C PRO H 59 -43.60 -21.00 -18.45
N GLU H 60 -42.81 -20.39 -17.58
CA GLU H 60 -42.09 -21.12 -16.53
C GLU H 60 -41.89 -20.19 -15.34
N CYS H 61 -41.59 -20.77 -14.19
CA CYS H 61 -41.46 -20.00 -12.94
C CYS H 61 -40.09 -19.32 -12.85
N LEU H 62 -39.97 -18.33 -11.97
CA LEU H 62 -38.71 -17.60 -11.77
C LEU H 62 -37.72 -18.45 -10.99
N SER H 63 -36.44 -18.07 -11.03
CA SER H 63 -35.41 -18.78 -10.30
C SER H 63 -35.19 -18.23 -8.88
N CYS H 64 -35.34 -19.09 -7.88
CA CYS H 64 -34.96 -18.71 -6.53
C CYS H 64 -33.48 -18.41 -6.55
N GLY H 65 -33.09 -17.31 -5.91
CA GLY H 65 -31.69 -16.94 -5.83
C GLY H 65 -30.88 -18.03 -5.13
N SER H 66 -29.56 -17.92 -5.20
CA SER H 66 -28.69 -18.90 -4.55
C SER H 66 -28.87 -18.81 -3.04
N ARG H 67 -28.24 -19.74 -2.32
CA ARG H 67 -28.28 -19.73 -0.86
C ARG H 67 -27.61 -18.47 -0.32
N CYS H 68 -27.88 -18.16 0.94
CA CYS H 68 -27.32 -16.98 1.59
C CYS H 68 -25.81 -17.10 1.79
N SER H 69 -25.11 -15.98 1.59
CA SER H 69 -23.67 -15.93 1.77
C SER H 69 -23.29 -15.91 3.26
N SER H 70 -21.99 -15.94 3.53
CA SER H 70 -21.49 -15.95 4.89
C SER H 70 -22.01 -14.74 5.67
N ASP H 71 -22.06 -14.87 7.00
CA ASP H 71 -22.50 -13.79 7.86
C ASP H 71 -23.91 -13.33 7.53
N GLN H 72 -24.69 -14.20 6.90
CA GLN H 72 -26.06 -13.91 6.56
C GLN H 72 -26.99 -14.92 7.19
N VAL H 73 -28.24 -14.51 7.40
CA VAL H 73 -29.27 -15.42 7.87
C VAL H 73 -30.41 -15.41 6.85
N GLU H 74 -30.89 -16.60 6.51
CA GLU H 74 -32.05 -16.69 5.65
C GLU H 74 -33.32 -16.42 6.46
N THR H 75 -33.99 -15.32 6.15
CA THR H 75 -35.19 -14.94 6.89
C THR H 75 -36.46 -15.31 6.15
N GLN H 76 -36.31 -16.02 5.03
CA GLN H 76 -37.44 -16.45 4.22
C GLN H 76 -37.03 -17.53 3.23
N ALA H 77 -37.63 -18.71 3.36
CA ALA H 77 -37.27 -19.84 2.51
C ALA H 77 -37.84 -19.69 1.10
N CYS H 78 -37.07 -20.12 0.12
CA CYS H 78 -37.56 -20.24 -1.24
C CYS H 78 -38.68 -21.27 -1.26
N THR H 79 -39.88 -20.82 -1.60
CA THR H 79 -41.04 -21.70 -1.73
C THR H 79 -41.55 -21.68 -3.16
N ARG H 80 -42.74 -22.23 -3.37
CA ARG H 80 -43.34 -22.22 -4.70
C ARG H 80 -43.97 -20.87 -5.00
N GLU H 81 -44.04 -20.01 -3.98
CA GLU H 81 -44.75 -18.74 -4.09
C GLU H 81 -43.90 -17.54 -3.65
N GLN H 82 -42.65 -17.80 -3.24
CA GLN H 82 -41.78 -16.72 -2.80
C GLN H 82 -40.29 -17.05 -2.96
N ASN H 83 -39.49 -16.03 -3.24
CA ASN H 83 -38.06 -16.17 -3.35
C ASN H 83 -37.39 -16.23 -1.97
N ARG H 84 -36.21 -16.84 -1.94
CA ARG H 84 -35.37 -16.84 -0.74
C ARG H 84 -34.92 -15.41 -0.43
N ILE H 85 -35.06 -14.99 0.82
CA ILE H 85 -34.54 -13.69 1.26
C ILE H 85 -33.45 -13.86 2.31
N CYS H 86 -32.34 -13.15 2.13
CA CYS H 86 -31.23 -13.22 3.07
C CYS H 86 -31.01 -11.89 3.77
N THR H 87 -30.78 -11.93 5.07
CA THR H 87 -30.57 -10.72 5.84
C THR H 87 -29.24 -10.75 6.59
N CYS H 88 -28.75 -9.57 6.96
CA CYS H 88 -27.54 -9.46 7.77
C CYS H 88 -27.84 -9.80 9.22
N ARG H 89 -26.91 -10.49 9.87
CA ARG H 89 -27.03 -10.78 11.29
C ARG H 89 -26.64 -9.54 12.10
N PRO H 90 -27.08 -9.47 13.36
CA PRO H 90 -26.86 -8.31 14.22
C PRO H 90 -25.41 -7.85 14.22
N GLY H 91 -25.19 -6.55 14.22
CA GLY H 91 -23.85 -6.00 14.17
C GLY H 91 -23.39 -5.71 12.75
N TRP H 92 -24.16 -6.23 11.79
CA TRP H 92 -23.87 -6.00 10.37
C TRP H 92 -25.01 -5.23 9.73
N TYR H 93 -24.70 -4.48 8.68
CA TYR H 93 -25.72 -3.79 7.90
C TYR H 93 -25.67 -4.23 6.45
N CYS H 94 -26.63 -3.79 5.66
CA CYS H 94 -26.67 -4.15 4.25
C CYS H 94 -25.97 -3.11 3.37
N ALA H 95 -24.79 -3.46 2.88
CA ALA H 95 -24.03 -2.57 2.01
C ALA H 95 -24.75 -2.38 0.68
N LEU H 96 -25.09 -3.48 0.05
CA LEU H 96 -25.74 -3.45 -1.26
C LEU H 96 -27.06 -4.20 -1.21
N SER H 97 -28.16 -3.47 -1.40
CA SER H 97 -29.48 -4.09 -1.35
C SER H 97 -29.78 -4.85 -2.63
N LYS H 98 -30.66 -5.84 -2.52
CA LYS H 98 -31.09 -6.62 -3.67
C LYS H 98 -32.56 -6.34 -3.94
N GLN H 99 -33.08 -6.81 -5.07
CA GLN H 99 -34.50 -6.66 -5.38
C GLN H 99 -35.35 -6.86 -4.14
N GLU H 100 -35.06 -7.93 -3.40
CA GLU H 100 -35.65 -8.15 -2.10
C GLU H 100 -34.65 -8.91 -1.23
N GLY H 101 -34.26 -8.32 -0.11
CA GLY H 101 -33.26 -8.89 0.75
C GLY H 101 -31.93 -8.17 0.64
N CYS H 102 -30.85 -8.80 1.11
CA CYS H 102 -29.54 -8.18 1.06
C CYS H 102 -28.55 -8.98 0.25
N ARG H 103 -27.82 -8.30 -0.63
CA ARG H 103 -26.82 -8.95 -1.45
C ARG H 103 -25.48 -9.02 -0.73
N LEU H 104 -25.05 -7.89 -0.18
CA LEU H 104 -23.75 -7.79 0.49
C LEU H 104 -23.88 -7.22 1.89
N CYS H 105 -23.31 -7.93 2.86
CA CYS H 105 -23.34 -7.50 4.27
C CYS H 105 -22.00 -6.95 4.72
N ALA H 106 -22.04 -5.89 5.52
CA ALA H 106 -20.81 -5.28 6.05
C ALA H 106 -20.87 -5.05 7.56
N PRO H 107 -19.70 -5.02 8.21
CA PRO H 107 -19.61 -4.79 9.65
C PRO H 107 -19.93 -3.35 10.00
N LEU H 108 -20.74 -3.14 11.03
CA LEU H 108 -21.08 -1.79 11.47
C LEU H 108 -19.82 -1.01 11.84
N ARG H 109 -19.72 0.19 11.29
CA ARG H 109 -18.56 1.06 11.52
C ARG H 109 -18.35 1.28 13.02
N LYS H 110 -17.12 1.58 13.41
CA LYS H 110 -16.81 1.82 14.81
C LYS H 110 -16.56 3.30 15.08
N CYS H 111 -17.16 3.81 16.15
CA CYS H 111 -16.93 5.19 16.57
C CYS H 111 -15.71 5.27 17.49
N ARG H 112 -14.61 5.81 16.97
CA ARG H 112 -13.31 5.79 17.64
C ARG H 112 -13.29 6.55 18.97
N PRO H 113 -12.12 6.57 19.65
CA PRO H 113 -12.02 7.41 20.85
C PRO H 113 -12.20 8.88 20.53
N GLY H 114 -13.13 9.53 21.22
CA GLY H 114 -13.41 10.93 20.97
C GLY H 114 -14.69 11.07 20.18
N PHE H 115 -15.06 10.02 19.47
CA PHE H 115 -16.28 10.04 18.69
C PHE H 115 -17.34 9.12 19.30
N GLY H 116 -18.57 9.62 19.34
CA GLY H 116 -19.66 8.86 19.92
C GLY H 116 -20.71 8.52 18.87
N VAL H 117 -21.28 7.33 19.00
CA VAL H 117 -22.34 6.91 18.09
C VAL H 117 -23.40 8.00 17.96
N ALA H 118 -23.48 8.59 16.78
CA ALA H 118 -24.49 9.59 16.49
C ALA H 118 -25.86 8.92 16.41
N ARG H 119 -26.05 8.11 15.37
CA ARG H 119 -27.29 7.37 15.19
C ARG H 119 -26.95 5.90 14.93
N PRO H 120 -27.67 4.99 15.60
CA PRO H 120 -27.42 3.55 15.51
C PRO H 120 -27.46 3.02 14.08
N GLY H 121 -27.15 1.74 13.92
CA GLY H 121 -27.18 1.11 12.61
C GLY H 121 -28.38 0.20 12.43
N THR H 122 -29.09 0.39 11.32
CA THR H 122 -30.19 -0.49 10.94
C THR H 122 -29.65 -1.61 10.05
N GLU H 123 -30.54 -2.29 9.35
CA GLU H 123 -30.13 -3.34 8.43
C GLU H 123 -29.93 -2.79 7.03
N THR H 124 -30.03 -1.47 6.90
CA THR H 124 -29.89 -0.82 5.60
C THR H 124 -28.93 0.37 5.67
N SER H 125 -28.57 0.77 6.89
CA SER H 125 -27.69 1.92 7.08
C SER H 125 -26.64 1.67 8.16
N ASP H 126 -25.40 2.02 7.86
CA ASP H 126 -24.31 1.85 8.82
C ASP H 126 -24.52 2.77 10.02
N VAL H 127 -23.55 2.78 10.93
CA VAL H 127 -23.57 3.67 12.07
C VAL H 127 -22.84 4.96 11.74
N VAL H 128 -23.41 6.09 12.16
CA VAL H 128 -22.79 7.40 11.91
C VAL H 128 -21.95 7.86 13.10
N CYS H 129 -20.70 8.25 12.83
CA CYS H 129 -19.79 8.67 13.89
C CYS H 129 -19.43 10.15 13.82
N LYS H 130 -19.40 10.79 14.99
CA LYS H 130 -19.05 12.20 15.09
C LYS H 130 -18.75 12.55 16.54
N PRO H 131 -17.81 13.49 16.75
CA PRO H 131 -17.36 13.87 18.11
C PRO H 131 -18.50 14.27 19.03
N CYS H 132 -18.16 14.58 20.28
CA CYS H 132 -19.15 14.95 21.27
C CYS H 132 -19.27 16.45 21.46
N ALA H 133 -20.52 16.88 21.69
CA ALA H 133 -20.82 18.26 22.06
C ALA H 133 -20.07 18.61 23.33
N PRO H 134 -19.48 19.82 23.38
CA PRO H 134 -18.65 20.24 24.51
C PRO H 134 -19.26 19.87 25.85
N GLY H 135 -18.54 19.08 26.64
CA GLY H 135 -19.02 18.66 27.94
C GLY H 135 -19.32 17.17 28.02
N THR H 136 -18.92 16.45 26.98
CA THR H 136 -19.10 15.00 26.93
C THR H 136 -17.88 14.34 26.29
N PHE H 137 -17.80 13.01 26.42
CA PHE H 137 -16.63 12.28 25.95
C PHE H 137 -16.95 10.84 25.63
N SER H 138 -15.99 10.17 25.00
CA SER H 138 -16.05 8.74 24.78
C SER H 138 -14.63 8.22 24.61
N ASN H 139 -14.13 7.48 25.60
CA ASN H 139 -12.82 6.88 25.49
C ASN H 139 -12.94 5.43 25.04
N THR H 140 -13.98 5.16 24.27
CA THR H 140 -14.28 3.82 23.81
C THR H 140 -14.52 3.74 22.31
N THR H 141 -13.88 2.77 21.66
CA THR H 141 -14.11 2.50 20.24
C THR H 141 -15.27 1.53 20.09
N SER H 142 -16.47 2.06 19.86
CA SER H 142 -17.66 1.22 19.82
C SER H 142 -18.59 1.59 18.67
N SER H 143 -19.42 0.64 18.27
CA SER H 143 -20.46 0.89 17.29
C SER H 143 -21.79 1.08 18.00
N THR H 144 -21.75 1.15 19.33
CA THR H 144 -22.95 1.30 20.15
C THR H 144 -22.80 2.40 21.21
N ASP H 145 -21.66 2.43 21.89
CA ASP H 145 -21.41 3.41 22.95
C ASP H 145 -21.51 4.85 22.46
N ILE H 146 -22.32 5.65 23.16
CA ILE H 146 -22.50 7.05 22.80
C ILE H 146 -21.70 7.96 23.72
N CYS H 147 -21.58 9.23 23.33
CA CYS H 147 -20.93 10.23 24.15
C CYS H 147 -21.57 10.35 25.52
N ARG H 148 -20.78 10.11 26.56
CA ARG H 148 -21.27 10.22 27.92
C ARG H 148 -20.82 11.55 28.54
N PRO H 149 -21.65 12.12 29.42
CA PRO H 149 -21.32 13.35 30.13
C PRO H 149 -20.07 13.17 30.97
N HIS H 150 -19.22 14.20 31.00
CA HIS H 150 -18.01 14.14 31.80
C HIS H 150 -18.34 13.85 33.24
N GLN H 151 -17.40 13.23 33.94
CA GLN H 151 -17.53 13.06 35.37
C GLN H 151 -17.88 14.42 35.99
N ILE H 152 -18.47 14.39 37.17
CA ILE H 152 -18.82 15.63 37.86
C ILE H 152 -17.97 15.75 39.13
N CYS H 153 -17.49 16.96 39.42
CA CYS H 153 -16.47 17.12 40.46
C CYS H 153 -16.35 18.48 41.14
N ASN H 154 -15.90 18.47 42.39
CA ASN H 154 -15.66 19.68 43.16
C ASN H 154 -14.36 20.28 42.64
N VAL H 155 -13.33 19.42 42.60
CA VAL H 155 -11.99 19.78 42.15
C VAL H 155 -11.74 19.42 40.69
N VAL H 156 -11.84 20.40 39.81
CA VAL H 156 -11.53 20.19 38.40
C VAL H 156 -10.01 20.17 38.18
N ALA H 157 -9.37 19.08 38.58
CA ALA H 157 -7.95 18.86 38.32
C ALA H 157 -7.64 19.09 36.86
N ILE H 158 -7.84 18.05 36.05
CA ILE H 158 -7.63 18.17 34.61
C ILE H 158 -8.96 18.20 33.88
N PRO H 159 -9.17 19.23 33.06
CA PRO H 159 -10.41 19.43 32.29
C PRO H 159 -10.63 18.28 31.31
N GLY H 160 -11.88 17.93 31.08
CA GLY H 160 -12.20 16.80 30.22
C GLY H 160 -12.30 17.17 28.76
N ASN H 161 -11.78 16.31 27.89
CA ASN H 161 -11.93 16.43 26.44
C ASN H 161 -12.89 15.37 25.94
N ALA H 162 -13.25 15.41 24.66
CA ALA H 162 -14.17 14.43 24.11
C ALA H 162 -13.54 13.03 24.04
N SER H 163 -12.28 12.93 24.46
CA SER H 163 -11.54 11.68 24.36
C SER H 163 -11.20 11.07 25.71
N MET H 164 -11.14 11.91 26.74
CA MET H 164 -10.87 11.45 28.09
C MET H 164 -11.83 12.11 29.08
N ASP H 165 -12.13 11.42 30.17
CA ASP H 165 -12.98 11.97 31.20
C ASP H 165 -12.19 12.97 32.05
N ALA H 166 -12.89 13.98 32.55
CA ALA H 166 -12.26 15.00 33.40
C ALA H 166 -11.67 14.40 34.67
N VAL H 167 -10.59 15.00 35.18
CA VAL H 167 -9.95 14.49 36.40
C VAL H 167 -10.24 15.38 37.63
N CYS H 168 -10.22 14.78 38.82
CA CYS H 168 -10.60 15.54 40.02
C CYS H 168 -9.56 15.50 41.17
N THR I 7 -26.23 13.10 -61.47
CA THR I 7 -25.40 14.04 -60.74
C THR I 7 -26.22 15.23 -60.28
N CYS I 8 -25.96 15.70 -59.05
CA CYS I 8 -26.70 16.83 -58.51
C CYS I 8 -25.77 18.01 -58.24
N ARG I 9 -26.35 19.13 -57.80
CA ARG I 9 -25.56 20.30 -57.47
C ARG I 9 -24.86 20.10 -56.13
N LEU I 10 -23.83 20.89 -55.86
CA LEU I 10 -23.27 20.93 -54.51
C LEU I 10 -24.34 21.59 -53.65
N ARG I 11 -24.52 21.07 -52.44
CA ARG I 11 -25.60 21.50 -51.56
C ARG I 11 -26.89 20.77 -51.90
N GLU I 12 -26.77 19.77 -52.78
CA GLU I 12 -27.87 18.86 -53.09
C GLU I 12 -27.37 17.42 -53.02
N TYR I 13 -28.30 16.48 -52.94
CA TYR I 13 -27.94 15.06 -52.89
C TYR I 13 -28.99 14.22 -53.63
N TYR I 14 -28.60 13.03 -54.06
CA TYR I 14 -29.54 12.17 -54.76
C TYR I 14 -30.21 11.17 -53.82
N ASP I 15 -31.44 11.47 -53.45
CA ASP I 15 -32.22 10.59 -52.58
C ASP I 15 -32.65 9.34 -53.33
N GLN I 16 -32.07 8.21 -52.97
CA GLN I 16 -32.33 6.95 -53.65
C GLN I 16 -33.82 6.62 -53.76
N THR I 17 -34.58 7.00 -52.74
CA THR I 17 -36.01 6.67 -52.69
C THR I 17 -36.83 7.52 -53.65
N ALA I 18 -36.62 8.84 -53.63
CA ALA I 18 -37.41 9.75 -54.46
C ALA I 18 -36.93 9.78 -55.89
N GLN I 19 -35.86 9.03 -56.18
CA GLN I 19 -35.33 8.95 -57.52
C GLN I 19 -35.04 10.33 -58.10
N MET I 20 -34.64 11.27 -57.25
CA MET I 20 -34.28 12.61 -57.70
C MET I 20 -33.30 13.34 -56.79
N CYS I 21 -32.81 14.48 -57.25
CA CYS I 21 -31.94 15.34 -56.44
C CYS I 21 -32.77 16.19 -55.49
N CYS I 22 -32.29 16.38 -54.27
CA CYS I 22 -33.00 17.14 -53.25
C CYS I 22 -32.04 18.05 -52.50
N SER I 23 -32.57 19.11 -51.90
CA SER I 23 -31.74 20.06 -51.15
C SER I 23 -31.17 19.41 -49.90
N LYS I 24 -29.97 19.84 -49.52
CA LYS I 24 -29.37 19.43 -48.26
C LYS I 24 -29.70 20.47 -47.18
N CYS I 25 -29.60 20.07 -45.92
CA CYS I 25 -29.83 21.00 -44.82
C CYS I 25 -28.51 21.62 -44.37
N SER I 26 -28.51 22.92 -44.14
CA SER I 26 -27.28 23.63 -43.83
C SER I 26 -26.76 23.26 -42.46
N PRO I 27 -25.46 23.49 -42.21
CA PRO I 27 -24.97 23.32 -40.84
C PRO I 27 -25.90 24.06 -39.89
N GLY I 28 -26.14 23.49 -38.72
CA GLY I 28 -26.99 24.12 -37.73
C GLY I 28 -28.42 23.61 -37.76
N GLN I 29 -28.76 22.88 -38.82
CA GLN I 29 -30.11 22.31 -38.93
C GLN I 29 -30.08 20.87 -39.44
N HIS I 30 -31.24 20.22 -39.42
CA HIS I 30 -31.35 18.82 -39.83
C HIS I 30 -32.57 18.61 -40.73
N ALA I 31 -32.71 17.41 -41.25
CA ALA I 31 -33.84 17.08 -42.11
C ALA I 31 -35.07 16.65 -41.31
N LYS I 32 -36.03 17.57 -41.18
CA LYS I 32 -37.30 17.27 -40.54
C LYS I 32 -38.09 16.28 -41.37
N VAL I 33 -38.29 16.61 -42.65
CA VAL I 33 -38.95 15.70 -43.58
C VAL I 33 -38.16 15.55 -44.87
N PHE I 34 -38.01 14.31 -45.31
CA PHE I 34 -37.24 14.01 -46.52
C PHE I 34 -38.02 14.29 -47.80
N CYS I 35 -37.32 14.83 -48.78
CA CYS I 35 -37.93 15.18 -50.06
C CYS I 35 -38.73 14.01 -50.61
N THR I 36 -39.71 14.34 -51.44
CA THR I 36 -40.49 13.33 -52.13
C THR I 36 -40.37 13.58 -53.63
N LYS I 37 -41.22 12.92 -54.40
CA LYS I 37 -41.22 13.10 -55.84
C LYS I 37 -41.76 14.48 -56.18
N THR I 38 -42.58 15.03 -55.29
CA THR I 38 -43.28 16.28 -55.56
C THR I 38 -42.89 17.44 -54.63
N SER I 39 -42.09 17.15 -53.61
CA SER I 39 -41.68 18.17 -52.65
C SER I 39 -40.21 18.02 -52.20
N ASP I 40 -39.59 19.15 -51.86
CA ASP I 40 -38.17 19.14 -51.49
C ASP I 40 -37.99 18.93 -49.99
N THR I 41 -36.76 18.65 -49.57
CA THR I 41 -36.44 18.41 -48.18
C THR I 41 -36.90 19.57 -47.28
N VAL I 42 -37.36 19.24 -46.09
CA VAL I 42 -37.75 20.24 -45.10
C VAL I 42 -36.73 20.27 -43.96
N CYS I 43 -36.15 21.44 -43.71
CA CYS I 43 -35.06 21.55 -42.75
C CYS I 43 -35.43 22.32 -41.49
N ASP I 44 -35.11 21.75 -40.34
CA ASP I 44 -35.43 22.36 -39.05
C ASP I 44 -34.14 22.62 -38.28
N SER I 45 -34.02 23.81 -37.71
CA SER I 45 -32.84 24.16 -36.92
C SER I 45 -32.69 23.20 -35.73
N CYS I 46 -31.45 23.03 -35.30
CA CYS I 46 -31.16 22.15 -34.17
C CYS I 46 -31.69 22.75 -32.88
N GLU I 47 -32.40 21.93 -32.10
CA GLU I 47 -33.01 22.38 -30.86
C GLU I 47 -31.97 22.46 -29.73
N ASP I 48 -32.41 22.32 -28.49
CA ASP I 48 -31.55 22.58 -27.33
C ASP I 48 -30.42 21.57 -27.16
N SER I 49 -29.20 22.10 -26.97
CA SER I 49 -28.00 21.29 -26.71
C SER I 49 -27.71 20.26 -27.78
N THR I 50 -27.81 20.67 -29.04
CA THR I 50 -27.63 19.77 -30.16
C THR I 50 -27.14 20.58 -31.36
N TYR I 51 -26.57 19.91 -32.36
CA TYR I 51 -25.88 20.63 -33.44
C TYR I 51 -25.60 19.79 -34.68
N THR I 52 -25.28 20.48 -35.77
CA THR I 52 -24.70 19.86 -36.97
C THR I 52 -23.74 20.85 -37.61
N GLN I 53 -22.58 20.37 -38.06
CA GLN I 53 -21.55 21.27 -38.52
C GLN I 53 -21.31 21.22 -40.03
N LEU I 54 -21.87 20.21 -40.69
CA LEU I 54 -21.76 20.15 -42.14
C LEU I 54 -23.12 20.16 -42.80
N TRP I 55 -23.16 20.52 -44.08
CA TRP I 55 -24.34 20.32 -44.88
C TRP I 55 -24.62 18.83 -44.84
N ASN I 56 -25.90 18.47 -44.83
CA ASN I 56 -26.25 17.10 -44.49
C ASN I 56 -27.68 16.73 -44.85
N TRP I 57 -28.05 15.51 -44.51
CA TRP I 57 -29.44 15.12 -44.47
C TRP I 57 -29.68 14.09 -43.36
N VAL I 58 -29.26 14.45 -42.15
CA VAL I 58 -29.48 13.62 -40.97
C VAL I 58 -30.84 13.92 -40.35
N PRO I 59 -31.51 12.88 -39.82
CA PRO I 59 -32.87 12.95 -39.26
C PRO I 59 -32.98 13.87 -38.05
N GLU I 60 -32.00 13.79 -37.16
CA GLU I 60 -31.94 14.68 -36.01
C GLU I 60 -30.49 15.11 -35.82
N CYS I 61 -30.29 16.20 -35.09
CA CYS I 61 -28.95 16.75 -34.88
C CYS I 61 -28.12 15.92 -33.90
N LEU I 62 -26.84 16.22 -33.80
CA LEU I 62 -25.94 15.51 -32.89
C LEU I 62 -25.96 16.15 -31.51
N SER I 63 -25.85 15.33 -30.47
CA SER I 63 -25.84 15.84 -29.10
C SER I 63 -24.53 16.53 -28.77
N CYS I 64 -24.62 17.74 -28.22
CA CYS I 64 -23.44 18.40 -27.69
C CYS I 64 -22.94 17.64 -26.49
N GLY I 65 -21.63 17.65 -26.27
CA GLY I 65 -21.04 16.98 -25.12
C GLY I 65 -21.49 17.60 -23.82
N SER I 66 -21.50 16.82 -22.76
CA SER I 66 -21.86 17.33 -21.44
C SER I 66 -20.96 18.53 -21.08
N ARG I 67 -21.25 19.19 -19.97
CA ARG I 67 -20.46 20.35 -19.56
C ARG I 67 -19.02 19.92 -19.23
N CYS I 68 -18.09 20.88 -19.32
CA CYS I 68 -16.69 20.60 -19.01
C CYS I 68 -16.55 20.12 -17.57
N SER I 69 -15.69 19.11 -17.38
CA SER I 69 -15.41 18.61 -16.04
C SER I 69 -14.72 19.71 -15.24
N SER I 70 -14.39 19.44 -13.99
CA SER I 70 -13.68 20.42 -13.18
C SER I 70 -12.19 20.47 -13.58
N ASP I 71 -11.55 21.61 -13.34
CA ASP I 71 -10.17 21.85 -13.75
C ASP I 71 -10.08 22.04 -15.27
N GLN I 72 -11.24 22.16 -15.90
CA GLN I 72 -11.30 22.39 -17.34
C GLN I 72 -11.90 23.76 -17.63
N VAL I 73 -11.62 24.27 -18.83
CA VAL I 73 -12.18 25.54 -19.26
C VAL I 73 -12.78 25.42 -20.66
N GLU I 74 -14.00 25.91 -20.80
CA GLU I 74 -14.70 25.89 -22.08
C GLU I 74 -14.14 26.99 -22.97
N THR I 75 -13.49 26.58 -24.06
CA THR I 75 -12.88 27.52 -24.99
C THR I 75 -13.73 27.68 -26.25
N GLN I 76 -14.76 26.85 -26.36
CA GLN I 76 -15.73 26.95 -27.45
C GLN I 76 -17.10 26.53 -26.97
N ALA I 77 -18.11 27.33 -27.27
CA ALA I 77 -19.47 27.08 -26.79
C ALA I 77 -20.25 26.16 -27.72
N CYS I 78 -21.13 25.35 -27.16
CA CYS I 78 -22.01 24.51 -27.95
C CYS I 78 -23.08 25.34 -28.63
N THR I 79 -23.05 25.38 -29.95
CA THR I 79 -24.04 26.11 -30.73
C THR I 79 -24.76 25.17 -31.68
N ARG I 80 -25.66 25.71 -32.49
CA ARG I 80 -26.38 24.89 -33.45
C ARG I 80 -25.42 24.34 -34.50
N GLU I 81 -24.23 24.93 -34.58
CA GLU I 81 -23.30 24.58 -35.66
C GLU I 81 -22.00 23.93 -35.21
N GLN I 82 -21.76 23.88 -33.90
CA GLN I 82 -20.51 23.32 -33.41
C GLN I 82 -20.61 22.68 -32.03
N ASN I 83 -19.79 21.67 -31.79
CA ASN I 83 -19.74 20.99 -30.50
C ASN I 83 -18.93 21.75 -29.46
N ARG I 84 -19.26 21.55 -28.19
CA ARG I 84 -18.51 22.13 -27.09
C ARG I 84 -17.07 21.65 -27.16
N ILE I 85 -16.13 22.44 -26.67
CA ILE I 85 -14.73 22.02 -26.56
C ILE I 85 -14.14 22.43 -25.23
N CYS I 86 -13.61 21.46 -24.49
CA CYS I 86 -13.02 21.74 -23.17
C CYS I 86 -11.50 21.67 -23.19
N THR I 87 -10.86 22.54 -22.41
CA THR I 87 -9.42 22.66 -22.45
C THR I 87 -8.81 22.65 -21.04
N CYS I 88 -7.53 22.28 -20.95
CA CYS I 88 -6.83 22.24 -19.66
C CYS I 88 -6.18 23.58 -19.32
N ARG I 89 -6.40 24.05 -18.10
CA ARG I 89 -5.82 25.33 -17.66
C ARG I 89 -4.31 25.22 -17.52
N PRO I 90 -3.62 26.37 -17.54
CA PRO I 90 -2.15 26.38 -17.55
C PRO I 90 -1.58 25.60 -16.37
N GLY I 91 -0.47 24.91 -16.61
CA GLY I 91 0.14 24.06 -15.60
C GLY I 91 -0.41 22.65 -15.67
N TRP I 92 -1.30 22.43 -16.63
CA TRP I 92 -1.92 21.12 -16.82
C TRP I 92 -1.75 20.65 -18.26
N TYR I 93 -1.69 19.35 -18.45
CA TYR I 93 -1.68 18.79 -19.80
C TYR I 93 -2.89 17.88 -19.98
N CYS I 94 -3.17 17.50 -21.22
CA CYS I 94 -4.32 16.67 -21.52
C CYS I 94 -3.97 15.18 -21.55
N ALA I 95 -4.36 14.47 -20.50
CA ALA I 95 -4.05 13.04 -20.38
C ALA I 95 -4.85 12.19 -21.38
N LEU I 96 -5.93 12.74 -21.90
CA LEU I 96 -6.78 12.00 -22.82
C LEU I 96 -7.48 12.94 -23.79
N SER I 97 -7.17 12.80 -25.08
CA SER I 97 -7.77 13.67 -26.09
C SER I 97 -9.14 13.18 -26.55
N LYS I 98 -10.11 14.09 -26.51
CA LYS I 98 -11.45 13.82 -26.99
C LYS I 98 -11.43 13.96 -28.51
N GLN I 99 -12.51 13.56 -29.17
CA GLN I 99 -12.61 13.72 -30.62
C GLN I 99 -12.15 15.12 -31.02
N GLU I 100 -12.65 16.13 -30.31
CA GLU I 100 -12.24 17.51 -30.51
C GLU I 100 -12.16 18.23 -29.17
N GLY I 101 -10.99 18.22 -28.56
CA GLY I 101 -10.79 18.85 -27.26
C GLY I 101 -10.21 17.91 -26.22
N CYS I 102 -10.35 18.29 -24.95
CA CYS I 102 -9.81 17.47 -23.87
C CYS I 102 -10.90 16.88 -22.98
N ARG I 103 -10.66 15.64 -22.56
CA ARG I 103 -11.63 14.88 -21.78
C ARG I 103 -11.12 14.75 -20.35
N LEU I 104 -9.84 14.41 -20.22
CA LEU I 104 -9.20 14.29 -18.92
C LEU I 104 -7.96 15.19 -18.83
N CYS I 105 -7.97 16.10 -17.86
CA CYS I 105 -6.83 16.97 -17.62
C CYS I 105 -5.98 16.45 -16.47
N ALA I 106 -4.71 16.82 -16.48
CA ALA I 106 -3.77 16.38 -15.44
C ALA I 106 -2.73 17.44 -15.14
N PRO I 107 -2.36 17.57 -13.86
CA PRO I 107 -1.34 18.52 -13.41
C PRO I 107 0.03 18.09 -13.90
N LEU I 108 0.82 19.05 -14.41
CA LEU I 108 2.14 18.73 -14.92
C LEU I 108 3.02 18.11 -13.84
N ARG I 109 3.80 17.10 -14.25
CA ARG I 109 4.70 16.42 -13.33
C ARG I 109 5.72 17.42 -12.79
N LYS I 110 6.21 17.15 -11.59
CA LYS I 110 7.27 17.97 -11.00
C LYS I 110 8.54 17.15 -10.87
N CYS I 111 9.68 17.75 -11.22
CA CYS I 111 10.97 17.08 -11.09
C CYS I 111 11.62 17.44 -9.76
N ARG I 112 11.66 16.46 -8.86
CA ARG I 112 12.22 16.64 -7.51
C ARG I 112 13.65 17.20 -7.55
N PRO I 113 14.19 17.57 -6.38
CA PRO I 113 15.61 17.92 -6.33
C PRO I 113 16.45 16.78 -6.88
N GLY I 114 17.59 17.11 -7.49
CA GLY I 114 18.41 16.10 -8.12
C GLY I 114 17.87 15.67 -9.47
N PHE I 115 16.80 16.33 -9.91
CA PHE I 115 16.18 16.04 -11.19
C PHE I 115 15.77 17.32 -11.90
N GLY I 116 15.73 17.28 -13.23
CA GLY I 116 15.42 18.46 -14.01
C GLY I 116 14.53 18.19 -15.20
N VAL I 117 14.05 19.26 -15.82
CA VAL I 117 13.16 19.15 -16.96
C VAL I 117 13.92 18.79 -18.24
N ALA I 118 13.81 17.54 -18.66
CA ALA I 118 14.40 17.09 -19.91
C ALA I 118 13.58 17.57 -21.09
N ARG I 119 12.26 17.50 -20.96
CA ARG I 119 11.36 17.98 -21.99
C ARG I 119 10.17 18.72 -21.35
N PRO I 120 9.95 19.98 -21.76
CA PRO I 120 8.87 20.83 -21.26
C PRO I 120 7.48 20.19 -21.42
N GLY I 121 6.43 20.95 -21.11
CA GLY I 121 5.09 20.39 -21.09
C GLY I 121 4.19 20.82 -22.22
N THR I 122 4.08 19.97 -23.23
CA THR I 122 3.10 20.17 -24.29
C THR I 122 1.71 20.10 -23.67
N GLU I 123 0.73 20.72 -24.31
CA GLU I 123 -0.63 20.69 -23.79
C GLU I 123 -1.26 19.33 -24.12
N THR I 124 -0.44 18.39 -24.55
CA THR I 124 -0.89 17.01 -24.77
C THR I 124 0.14 16.00 -24.31
N SER I 125 1.17 16.47 -23.61
CA SER I 125 2.17 15.58 -23.05
C SER I 125 2.70 16.07 -21.71
N ASP I 126 2.87 15.15 -20.76
CA ASP I 126 3.36 15.49 -19.45
C ASP I 126 4.85 15.85 -19.50
N VAL I 127 5.30 16.60 -18.52
CA VAL I 127 6.71 16.91 -18.36
C VAL I 127 7.52 15.63 -18.18
N VAL I 128 8.66 15.55 -18.87
CA VAL I 128 9.58 14.44 -18.68
C VAL I 128 10.80 14.88 -17.89
N CYS I 129 11.09 14.19 -16.79
CA CYS I 129 12.23 14.52 -15.95
C CYS I 129 13.42 13.64 -16.31
N LYS I 130 14.61 14.11 -15.94
CA LYS I 130 15.84 13.39 -16.21
C LYS I 130 16.84 13.71 -15.10
N PRO I 131 17.59 12.69 -14.65
CA PRO I 131 18.56 12.92 -13.57
C PRO I 131 19.61 13.94 -14.00
N CYS I 132 19.94 14.87 -13.10
CA CYS I 132 20.95 15.89 -13.42
C CYS I 132 22.30 15.25 -13.76
N ALA I 133 22.73 15.44 -15.00
CA ALA I 133 24.01 14.90 -15.46
C ALA I 133 25.17 15.52 -14.67
N PRO I 134 26.14 14.69 -14.27
CA PRO I 134 27.27 15.19 -13.48
C PRO I 134 27.80 16.50 -14.05
N GLY I 135 27.98 17.49 -13.17
CA GLY I 135 28.37 18.83 -13.60
C GLY I 135 27.18 19.77 -13.55
N THR I 136 26.00 19.20 -13.36
CA THR I 136 24.79 20.00 -13.22
C THR I 136 24.00 19.57 -11.98
N PHE I 137 23.05 20.39 -11.57
CA PHE I 137 22.32 20.14 -10.33
C PHE I 137 20.96 20.82 -10.35
N SER I 138 20.03 20.28 -9.57
CA SER I 138 18.74 20.92 -9.36
C SER I 138 18.34 20.84 -7.89
N ASN I 139 18.27 21.98 -7.23
CA ASN I 139 17.92 21.98 -5.81
C ASN I 139 16.52 22.53 -5.60
N THR I 140 15.60 22.08 -6.45
CA THR I 140 14.22 22.55 -6.37
C THR I 140 13.25 21.56 -6.99
N THR I 141 12.06 21.50 -6.42
CA THR I 141 10.97 20.71 -6.99
C THR I 141 10.17 21.59 -7.94
N SER I 142 10.43 21.46 -9.24
CA SER I 142 9.81 22.34 -10.22
C SER I 142 9.44 21.60 -11.51
N SER I 143 8.32 22.00 -12.10
CA SER I 143 7.87 21.41 -13.36
C SER I 143 8.46 22.17 -14.55
N THR I 144 9.32 23.15 -14.25
CA THR I 144 9.92 23.96 -15.29
C THR I 144 11.44 24.05 -15.15
N ASP I 145 11.91 24.19 -13.92
CA ASP I 145 13.34 24.34 -13.67
C ASP I 145 14.15 23.17 -14.21
N ILE I 146 15.29 23.50 -14.82
CA ILE I 146 16.18 22.51 -15.42
C ILE I 146 17.39 22.31 -14.52
N CYS I 147 18.24 21.35 -14.88
CA CYS I 147 19.52 21.19 -14.19
C CYS I 147 20.51 22.22 -14.70
N ARG I 148 20.73 23.27 -13.91
CA ARG I 148 21.72 24.28 -14.24
C ARG I 148 23.12 23.75 -13.94
N PRO I 149 24.14 24.29 -14.62
CA PRO I 149 25.52 23.85 -14.38
C PRO I 149 26.03 24.32 -13.03
N HIS I 150 26.95 23.56 -12.44
CA HIS I 150 27.58 23.97 -11.19
C HIS I 150 28.29 25.30 -11.39
N GLN I 151 28.42 26.05 -10.31
CA GLN I 151 29.27 27.24 -10.31
C GLN I 151 30.70 26.80 -10.62
N ILE I 152 31.37 27.48 -11.53
CA ILE I 152 32.75 27.16 -11.84
C ILE I 152 33.66 27.94 -10.90
N CYS I 153 34.86 27.43 -10.68
CA CYS I 153 35.77 28.07 -9.73
C CYS I 153 37.24 27.92 -10.06
N ASN I 154 38.04 28.58 -9.25
CA ASN I 154 39.47 28.40 -9.29
C ASN I 154 39.80 27.19 -8.43
N VAL I 155 39.39 27.24 -7.17
CA VAL I 155 39.63 26.15 -6.23
C VAL I 155 38.31 25.68 -5.63
N VAL I 156 37.98 24.42 -5.88
CA VAL I 156 36.71 23.86 -5.44
C VAL I 156 36.80 23.33 -4.00
N ALA I 157 36.01 23.91 -3.10
CA ALA I 157 35.96 23.45 -1.72
C ALA I 157 35.12 22.19 -1.58
N ILE I 158 33.85 22.28 -1.99
CA ILE I 158 32.95 21.12 -2.05
C ILE I 158 32.58 20.89 -3.51
N PRO I 159 32.70 19.63 -3.97
CA PRO I 159 32.54 19.26 -5.39
C PRO I 159 31.21 19.68 -6.00
N GLY I 160 30.11 19.39 -5.30
CA GLY I 160 28.79 19.68 -5.84
C GLY I 160 28.21 18.49 -6.57
N ASN I 161 26.97 18.14 -6.23
CA ASN I 161 26.33 16.95 -6.78
C ASN I 161 25.07 17.28 -7.56
N ALA I 162 24.26 16.27 -7.83
CA ALA I 162 23.05 16.44 -8.62
C ALA I 162 22.04 17.34 -7.93
N SER I 163 22.16 17.47 -6.62
CA SER I 163 21.17 18.19 -5.82
C SER I 163 21.62 19.57 -5.37
N MET I 164 22.92 19.71 -5.11
CA MET I 164 23.45 20.95 -4.58
C MET I 164 24.58 21.54 -5.42
N ASP I 165 24.65 22.86 -5.48
CA ASP I 165 25.68 23.56 -6.24
C ASP I 165 27.06 23.27 -5.67
N ALA I 166 28.10 23.64 -6.41
CA ALA I 166 29.47 23.49 -5.93
C ALA I 166 29.85 24.62 -4.97
N VAL I 167 30.76 24.34 -4.05
CA VAL I 167 31.24 25.34 -3.09
C VAL I 167 32.69 25.69 -3.39
N CYS I 168 33.07 26.93 -3.16
CA CYS I 168 34.43 27.38 -3.50
C CYS I 168 34.98 28.47 -2.58
N CYS J 8 16.60 -7.95 62.46
CA CYS J 8 15.90 -7.06 63.38
C CYS J 8 14.56 -7.63 63.84
N ARG J 9 13.50 -7.01 63.33
CA ARG J 9 12.13 -7.37 63.67
C ARG J 9 11.29 -7.45 62.40
N LEU J 10 9.98 -7.44 62.55
CA LEU J 10 9.09 -7.31 61.40
C LEU J 10 8.66 -5.85 61.32
N ARG J 11 8.65 -5.30 60.11
CA ARG J 11 8.37 -3.88 59.94
C ARG J 11 9.49 -3.03 60.54
N GLU J 12 10.67 -3.62 60.63
CA GLU J 12 11.88 -2.92 61.03
C GLU J 12 13.04 -3.49 60.25
N TYR J 13 14.03 -2.66 59.96
CA TYR J 13 15.24 -3.09 59.27
C TYR J 13 16.43 -2.62 60.07
N TYR J 14 17.63 -2.93 59.60
CA TYR J 14 18.84 -2.50 60.28
C TYR J 14 19.56 -1.40 59.52
N ASP J 15 19.51 -0.18 60.05
CA ASP J 15 20.20 0.95 59.45
C ASP J 15 21.70 0.86 59.76
N GLN J 16 22.51 0.76 58.71
CA GLN J 16 23.95 0.67 58.88
C GLN J 16 24.52 1.91 59.58
N THR J 17 24.06 3.08 59.17
CA THR J 17 24.55 4.34 59.72
C THR J 17 24.19 4.54 61.20
N ALA J 18 23.11 3.91 61.63
CA ALA J 18 22.63 4.06 63.02
C ALA J 18 22.88 2.83 63.87
N GLN J 19 23.30 1.74 63.23
CA GLN J 19 23.77 0.55 63.91
C GLN J 19 22.72 -0.18 64.76
N MET J 20 21.46 0.19 64.62
CA MET J 20 20.40 -0.45 65.40
C MET J 20 19.22 -0.90 64.53
N CYS J 21 18.08 -1.09 65.18
CA CYS J 21 16.83 -1.40 64.48
C CYS J 21 15.97 -0.16 64.40
N CYS J 22 15.57 0.21 63.19
CA CYS J 22 14.71 1.37 62.99
C CYS J 22 13.45 0.91 62.27
N SER J 23 12.30 1.33 62.76
CA SER J 23 11.03 0.89 62.17
C SER J 23 10.93 1.35 60.72
N LYS J 24 10.32 0.53 59.88
CA LYS J 24 10.09 0.89 58.49
C LYS J 24 8.93 1.86 58.43
N CYS J 25 8.61 2.35 57.23
CA CYS J 25 7.39 3.13 57.05
C CYS J 25 6.35 2.26 56.36
N SER J 26 5.09 2.44 56.73
CA SER J 26 4.01 1.61 56.20
C SER J 26 3.72 1.95 54.74
N PRO J 27 3.03 1.04 54.04
CA PRO J 27 2.49 1.43 52.74
C PRO J 27 1.68 2.71 52.89
N GLY J 28 1.88 3.67 52.01
CA GLY J 28 1.18 4.93 52.10
C GLY J 28 2.03 6.06 52.65
N GLN J 29 3.31 5.77 52.89
CA GLN J 29 4.24 6.78 53.38
C GLN J 29 5.69 6.49 52.98
N HIS J 30 6.51 7.54 52.93
CA HIS J 30 7.93 7.39 52.66
C HIS J 30 8.75 7.68 53.90
N ALA J 31 10.07 7.77 53.74
CA ALA J 31 10.96 8.10 54.85
C ALA J 31 11.40 9.55 54.73
N LYS J 32 10.99 10.36 55.70
CA LYS J 32 11.34 11.78 55.69
C LYS J 32 12.71 11.98 56.33
N VAL J 33 12.84 11.55 57.57
CA VAL J 33 14.10 11.61 58.28
C VAL J 33 14.49 10.21 58.75
N PHE J 34 15.58 9.69 58.19
CA PHE J 34 16.07 8.38 58.59
C PHE J 34 16.43 8.39 60.07
N CYS J 35 16.57 7.19 60.65
CA CYS J 35 16.82 7.07 62.07
C CYS J 35 18.26 7.41 62.42
N THR J 36 18.44 8.13 63.53
CA THR J 36 19.77 8.36 64.09
C THR J 36 19.96 7.47 65.31
N LYS J 37 21.09 7.65 65.99
CA LYS J 37 21.35 6.90 67.22
C LYS J 37 20.40 7.38 68.32
N THR J 38 19.68 8.46 68.04
CA THR J 38 18.76 9.04 69.00
C THR J 38 17.32 8.99 68.51
N SER J 39 17.09 9.44 67.28
CA SER J 39 15.73 9.49 66.75
C SER J 39 15.40 8.27 65.89
N ASP J 40 14.12 7.93 65.85
CA ASP J 40 13.64 6.84 65.03
C ASP J 40 13.08 7.41 63.73
N THR J 41 13.03 6.58 62.70
CA THR J 41 12.54 7.00 61.39
C THR J 41 11.28 7.86 61.49
N VAL J 42 11.31 9.01 60.85
CA VAL J 42 10.13 9.86 60.74
C VAL J 42 9.52 9.66 59.35
N CYS J 43 8.28 9.18 59.31
CA CYS J 43 7.61 8.89 58.05
C CYS J 43 6.54 9.93 57.70
N ASP J 44 6.39 10.22 56.41
CA ASP J 44 5.39 11.17 55.94
C ASP J 44 4.49 10.49 54.90
N SER J 45 3.19 10.76 54.98
CA SER J 45 2.24 10.20 54.02
C SER J 45 2.59 10.65 52.60
N CYS J 46 2.37 9.76 51.64
CA CYS J 46 2.58 10.08 50.23
C CYS J 46 1.65 11.19 49.79
N GLU J 47 2.16 12.13 49.02
CA GLU J 47 1.35 13.25 48.54
C GLU J 47 0.54 12.87 47.32
N ASP J 48 0.01 13.89 46.64
CA ASP J 48 -0.92 13.66 45.53
C ASP J 48 -0.28 12.91 44.36
N SER J 49 -1.01 11.92 43.86
CA SER J 49 -0.63 11.20 42.66
C SER J 49 0.59 10.31 42.88
N THR J 50 0.87 9.97 44.14
CA THR J 50 2.03 9.14 44.46
C THR J 50 1.64 8.02 45.42
N TYR J 51 2.45 6.98 45.49
CA TYR J 51 2.09 5.79 46.26
C TYR J 51 3.27 4.96 46.77
N THR J 52 3.04 4.29 47.89
CA THR J 52 3.95 3.25 48.38
C THR J 52 3.08 2.07 48.83
N GLN J 53 3.37 0.89 48.30
CA GLN J 53 2.49 -0.25 48.54
C GLN J 53 3.09 -1.33 49.43
N LEU J 54 4.35 -1.16 49.82
CA LEU J 54 4.96 -2.04 50.81
C LEU J 54 5.55 -1.23 51.94
N TRP J 55 5.89 -1.90 53.02
CA TRP J 55 6.65 -1.30 54.09
C TRP J 55 8.03 -1.00 53.53
N ASN J 56 8.57 0.16 53.86
CA ASN J 56 9.74 0.68 53.18
C ASN J 56 10.59 1.58 54.04
N TRP J 57 11.69 2.06 53.47
CA TRP J 57 12.38 3.24 53.97
C TRP J 57 12.93 4.03 52.81
N VAL J 58 12.08 4.26 51.81
CA VAL J 58 12.46 5.01 50.62
C VAL J 58 12.30 6.50 50.87
N PRO J 59 13.09 7.32 50.15
CA PRO J 59 13.17 8.77 50.31
C PRO J 59 11.94 9.51 49.79
N GLU J 60 11.24 8.93 48.82
CA GLU J 60 9.96 9.47 48.34
C GLU J 60 9.10 8.31 47.86
N CYS J 61 7.86 8.62 47.47
CA CYS J 61 6.94 7.60 46.97
C CYS J 61 7.04 7.47 45.45
N LEU J 62 6.50 6.39 44.88
CA LEU J 62 6.59 6.18 43.44
C LEU J 62 5.48 6.95 42.72
N SER J 63 5.72 7.28 41.46
CA SER J 63 4.71 7.97 40.66
C SER J 63 3.56 7.02 40.34
N CYS J 64 2.34 7.47 40.62
CA CYS J 64 1.13 6.79 40.19
C CYS J 64 1.17 6.74 38.67
N GLY J 65 1.01 5.56 38.10
CA GLY J 65 0.96 5.44 36.65
C GLY J 65 -0.01 6.44 36.05
N SER J 66 0.03 6.63 34.74
CA SER J 66 -0.84 7.59 34.09
C SER J 66 -2.29 7.11 34.05
N ARG J 67 -3.21 8.03 33.77
CA ARG J 67 -4.61 7.70 33.63
C ARG J 67 -4.79 6.61 32.58
N CYS J 68 -5.83 5.80 32.72
CA CYS J 68 -6.09 4.74 31.75
C CYS J 68 -6.37 5.29 30.36
N SER J 69 -5.83 4.60 29.35
CA SER J 69 -5.96 5.04 27.96
C SER J 69 -7.31 4.63 27.39
N SER J 70 -7.49 4.82 26.09
CA SER J 70 -8.75 4.48 25.44
C SER J 70 -8.96 2.97 25.35
N ASP J 71 -10.21 2.54 25.44
CA ASP J 71 -10.57 1.13 25.45
C ASP J 71 -9.93 0.42 26.64
N GLN J 72 -9.81 1.16 27.74
CA GLN J 72 -9.32 0.61 28.98
C GLN J 72 -10.27 1.02 30.10
N VAL J 73 -10.31 0.22 31.15
CA VAL J 73 -11.16 0.51 32.29
C VAL J 73 -10.31 0.55 33.55
N GLU J 74 -10.40 1.64 34.30
CA GLU J 74 -9.69 1.72 35.57
C GLU J 74 -10.34 0.78 36.59
N THR J 75 -9.62 -0.27 36.98
CA THR J 75 -10.18 -1.24 37.92
C THR J 75 -9.57 -1.08 39.30
N GLN J 76 -8.45 -0.37 39.36
CA GLN J 76 -7.84 -0.02 40.65
C GLN J 76 -7.46 1.45 40.64
N ALA J 77 -8.06 2.22 41.54
CA ALA J 77 -7.77 3.64 41.64
C ALA J 77 -6.42 3.83 42.32
N CYS J 78 -5.60 4.74 41.80
CA CYS J 78 -4.32 4.97 42.42
C CYS J 78 -4.48 5.85 43.65
N THR J 79 -4.59 5.20 44.80
CA THR J 79 -4.65 5.89 46.08
C THR J 79 -3.23 6.10 46.58
N ARG J 80 -3.09 6.20 47.89
CA ARG J 80 -1.82 6.49 48.53
C ARG J 80 -1.10 5.20 48.87
N GLU J 81 -1.82 4.10 48.79
CA GLU J 81 -1.31 2.81 49.25
C GLU J 81 -1.11 1.84 48.09
N GLN J 82 -1.65 2.18 46.93
CA GLN J 82 -1.64 1.24 45.82
C GLN J 82 -1.70 1.95 44.48
N ASN J 83 -1.10 1.32 43.46
CA ASN J 83 -1.03 1.91 42.14
C ASN J 83 -2.33 1.78 41.34
N ARG J 84 -2.46 2.60 40.31
CA ARG J 84 -3.57 2.48 39.37
C ARG J 84 -3.38 1.23 38.53
N ILE J 85 -4.48 0.59 38.18
CA ILE J 85 -4.42 -0.58 37.31
C ILE J 85 -5.44 -0.48 36.20
N CYS J 86 -4.94 -0.50 34.97
CA CYS J 86 -5.82 -0.39 33.81
C CYS J 86 -6.06 -1.76 33.19
N THR J 87 -7.29 -1.98 32.75
CA THR J 87 -7.70 -3.27 32.24
C THR J 87 -8.45 -3.16 30.92
N CYS J 88 -8.34 -4.19 30.10
CA CYS J 88 -9.06 -4.26 28.84
C CYS J 88 -10.52 -4.63 29.06
N ARG J 89 -11.41 -4.02 28.31
CA ARG J 89 -12.83 -4.33 28.36
C ARG J 89 -13.11 -5.62 27.58
N PRO J 90 -14.28 -6.24 27.84
CA PRO J 90 -14.62 -7.51 27.18
C PRO J 90 -14.54 -7.40 25.66
N GLY J 91 -13.88 -8.36 25.03
CA GLY J 91 -13.70 -8.35 23.59
C GLY J 91 -12.30 -7.92 23.17
N TRP J 92 -11.51 -7.50 24.15
CA TRP J 92 -10.14 -7.06 23.90
C TRP J 92 -9.17 -7.86 24.76
N TYR J 93 -7.91 -7.90 24.35
CA TYR J 93 -6.87 -8.56 25.13
C TYR J 93 -5.70 -7.62 25.35
N CYS J 94 -4.78 -8.01 26.23
CA CYS J 94 -3.62 -7.18 26.55
C CYS J 94 -2.40 -7.51 25.69
N ALA J 95 -2.11 -6.65 24.73
CA ALA J 95 -0.97 -6.84 23.83
C ALA J 95 0.35 -6.52 24.54
N LEU J 96 0.33 -5.52 25.41
CA LEU J 96 1.49 -5.18 26.22
C LEU J 96 1.12 -5.13 27.69
N SER J 97 1.49 -6.17 28.42
CA SER J 97 1.18 -6.23 29.84
C SER J 97 2.17 -5.41 30.68
N LYS J 98 1.63 -4.62 31.59
CA LYS J 98 2.43 -3.82 32.52
C LYS J 98 2.71 -4.66 33.77
N GLN J 99 3.67 -4.22 34.57
CA GLN J 99 3.98 -4.88 35.84
C GLN J 99 2.70 -5.43 36.48
N GLU J 100 1.70 -4.57 36.58
CA GLU J 100 0.42 -4.93 37.15
C GLU J 100 -0.68 -4.30 36.30
N GLY J 101 -1.37 -5.11 35.51
CA GLY J 101 -2.43 -4.62 34.66
C GLY J 101 -2.07 -4.65 33.19
N CYS J 102 -2.50 -3.64 32.46
CA CYS J 102 -2.31 -3.60 31.02
C CYS J 102 -1.82 -2.23 30.55
N ARG J 103 -1.07 -2.22 29.46
CA ARG J 103 -0.56 -0.98 28.91
C ARG J 103 -1.15 -0.67 27.53
N LEU J 104 -1.35 -1.72 26.73
CA LEU J 104 -1.98 -1.57 25.42
C LEU J 104 -3.03 -2.65 25.19
N CYS J 105 -4.20 -2.26 24.69
CA CYS J 105 -5.27 -3.21 24.40
C CYS J 105 -5.46 -3.35 22.90
N ALA J 106 -5.87 -4.54 22.48
CA ALA J 106 -6.19 -4.78 21.07
C ALA J 106 -7.41 -5.68 20.97
N PRO J 107 -8.30 -5.39 20.01
CA PRO J 107 -9.52 -6.17 19.77
C PRO J 107 -9.21 -7.62 19.41
N LEU J 108 -10.00 -8.55 19.94
CA LEU J 108 -9.81 -9.96 19.65
C LEU J 108 -9.90 -10.19 18.15
N ARG J 109 -9.08 -11.11 17.65
CA ARG J 109 -9.10 -11.46 16.25
C ARG J 109 -10.44 -12.10 15.90
N LYS J 110 -10.89 -11.90 14.68
CA LYS J 110 -12.10 -12.55 14.18
C LYS J 110 -11.68 -13.61 13.16
N CYS J 111 -12.20 -14.82 13.32
CA CYS J 111 -11.94 -15.87 12.34
C CYS J 111 -12.97 -15.80 11.23
N ARG J 112 -12.52 -15.42 10.04
CA ARG J 112 -13.40 -15.25 8.89
C ARG J 112 -14.14 -16.53 8.53
N PRO J 113 -14.97 -16.48 7.49
CA PRO J 113 -15.59 -17.72 6.99
C PRO J 113 -14.52 -18.63 6.42
N GLY J 114 -14.65 -19.94 6.62
CA GLY J 114 -13.62 -20.89 6.25
C GLY J 114 -12.60 -21.13 7.35
N PHE J 115 -12.60 -20.26 8.35
CA PHE J 115 -11.74 -20.40 9.51
C PHE J 115 -12.59 -20.50 10.77
N GLY J 116 -12.00 -21.04 11.83
CA GLY J 116 -12.68 -21.13 13.11
C GLY J 116 -11.72 -21.00 14.29
N VAL J 117 -12.25 -20.61 15.43
CA VAL J 117 -11.44 -20.44 16.64
C VAL J 117 -10.74 -21.73 17.05
N ALA J 118 -9.41 -21.75 16.88
CA ALA J 118 -8.60 -22.88 17.32
C ALA J 118 -8.34 -22.80 18.82
N ARG J 119 -8.05 -21.58 19.30
CA ARG J 119 -7.83 -21.34 20.73
C ARG J 119 -8.44 -20.01 21.17
N PRO J 120 -9.22 -20.03 22.25
CA PRO J 120 -10.01 -18.88 22.73
C PRO J 120 -9.12 -17.81 23.35
N GLY J 121 -9.27 -16.57 22.88
CA GLY J 121 -8.49 -15.46 23.41
C GLY J 121 -8.50 -15.40 24.93
N THR J 122 -7.33 -15.11 25.50
CA THR J 122 -7.21 -14.94 26.95
C THR J 122 -7.18 -13.46 27.25
N GLU J 123 -6.78 -13.08 28.46
CA GLU J 123 -6.65 -11.67 28.78
C GLU J 123 -5.31 -11.13 28.32
N THR J 124 -4.38 -12.05 28.03
CA THR J 124 -3.05 -11.68 27.59
C THR J 124 -2.71 -12.32 26.25
N SER J 125 -3.72 -12.87 25.58
CA SER J 125 -3.49 -13.52 24.29
C SER J 125 -4.70 -13.43 23.36
N ASP J 126 -4.43 -13.23 22.08
CA ASP J 126 -5.45 -13.10 21.04
C ASP J 126 -6.09 -14.45 20.74
N VAL J 127 -7.07 -14.43 19.85
CA VAL J 127 -7.70 -15.66 19.39
C VAL J 127 -6.84 -16.29 18.31
N VAL J 128 -6.70 -17.61 18.34
CA VAL J 128 -5.96 -18.32 17.30
C VAL J 128 -6.93 -18.89 16.26
N CYS J 129 -6.80 -18.44 15.01
CA CYS J 129 -7.65 -18.93 13.94
C CYS J 129 -6.99 -20.11 13.21
N LYS J 130 -7.82 -21.03 12.73
CA LYS J 130 -7.34 -22.16 11.95
C LYS J 130 -8.35 -22.54 10.88
N PRO J 131 -7.90 -22.67 9.62
CA PRO J 131 -8.78 -23.10 8.53
C PRO J 131 -9.47 -24.40 8.90
N CYS J 132 -10.75 -24.52 8.59
CA CYS J 132 -11.51 -25.71 8.96
C CYS J 132 -10.95 -26.98 8.32
N ALA J 133 -10.72 -27.99 9.16
CA ALA J 133 -10.33 -29.32 8.68
C ALA J 133 -11.46 -29.89 7.85
N PRO J 134 -11.12 -30.58 6.75
CA PRO J 134 -12.14 -31.14 5.85
C PRO J 134 -13.25 -31.84 6.64
N GLY J 135 -14.50 -31.57 6.27
CA GLY J 135 -15.64 -32.13 6.97
C GLY J 135 -16.29 -31.11 7.88
N THR J 136 -15.65 -29.95 8.01
CA THR J 136 -16.18 -28.91 8.87
C THR J 136 -16.26 -27.57 8.13
N PHE J 137 -17.09 -26.67 8.65
CA PHE J 137 -17.29 -25.37 8.01
C PHE J 137 -17.47 -24.26 9.03
N SER J 138 -17.57 -23.04 8.52
CA SER J 138 -17.81 -21.85 9.34
C SER J 138 -18.34 -20.74 8.45
N ASN J 139 -19.66 -20.65 8.35
CA ASN J 139 -20.29 -19.68 7.47
C ASN J 139 -20.35 -18.29 8.09
N THR J 140 -19.33 -17.95 8.86
CA THR J 140 -19.40 -16.75 9.69
C THR J 140 -18.03 -16.17 10.08
N THR J 141 -17.95 -14.84 10.10
CA THR J 141 -16.80 -14.13 10.65
C THR J 141 -17.04 -13.93 12.15
N SER J 142 -16.46 -14.80 12.97
CA SER J 142 -16.70 -14.76 14.40
C SER J 142 -15.43 -14.93 15.22
N SER J 143 -15.47 -14.43 16.45
CA SER J 143 -14.33 -14.52 17.36
C SER J 143 -14.56 -15.60 18.39
N THR J 144 -15.59 -16.41 18.17
CA THR J 144 -15.96 -17.46 19.12
C THR J 144 -16.31 -18.75 18.40
N ASP J 145 -17.05 -18.62 17.31
CA ASP J 145 -17.52 -19.77 16.54
C ASP J 145 -16.39 -20.68 16.06
N ILE J 146 -16.46 -21.96 16.45
CA ILE J 146 -15.51 -22.96 16.01
C ILE J 146 -16.00 -23.61 14.72
N CYS J 147 -15.09 -24.27 14.01
CA CYS J 147 -15.49 -25.03 12.82
C CYS J 147 -16.36 -26.21 13.25
N ARG J 148 -17.63 -26.16 12.86
CA ARG J 148 -18.57 -27.25 13.14
C ARG J 148 -18.56 -28.28 12.01
N PRO J 149 -18.84 -29.55 12.34
CA PRO J 149 -18.87 -30.64 11.36
C PRO J 149 -20.02 -30.54 10.36
N HIS J 150 -19.77 -30.95 9.12
CA HIS J 150 -20.79 -30.95 8.06
C HIS J 150 -22.05 -31.72 8.44
N GLN J 151 -23.20 -31.16 8.10
CA GLN J 151 -24.47 -31.84 8.27
C GLN J 151 -24.49 -33.14 7.48
N ILE J 152 -24.80 -34.24 8.15
CA ILE J 152 -24.89 -35.54 7.48
C ILE J 152 -26.18 -35.63 6.66
N CYS J 153 -26.05 -36.03 5.40
CA CYS J 153 -27.17 -36.12 4.47
C CYS J 153 -27.49 -37.55 4.08
N ASN J 154 -28.78 -37.85 3.99
CA ASN J 154 -29.23 -39.11 3.41
C ASN J 154 -28.73 -39.20 1.97
N VAL J 155 -28.94 -38.10 1.23
CA VAL J 155 -28.43 -37.94 -0.12
C VAL J 155 -27.70 -36.61 -0.21
N VAL J 156 -26.46 -36.63 -0.69
CA VAL J 156 -25.69 -35.40 -0.77
C VAL J 156 -26.00 -34.60 -2.03
N ALA J 157 -26.85 -33.59 -1.88
CA ALA J 157 -27.17 -32.69 -2.99
C ALA J 157 -25.96 -31.85 -3.36
N ILE J 158 -25.58 -30.94 -2.47
CA ILE J 158 -24.38 -30.13 -2.65
C ILE J 158 -23.40 -30.37 -1.52
N PRO J 159 -22.25 -30.99 -1.83
CA PRO J 159 -21.23 -31.26 -0.81
C PRO J 159 -20.78 -29.97 -0.13
N GLY J 160 -20.46 -30.05 1.15
CA GLY J 160 -20.05 -28.88 1.89
C GLY J 160 -18.55 -28.68 1.90
N ASN J 161 -18.13 -27.43 2.05
CA ASN J 161 -16.71 -27.10 2.16
C ASN J 161 -16.43 -26.38 3.47
N ALA J 162 -15.37 -25.59 3.49
CA ALA J 162 -14.96 -24.90 4.73
C ALA J 162 -15.83 -23.69 5.03
N SER J 163 -16.60 -23.23 4.05
CA SER J 163 -17.41 -22.03 4.22
C SER J 163 -18.90 -22.34 4.33
N MET J 164 -19.33 -23.44 3.72
CA MET J 164 -20.75 -23.75 3.63
C MET J 164 -21.09 -25.16 4.11
N ASP J 165 -22.32 -25.32 4.59
CA ASP J 165 -22.80 -26.62 5.06
C ASP J 165 -23.43 -27.40 3.91
N ALA J 166 -23.23 -28.71 3.90
CA ALA J 166 -23.76 -29.57 2.84
C ALA J 166 -25.28 -29.48 2.76
N VAL J 167 -25.82 -29.81 1.59
CA VAL J 167 -27.28 -29.84 1.40
C VAL J 167 -27.74 -31.25 1.03
N CYS J 168 -28.97 -31.61 1.38
CA CYS J 168 -29.47 -32.96 1.13
C CYS J 168 -30.62 -32.98 0.10
N CYS K 8 62.15 -2.31 23.69
CA CYS K 8 61.89 -3.68 24.14
C CYS K 8 61.91 -4.66 22.96
N ARG K 9 61.46 -5.88 23.22
CA ARG K 9 61.45 -6.93 22.21
C ARG K 9 60.13 -6.98 21.47
N LEU K 10 60.18 -7.39 20.21
CA LEU K 10 58.97 -7.70 19.47
C LEU K 10 58.31 -8.84 20.25
N ARG K 11 56.99 -8.86 20.27
CA ARG K 11 56.28 -9.83 21.09
C ARG K 11 56.52 -9.53 22.57
N GLU K 12 56.89 -8.29 22.84
CA GLU K 12 57.02 -7.78 24.20
C GLU K 12 56.62 -6.32 24.24
N TYR K 13 55.88 -5.93 25.28
CA TYR K 13 55.48 -4.56 25.47
C TYR K 13 56.17 -3.98 26.71
N TYR K 14 55.97 -2.68 26.96
CA TYR K 14 56.56 -2.04 28.12
C TYR K 14 55.49 -1.67 29.15
N ASP K 15 55.45 -2.42 30.25
CA ASP K 15 54.49 -2.14 31.32
C ASP K 15 54.95 -0.95 32.15
N GLN K 16 54.05 0.00 32.38
CA GLN K 16 54.37 1.21 33.14
C GLN K 16 54.31 0.98 34.64
N THR K 17 53.47 0.05 35.07
CA THR K 17 53.32 -0.25 36.49
C THR K 17 54.53 -1.01 37.02
N ALA K 18 55.25 -1.67 36.11
CA ALA K 18 56.40 -2.48 36.48
C ALA K 18 57.73 -1.90 35.97
N GLN K 19 57.64 -0.78 35.25
CA GLN K 19 58.82 -0.10 34.72
C GLN K 19 59.79 -1.07 34.04
N MET K 20 59.27 -1.91 33.15
CA MET K 20 60.09 -2.87 32.43
C MET K 20 59.31 -3.56 31.31
N CYS K 21 60.03 -4.17 30.38
CA CYS K 21 59.40 -4.89 29.28
C CYS K 21 58.96 -6.27 29.71
N CYS K 22 57.73 -6.64 29.37
CA CYS K 22 57.19 -7.96 29.68
C CYS K 22 56.80 -8.69 28.43
N SER K 23 56.65 -10.01 28.54
CA SER K 23 56.28 -10.82 27.39
C SER K 23 54.78 -10.71 27.09
N LYS K 24 54.44 -10.61 25.81
CA LYS K 24 53.05 -10.56 25.38
C LYS K 24 52.53 -12.00 25.19
N CYS K 25 51.21 -12.17 25.22
CA CYS K 25 50.62 -13.48 24.97
C CYS K 25 50.35 -13.69 23.49
N SER K 26 50.33 -14.94 23.05
CA SER K 26 50.21 -15.28 21.64
C SER K 26 48.76 -15.28 21.14
N PRO K 27 48.57 -15.28 19.82
CA PRO K 27 47.22 -15.49 19.27
C PRO K 27 46.66 -16.80 19.78
N GLY K 28 45.48 -16.75 20.40
CA GLY K 28 44.87 -17.95 20.93
C GLY K 28 44.95 -18.00 22.45
N GLN K 29 45.34 -16.88 23.05
CA GLN K 29 45.42 -16.79 24.51
C GLN K 29 45.44 -15.34 25.00
N HIS K 30 44.98 -15.14 26.23
CA HIS K 30 44.91 -13.80 26.83
C HIS K 30 45.88 -13.65 28.00
N ALA K 31 45.82 -12.52 28.68
CA ALA K 31 46.72 -12.22 29.79
C ALA K 31 46.06 -12.46 31.14
N LYS K 32 46.21 -13.67 31.67
CA LYS K 32 45.61 -14.05 32.95
C LYS K 32 46.05 -13.10 34.06
N VAL K 33 47.34 -13.11 34.36
CA VAL K 33 47.91 -12.23 35.37
C VAL K 33 49.06 -11.42 34.78
N PHE K 34 48.91 -10.10 34.76
CA PHE K 34 49.94 -9.22 34.23
C PHE K 34 51.24 -9.35 35.01
N CYS K 35 52.35 -9.09 34.33
CA CYS K 35 53.68 -9.21 34.91
C CYS K 35 53.84 -8.32 36.15
N THR K 36 54.64 -8.79 37.11
CA THR K 36 55.04 -7.97 38.25
C THR K 36 56.48 -7.51 38.05
N LYS K 37 57.14 -7.11 39.13
CA LYS K 37 58.53 -6.68 39.04
C LYS K 37 59.47 -7.88 38.96
N THR K 38 59.04 -8.99 39.56
CA THR K 38 59.84 -10.22 39.58
C THR K 38 59.31 -11.24 38.57
N SER K 39 58.00 -11.42 38.54
CA SER K 39 57.39 -12.43 37.67
C SER K 39 56.98 -11.86 36.30
N ASP K 40 57.18 -12.66 35.26
CA ASP K 40 56.81 -12.26 33.90
C ASP K 40 55.33 -12.51 33.66
N THR K 41 54.76 -11.86 32.66
CA THR K 41 53.34 -11.97 32.37
C THR K 41 52.90 -13.43 32.27
N VAL K 42 51.68 -13.70 32.73
CA VAL K 42 51.10 -15.03 32.68
C VAL K 42 49.94 -15.07 31.67
N CYS K 43 49.83 -16.15 30.92
CA CYS K 43 48.80 -16.28 29.88
C CYS K 43 47.98 -17.56 30.02
N ASP K 44 46.67 -17.45 29.84
CA ASP K 44 45.79 -18.62 29.75
C ASP K 44 45.10 -18.63 28.39
N SER K 45 44.89 -19.82 27.83
CA SER K 45 44.27 -19.95 26.51
C SER K 45 42.80 -19.53 26.53
N CYS K 46 42.29 -19.12 25.36
CA CYS K 46 40.88 -18.74 25.22
C CYS K 46 39.96 -19.95 25.29
N GLU K 47 38.77 -19.79 25.90
CA GLU K 47 37.83 -20.90 26.01
C GLU K 47 36.72 -20.86 24.96
N ASP K 48 35.51 -21.25 25.37
CA ASP K 48 34.38 -21.40 24.47
C ASP K 48 34.02 -20.14 23.68
N SER K 49 34.07 -20.26 22.36
CA SER K 49 33.55 -19.23 21.47
C SER K 49 34.25 -17.88 21.69
N THR K 50 35.55 -17.94 21.96
CA THR K 50 36.32 -16.73 22.24
C THR K 50 37.71 -16.81 21.59
N TYR K 51 38.21 -15.68 21.10
CA TYR K 51 39.45 -15.66 20.32
C TYR K 51 40.35 -14.45 20.54
N THR K 52 41.51 -14.49 19.90
CA THR K 52 42.47 -13.39 19.86
C THR K 52 43.43 -13.66 18.71
N GLN K 53 43.43 -12.79 17.70
CA GLN K 53 44.18 -13.05 16.48
C GLN K 53 45.54 -12.36 16.42
N LEU K 54 45.85 -11.56 17.45
CA LEU K 54 47.14 -10.87 17.50
C LEU K 54 47.88 -11.15 18.81
N TRP K 55 49.13 -10.71 18.85
CA TRP K 55 49.87 -10.72 20.09
C TRP K 55 49.36 -9.57 20.95
N ASN K 56 49.16 -9.83 22.24
CA ASN K 56 48.38 -8.94 23.06
C ASN K 56 48.67 -9.07 24.55
N TRP K 57 48.17 -8.09 25.32
CA TRP K 57 48.03 -8.25 26.76
C TRP K 57 46.65 -7.80 27.22
N VAL K 58 45.63 -8.30 26.51
CA VAL K 58 44.24 -8.04 26.88
C VAL K 58 43.82 -8.95 28.03
N PRO K 59 43.04 -8.38 28.97
CA PRO K 59 42.55 -9.09 30.16
C PRO K 59 41.81 -10.39 29.84
N GLU K 60 40.97 -10.36 28.81
CA GLU K 60 40.21 -11.54 28.40
C GLU K 60 40.22 -11.64 26.87
N CYS K 61 39.54 -12.65 26.32
CA CYS K 61 39.50 -12.84 24.86
C CYS K 61 38.27 -12.16 24.24
N LEU K 62 38.30 -11.98 22.92
CA LEU K 62 37.19 -11.34 22.21
C LEU K 62 36.07 -12.34 21.93
N SER K 63 34.84 -11.83 21.79
CA SER K 63 33.71 -12.70 21.51
C SER K 63 33.59 -13.03 20.02
N CYS K 64 33.50 -14.31 19.71
CA CYS K 64 33.21 -14.75 18.35
C CYS K 64 31.79 -14.33 18.02
N GLY K 65 31.57 -13.85 16.80
CA GLY K 65 30.24 -13.43 16.39
C GLY K 65 29.24 -14.58 16.49
N SER K 66 27.96 -14.26 16.50
CA SER K 66 26.93 -15.29 16.47
C SER K 66 26.99 -16.06 15.14
N ARG K 67 26.29 -17.19 15.09
CA ARG K 67 26.30 -18.05 13.91
C ARG K 67 25.75 -17.32 12.69
N CYS K 68 26.21 -17.70 11.50
CA CYS K 68 25.75 -17.04 10.28
C CYS K 68 24.23 -17.10 10.18
N SER K 69 23.63 -16.01 9.73
CA SER K 69 22.18 -15.95 9.55
C SER K 69 21.76 -16.76 8.32
N SER K 70 20.45 -16.75 8.03
CA SER K 70 19.93 -17.51 6.90
C SER K 70 20.52 -17.01 5.58
N ASP K 71 20.51 -17.89 4.57
CA ASP K 71 21.05 -17.56 3.25
C ASP K 71 22.50 -17.11 3.33
N GLN K 72 23.22 -17.62 4.32
CA GLN K 72 24.65 -17.33 4.48
C GLN K 72 25.45 -18.61 4.65
N VAL K 73 26.72 -18.56 4.27
CA VAL K 73 27.62 -19.70 4.39
C VAL K 73 28.85 -19.30 5.20
N GLU K 74 29.24 -20.18 6.13
CA GLU K 74 30.38 -19.93 7.00
C GLU K 74 31.70 -20.27 6.33
N THR K 75 32.30 -19.31 5.65
CA THR K 75 33.56 -19.53 4.93
C THR K 75 34.78 -19.54 5.85
N GLN K 76 34.54 -19.56 7.16
CA GLN K 76 35.61 -19.64 8.15
C GLN K 76 35.05 -19.83 9.55
N ALA K 77 35.69 -20.70 10.34
CA ALA K 77 35.17 -21.05 11.66
C ALA K 77 35.81 -20.25 12.79
N CYS K 78 35.06 -20.12 13.88
CA CYS K 78 35.57 -19.48 15.09
C CYS K 78 36.59 -20.38 15.78
N THR K 79 37.85 -20.02 15.67
CA THR K 79 38.93 -20.74 16.33
C THR K 79 39.33 -19.99 17.59
N ARG K 80 40.31 -20.51 18.32
CA ARG K 80 40.84 -19.79 19.47
C ARG K 80 41.71 -18.62 19.00
N GLU K 81 41.86 -18.49 17.69
CA GLU K 81 42.79 -17.52 17.12
C GLU K 81 42.17 -16.63 16.04
N GLN K 82 40.88 -16.82 15.77
CA GLN K 82 40.22 -16.03 14.72
C GLN K 82 38.70 -16.04 14.81
N ASN K 83 38.08 -14.98 14.28
CA ASN K 83 36.64 -14.81 14.33
C ASN K 83 35.93 -15.48 13.15
N ARG K 84 34.70 -15.89 13.37
CA ARG K 84 33.87 -16.51 12.33
C ARG K 84 33.58 -15.53 11.20
N ILE K 85 33.58 -16.04 9.97
CA ILE K 85 33.22 -15.23 8.81
C ILE K 85 32.05 -15.84 8.06
N CYS K 86 31.20 -14.98 7.50
CA CYS K 86 30.05 -15.42 6.72
C CYS K 86 30.06 -14.76 5.35
N THR K 87 29.48 -15.42 4.36
CA THR K 87 29.40 -14.85 3.02
C THR K 87 28.10 -15.21 2.33
N CYS K 88 27.70 -14.39 1.36
CA CYS K 88 26.49 -14.66 0.59
C CYS K 88 26.74 -15.80 -0.37
N ARG K 89 25.69 -16.58 -0.64
CA ARG K 89 25.75 -17.65 -1.63
C ARG K 89 25.68 -17.03 -3.03
N PRO K 90 26.22 -17.75 -4.03
CA PRO K 90 26.21 -17.28 -5.42
C PRO K 90 24.80 -16.91 -5.88
N GLY K 91 24.66 -15.76 -6.53
CA GLY K 91 23.36 -15.26 -6.91
C GLY K 91 22.89 -14.16 -5.99
N TRP K 92 23.62 -13.98 -4.88
CA TRP K 92 23.34 -12.93 -3.91
C TRP K 92 24.53 -12.00 -3.76
N TYR K 93 24.27 -10.78 -3.32
CA TYR K 93 25.31 -9.80 -3.06
C TYR K 93 25.19 -9.33 -1.62
N CYS K 94 26.29 -8.83 -1.07
CA CYS K 94 26.30 -8.34 0.31
C CYS K 94 25.78 -6.90 0.42
N ALA K 95 24.60 -6.75 1.00
CA ALA K 95 23.96 -5.44 1.15
C ALA K 95 24.45 -4.71 2.40
N LEU K 96 25.38 -5.32 3.12
CA LEU K 96 25.95 -4.71 4.31
C LEU K 96 27.15 -5.50 4.80
N SER K 97 28.34 -5.00 4.52
CA SER K 97 29.57 -5.66 4.95
C SER K 97 29.72 -5.56 6.46
N LYS K 98 30.23 -6.61 7.07
CA LYS K 98 30.64 -6.55 8.47
C LYS K 98 32.09 -6.08 8.51
N GLN K 99 32.64 -5.89 9.71
CA GLN K 99 34.05 -5.54 9.84
C GLN K 99 34.88 -6.49 9.01
N GLU K 100 34.34 -7.67 8.75
CA GLU K 100 34.98 -8.69 7.93
C GLU K 100 33.94 -9.73 7.49
N GLY K 101 33.76 -9.86 6.18
CA GLY K 101 32.74 -10.76 5.65
C GLY K 101 31.44 -10.03 5.40
N CYS K 102 30.33 -10.75 5.51
CA CYS K 102 29.03 -10.15 5.25
C CYS K 102 28.09 -10.27 6.44
N ARG K 103 27.27 -9.25 6.63
CA ARG K 103 26.31 -9.22 7.72
C ARG K 103 24.89 -9.47 7.23
N LEU K 104 24.58 -8.92 6.06
CA LEU K 104 23.26 -9.11 5.46
C LEU K 104 23.38 -9.39 3.96
N CYS K 105 22.71 -10.44 3.51
CA CYS K 105 22.75 -10.82 2.10
C CYS K 105 21.39 -10.57 1.43
N ALA K 106 21.43 -9.90 0.28
CA ALA K 106 20.22 -9.65 -0.50
C ALA K 106 20.31 -10.31 -1.88
N PRO K 107 19.17 -10.81 -2.39
CA PRO K 107 19.14 -11.45 -3.70
C PRO K 107 19.48 -10.46 -4.80
N LEU K 108 20.18 -10.92 -5.84
CA LEU K 108 20.51 -10.07 -6.97
C LEU K 108 19.24 -9.66 -7.72
N ARG K 109 19.18 -8.39 -8.08
CA ARG K 109 18.05 -7.86 -8.86
C ARG K 109 17.93 -8.64 -10.16
N LYS K 110 16.76 -8.57 -10.78
CA LYS K 110 16.56 -9.18 -12.09
C LYS K 110 16.10 -8.10 -13.08
N CYS K 111 16.60 -8.15 -14.31
CA CYS K 111 16.17 -7.21 -15.33
C CYS K 111 14.97 -7.73 -16.11
N ARG K 112 13.86 -7.00 -16.03
CA ARG K 112 12.63 -7.37 -16.74
C ARG K 112 12.81 -7.28 -18.24
N PRO K 113 11.91 -7.94 -18.98
CA PRO K 113 11.95 -7.83 -20.44
C PRO K 113 11.72 -6.38 -20.82
N GLY K 114 12.67 -5.80 -21.53
CA GLY K 114 12.65 -4.38 -21.82
C GLY K 114 13.86 -3.67 -21.24
N PHE K 115 14.54 -4.35 -20.32
CA PHE K 115 15.74 -3.82 -19.68
C PHE K 115 16.85 -4.87 -19.63
N GLY K 116 18.09 -4.42 -19.64
CA GLY K 116 19.21 -5.35 -19.61
C GLY K 116 20.26 -4.96 -18.60
N VAL K 117 21.07 -5.94 -18.20
CA VAL K 117 22.13 -5.71 -17.23
C VAL K 117 23.14 -4.69 -17.73
N ALA K 118 23.22 -3.55 -17.05
CA ALA K 118 24.25 -2.55 -17.35
C ALA K 118 25.48 -2.81 -16.50
N ARG K 119 25.29 -2.85 -15.18
CA ARG K 119 26.35 -3.20 -14.24
C ARG K 119 26.00 -4.51 -13.55
N PRO K 120 26.87 -5.52 -13.71
CA PRO K 120 26.61 -6.88 -13.20
C PRO K 120 26.62 -6.92 -11.69
N GLY K 121 26.30 -8.07 -11.13
CA GLY K 121 26.33 -8.26 -9.69
C GLY K 121 27.75 -8.04 -9.16
N THR K 122 27.91 -8.21 -7.86
CA THR K 122 29.19 -8.02 -7.20
C THR K 122 29.10 -8.47 -5.75
N GLU K 123 30.22 -8.90 -5.18
CA GLU K 123 30.27 -9.29 -3.79
C GLU K 123 29.54 -8.28 -2.90
N THR K 124 29.57 -7.01 -3.30
CA THR K 124 29.03 -5.94 -2.47
C THR K 124 28.05 -4.99 -3.18
N SER K 125 27.91 -5.13 -4.50
CA SER K 125 26.98 -4.25 -5.23
C SER K 125 25.93 -5.00 -6.05
N ASP K 126 24.68 -4.58 -5.91
CA ASP K 126 23.55 -5.22 -6.59
C ASP K 126 23.54 -4.87 -8.07
N VAL K 127 22.86 -5.71 -8.86
CA VAL K 127 22.74 -5.53 -10.30
C VAL K 127 22.02 -4.23 -10.65
N VAL K 128 22.47 -3.58 -11.73
CA VAL K 128 21.82 -2.38 -12.23
C VAL K 128 21.21 -2.61 -13.62
N CYS K 129 19.89 -2.44 -13.71
CA CYS K 129 19.18 -2.64 -14.97
C CYS K 129 19.06 -1.35 -15.78
N LYS K 130 18.93 -1.50 -17.09
CA LYS K 130 18.91 -0.38 -18.00
C LYS K 130 18.05 -0.67 -19.23
N PRO K 131 17.14 0.25 -19.56
CA PRO K 131 16.23 0.06 -20.69
C PRO K 131 17.00 -0.31 -21.95
N CYS K 132 16.52 -1.31 -22.68
CA CYS K 132 17.15 -1.71 -23.92
C CYS K 132 17.07 -0.58 -24.95
N ALA K 133 18.24 -0.19 -25.46
CA ALA K 133 18.33 0.87 -26.45
C ALA K 133 17.70 0.43 -27.78
N PRO K 134 17.36 1.40 -28.63
CA PRO K 134 16.82 1.10 -29.96
C PRO K 134 17.78 0.25 -30.79
N GLY K 135 17.31 -0.89 -31.26
CA GLY K 135 18.15 -1.81 -32.01
C GLY K 135 18.47 -3.04 -31.20
N THR K 136 18.28 -2.95 -29.89
CA THR K 136 18.48 -4.08 -29.00
C THR K 136 17.23 -4.36 -28.19
N PHE K 137 17.14 -5.56 -27.64
CA PHE K 137 15.96 -6.00 -26.93
C PHE K 137 16.33 -7.01 -25.85
N SER K 138 15.41 -7.25 -24.92
CA SER K 138 15.58 -8.30 -23.94
C SER K 138 14.24 -8.96 -23.68
N ASN K 139 14.12 -10.23 -24.10
CA ASN K 139 12.87 -10.97 -23.91
C ASN K 139 12.97 -11.91 -22.71
N THR K 140 13.84 -11.57 -21.76
CA THR K 140 14.03 -12.39 -20.58
C THR K 140 14.15 -11.55 -19.31
N THR K 141 13.65 -12.11 -18.21
CA THR K 141 13.82 -11.53 -16.89
C THR K 141 14.99 -12.23 -16.23
N SER K 142 16.18 -11.64 -16.36
CA SER K 142 17.39 -12.28 -15.83
C SER K 142 18.37 -11.27 -15.27
N SER K 143 19.13 -11.69 -14.26
CA SER K 143 20.12 -10.84 -13.63
C SER K 143 21.45 -10.88 -14.38
N THR K 144 21.46 -11.58 -15.51
CA THR K 144 22.68 -11.78 -16.28
C THR K 144 22.56 -11.29 -17.74
N ASP K 145 21.51 -11.71 -18.43
CA ASP K 145 21.33 -11.37 -19.84
C ASP K 145 21.34 -9.86 -20.13
N ILE K 146 22.01 -9.49 -21.22
CA ILE K 146 22.06 -8.10 -21.64
C ILE K 146 21.19 -7.89 -22.87
N CYS K 147 20.94 -6.62 -23.22
CA CYS K 147 20.16 -6.29 -24.41
C CYS K 147 20.93 -6.65 -25.68
N ARG K 148 20.50 -7.71 -26.36
CA ARG K 148 21.17 -8.16 -27.58
C ARG K 148 20.60 -7.48 -28.82
N PRO K 149 21.42 -7.39 -29.90
CA PRO K 149 21.05 -6.70 -31.14
C PRO K 149 19.88 -7.35 -31.88
N HIS K 150 19.07 -6.53 -32.53
CA HIS K 150 17.98 -7.05 -33.35
C HIS K 150 18.52 -7.76 -34.57
N GLN K 151 18.25 -9.05 -34.66
CA GLN K 151 18.59 -9.82 -35.85
C GLN K 151 18.24 -9.03 -37.11
N ILE K 152 19.22 -8.83 -37.97
CA ILE K 152 19.03 -8.06 -39.19
C ILE K 152 18.32 -8.90 -40.25
N CYS K 153 17.29 -8.31 -40.86
CA CYS K 153 16.49 -9.03 -41.85
C CYS K 153 16.70 -8.48 -43.25
N ASN K 154 16.73 -9.39 -44.22
CA ASN K 154 16.70 -9.01 -45.62
C ASN K 154 15.41 -8.24 -45.88
N VAL K 155 14.31 -8.81 -45.40
CA VAL K 155 13.02 -8.12 -45.39
C VAL K 155 12.46 -8.14 -43.96
N VAL K 156 12.08 -6.98 -43.46
CA VAL K 156 11.53 -6.86 -42.11
C VAL K 156 10.02 -7.03 -42.11
N ALA K 157 9.54 -8.01 -41.34
CA ALA K 157 8.11 -8.22 -41.17
C ALA K 157 7.62 -7.51 -39.91
N ILE K 158 8.35 -7.68 -38.82
CA ILE K 158 8.05 -6.98 -37.56
C ILE K 158 9.31 -6.31 -37.01
N PRO K 159 9.31 -4.97 -36.94
CA PRO K 159 10.48 -4.19 -36.52
C PRO K 159 11.10 -4.70 -35.22
N GLY K 160 10.27 -5.21 -34.31
CA GLY K 160 10.75 -5.71 -33.04
C GLY K 160 11.07 -4.58 -32.09
N ASN K 161 10.39 -4.57 -30.94
CA ASN K 161 10.61 -3.56 -29.93
C ASN K 161 11.82 -3.90 -29.05
N ALA K 162 11.91 -3.24 -27.90
CA ALA K 162 13.00 -3.51 -26.96
C ALA K 162 12.72 -4.78 -26.18
N SER K 163 11.60 -5.43 -26.49
CA SER K 163 11.20 -6.63 -25.77
C SER K 163 11.36 -7.88 -26.62
N MET K 164 11.25 -7.73 -27.94
CA MET K 164 11.27 -8.87 -28.85
C MET K 164 12.11 -8.63 -30.10
N ASP K 165 12.75 -9.70 -30.57
CA ASP K 165 13.55 -9.66 -31.78
C ASP K 165 12.67 -9.38 -33.00
N ALA K 166 13.27 -8.96 -34.10
CA ALA K 166 12.54 -8.73 -35.33
C ALA K 166 12.37 -10.03 -36.12
N VAL K 167 11.38 -10.06 -37.00
CA VAL K 167 11.07 -11.27 -37.77
C VAL K 167 11.29 -11.03 -39.26
N CYS K 168 11.95 -11.96 -39.93
CA CYS K 168 12.23 -11.82 -41.37
C CYS K 168 11.20 -12.59 -42.20
N THR L 7 28.74 46.65 41.47
CA THR L 7 27.99 46.45 40.24
C THR L 7 28.85 46.83 39.02
N CYS L 8 28.60 46.17 37.90
CA CYS L 8 29.39 46.42 36.69
C CYS L 8 28.65 47.30 35.68
N ARG L 9 29.41 47.89 34.75
CA ARG L 9 28.84 48.70 33.69
C ARG L 9 28.07 47.81 32.71
N LEU L 10 27.59 48.43 31.64
CA LEU L 10 27.07 47.70 30.50
C LEU L 10 28.28 47.18 29.71
N ARG L 11 28.18 45.97 29.16
CA ARG L 11 29.29 45.36 28.45
C ARG L 11 30.40 44.90 29.39
N GLU L 12 30.10 44.91 30.69
CA GLU L 12 30.99 44.31 31.67
C GLU L 12 30.21 43.33 32.53
N TYR L 13 30.87 42.26 32.98
CA TYR L 13 30.25 41.29 33.87
C TYR L 13 31.12 41.11 35.08
N TYR L 14 30.54 40.66 36.19
CA TYR L 14 31.33 40.39 37.38
C TYR L 14 31.89 38.98 37.37
N ASP L 15 33.21 38.88 37.44
CA ASP L 15 33.89 37.59 37.42
C ASP L 15 34.28 37.18 38.83
N GLN L 16 33.82 36.00 39.24
CA GLN L 16 34.13 35.47 40.57
C GLN L 16 35.62 35.20 40.72
N THR L 17 36.15 34.35 39.84
CA THR L 17 37.55 33.93 39.89
C THR L 17 38.51 35.10 40.06
N ALA L 18 38.15 36.26 39.53
CA ALA L 18 39.01 37.44 39.61
C ALA L 18 38.47 38.49 40.59
N GLN L 19 37.25 38.27 41.08
CA GLN L 19 36.67 39.09 42.13
C GLN L 19 36.36 40.54 41.70
N MET L 20 36.41 40.82 40.40
CA MET L 20 36.14 42.17 39.91
C MET L 20 35.26 42.20 38.66
N CYS L 21 34.99 43.41 38.16
CA CYS L 21 34.28 43.58 36.89
C CYS L 21 35.26 43.46 35.73
N CYS L 22 34.81 42.85 34.65
CA CYS L 22 35.63 42.70 33.45
C CYS L 22 34.83 43.00 32.20
N SER L 23 35.52 43.37 31.13
CA SER L 23 34.87 43.69 29.87
C SER L 23 34.41 42.44 29.14
N LYS L 24 33.24 42.52 28.51
CA LYS L 24 32.73 41.41 27.72
C LYS L 24 33.19 41.54 26.28
N CYS L 25 33.49 40.41 25.65
CA CYS L 25 33.77 40.38 24.23
C CYS L 25 32.50 40.76 23.49
N SER L 26 32.66 41.30 22.28
CA SER L 26 31.53 41.74 21.48
C SER L 26 31.11 40.64 20.50
N PRO L 27 29.88 40.74 19.97
CA PRO L 27 29.47 39.84 18.88
C PRO L 27 30.54 39.78 17.81
N GLY L 28 30.83 38.57 17.32
CA GLY L 28 31.85 38.39 16.30
C GLY L 28 33.19 37.98 16.88
N GLN L 29 33.36 38.16 18.18
CA GLN L 29 34.58 37.76 18.86
C GLN L 29 34.29 36.98 20.14
N HIS L 30 35.12 35.97 20.41
CA HIS L 30 34.99 35.17 21.62
C HIS L 30 36.04 35.58 22.65
N ALA L 31 36.11 34.84 23.75
CA ALA L 31 37.10 35.13 24.78
C ALA L 31 38.31 34.20 24.63
N LYS L 32 39.46 34.79 24.37
CA LYS L 32 40.69 34.03 24.19
C LYS L 32 41.38 33.81 25.54
N VAL L 33 41.33 34.83 26.38
CA VAL L 33 41.92 34.77 27.71
C VAL L 33 41.02 35.49 28.71
N PHE L 34 40.55 34.75 29.72
CA PHE L 34 39.67 35.34 30.72
C PHE L 34 40.44 36.31 31.61
N CYS L 35 39.76 37.35 32.07
CA CYS L 35 40.41 38.42 32.83
C CYS L 35 41.06 37.94 34.12
N THR L 36 42.36 38.19 34.25
CA THR L 36 43.08 37.94 35.49
C THR L 36 42.83 39.10 36.45
N LYS L 37 43.22 38.93 37.71
CA LYS L 37 43.04 39.98 38.70
C LYS L 37 43.76 41.25 38.26
N THR L 38 44.90 41.07 37.61
CA THR L 38 45.71 42.19 37.16
C THR L 38 45.21 42.76 35.82
N SER L 39 45.09 41.90 34.81
CA SER L 39 44.74 42.32 33.47
C SER L 39 43.24 42.23 33.18
N ASP L 40 42.85 42.69 31.99
CA ASP L 40 41.46 42.66 31.56
C ASP L 40 41.26 41.57 30.50
N THR L 41 40.02 41.42 30.04
CA THR L 41 39.67 40.35 29.12
C THR L 41 40.42 40.43 27.79
N VAL L 42 40.88 39.28 27.30
CA VAL L 42 41.46 39.19 25.97
C VAL L 42 40.47 38.51 25.04
N CYS L 43 40.13 39.17 23.95
CA CYS L 43 39.17 38.62 22.99
C CYS L 43 39.84 38.26 21.66
N ASP L 44 39.10 37.56 20.80
CA ASP L 44 39.58 37.21 19.47
C ASP L 44 38.37 36.97 18.56
N SER L 45 38.47 37.41 17.31
CA SER L 45 37.38 37.25 16.37
C SER L 45 37.14 35.78 16.03
N CYS L 46 35.91 35.45 15.62
CA CYS L 46 35.57 34.08 15.26
C CYS L 46 36.18 33.69 13.92
N GLU L 47 36.52 32.42 13.77
CA GLU L 47 37.14 31.93 12.54
C GLU L 47 36.14 31.61 11.44
N ASP L 48 36.37 30.51 10.74
CA ASP L 48 35.58 30.14 9.58
C ASP L 48 34.21 29.61 10.01
N SER L 49 33.17 30.04 9.30
CA SER L 49 31.83 29.50 9.51
C SER L 49 31.50 29.39 10.99
N THR L 50 31.79 30.45 11.72
CA THR L 50 31.55 30.48 13.16
C THR L 50 31.16 31.88 13.60
N TYR L 51 30.34 31.97 14.65
CA TYR L 51 29.76 33.26 15.03
C TYR L 51 29.44 33.40 16.51
N THR L 52 29.07 34.62 16.90
CA THR L 52 28.50 34.94 18.20
C THR L 52 27.68 36.20 17.98
N GLN L 53 26.46 36.25 18.49
CA GLN L 53 25.57 37.36 18.19
C GLN L 53 25.30 38.25 19.41
N LEU L 54 25.85 37.88 20.56
CA LEU L 54 25.63 38.64 21.78
C LEU L 54 26.92 39.02 22.48
N TRP L 55 26.83 40.03 23.33
CA TRP L 55 27.95 40.39 24.20
C TRP L 55 28.20 39.24 25.17
N ASN L 56 29.40 38.68 25.13
CA ASN L 56 29.64 37.39 25.75
C ASN L 56 30.99 37.23 26.45
N TRP L 57 31.17 36.07 27.06
CA TRP L 57 32.48 35.59 27.48
C TRP L 57 32.58 34.07 27.35
N VAL L 58 32.49 33.60 26.10
CA VAL L 58 32.52 32.17 25.80
C VAL L 58 33.91 31.74 25.34
N PRO L 59 34.30 30.50 25.67
CA PRO L 59 35.62 29.96 25.35
C PRO L 59 35.87 29.91 23.84
N GLU L 60 34.84 29.53 23.08
CA GLU L 60 34.95 29.45 21.62
C GLU L 60 33.67 29.98 20.97
N CYS L 61 33.65 30.08 19.64
CA CYS L 61 32.48 30.62 18.94
C CYS L 61 31.47 29.53 18.56
N LEU L 62 30.28 29.93 18.14
CA LEU L 62 29.21 29.00 17.77
C LEU L 62 29.33 28.55 16.31
N SER L 63 29.08 27.27 16.06
CA SER L 63 29.09 26.74 14.69
C SER L 63 27.94 27.29 13.86
N CYS L 64 28.26 27.71 12.63
CA CYS L 64 27.22 28.09 11.68
C CYS L 64 26.51 26.85 11.16
N GLY L 65 25.23 26.97 10.91
CA GLY L 65 24.46 25.83 10.42
C GLY L 65 24.87 25.44 9.01
N SER L 66 24.64 24.19 8.64
CA SER L 66 25.01 23.70 7.31
C SER L 66 24.20 24.40 6.23
N ARG L 67 24.66 24.27 4.98
CA ARG L 67 23.98 24.90 3.85
C ARG L 67 22.52 24.47 3.82
N CYS L 68 21.67 25.34 3.28
CA CYS L 68 20.24 25.07 3.21
C CYS L 68 19.92 23.83 2.39
N SER L 69 18.90 23.10 2.80
CA SER L 69 18.42 21.94 2.06
C SER L 69 17.78 22.39 0.74
N SER L 70 17.44 21.44 -0.11
CA SER L 70 16.77 21.77 -1.36
C SER L 70 15.39 22.36 -1.10
N ASP L 71 14.95 23.22 -2.01
CA ASP L 71 13.65 23.89 -1.89
C ASP L 71 13.63 24.91 -0.76
N GLN L 72 14.80 25.32 -0.32
CA GLN L 72 14.93 26.37 0.68
C GLN L 72 15.65 27.57 0.10
N VAL L 73 15.49 28.72 0.74
CA VAL L 73 16.17 29.93 0.30
C VAL L 73 16.93 30.57 1.45
N GLU L 74 18.24 30.77 1.26
CA GLU L 74 19.08 31.37 2.27
C GLU L 74 18.79 32.87 2.39
N THR L 75 17.90 33.22 3.30
CA THR L 75 17.48 34.62 3.47
C THR L 75 18.43 35.43 4.36
N GLN L 76 19.29 34.75 5.10
CA GLN L 76 20.30 35.43 5.92
C GLN L 76 21.64 34.72 5.85
N ALA L 77 22.71 35.50 5.78
CA ALA L 77 24.04 34.95 5.57
C ALA L 77 24.77 34.67 6.88
N CYS L 78 25.51 33.57 6.90
CA CYS L 78 26.35 33.25 8.04
C CYS L 78 27.55 34.19 8.12
N THR L 79 27.64 34.95 9.20
CA THR L 79 28.75 35.88 9.41
C THR L 79 29.46 35.56 10.72
N ARG L 80 30.23 36.53 11.20
CA ARG L 80 30.84 36.41 12.51
C ARG L 80 29.83 36.78 13.60
N GLU L 81 28.84 37.59 13.23
CA GLU L 81 27.90 38.13 14.19
C GLU L 81 26.50 37.49 14.11
N GLN L 82 26.33 36.54 13.20
CA GLN L 82 25.02 35.90 13.02
C GLN L 82 25.07 34.58 12.27
N ASN L 83 24.08 33.72 12.55
CA ASN L 83 23.98 32.41 11.93
C ASN L 83 23.18 32.44 10.63
N ARG L 84 23.34 31.38 9.84
CA ARG L 84 22.63 31.22 8.58
C ARG L 84 21.13 30.99 8.82
N ILE L 85 20.31 31.56 7.96
CA ILE L 85 18.86 31.40 8.07
C ILE L 85 18.23 30.94 6.75
N CYS L 86 17.59 29.78 6.76
CA CYS L 86 16.93 29.26 5.57
C CYS L 86 15.41 29.45 5.66
N THR L 87 14.77 29.67 4.52
CA THR L 87 13.32 29.91 4.49
C THR L 87 12.65 29.12 3.37
N CYS L 88 11.33 28.95 3.48
CA CYS L 88 10.57 28.23 2.46
C CYS L 88 10.13 29.14 1.31
N ARG L 89 10.29 28.63 0.08
CA ARG L 89 9.92 29.36 -1.11
C ARG L 89 8.41 29.47 -1.24
N PRO L 90 7.92 30.52 -1.94
CA PRO L 90 6.48 30.77 -2.06
C PRO L 90 5.71 29.53 -2.55
N GLY L 91 4.57 29.28 -1.92
CA GLY L 91 3.80 28.08 -2.24
C GLY L 91 4.14 26.95 -1.27
N TRP L 92 5.05 27.23 -0.37
CA TRP L 92 5.45 26.28 0.66
C TRP L 92 5.28 26.87 2.04
N TYR L 93 5.23 26.02 3.06
CA TYR L 93 5.16 26.45 4.45
C TYR L 93 6.18 25.65 5.25
N CYS L 94 6.59 26.18 6.40
CA CYS L 94 7.56 25.47 7.25
C CYS L 94 6.90 24.39 8.08
N ALA L 95 7.22 23.14 7.76
CA ALA L 95 6.66 22.02 8.51
C ALA L 95 7.34 21.92 9.88
N LEU L 96 8.64 22.17 9.91
CA LEU L 96 9.40 22.07 11.16
C LEU L 96 10.25 23.31 11.35
N SER L 97 9.81 24.18 12.27
CA SER L 97 10.51 25.42 12.57
C SER L 97 11.84 25.15 13.28
N LYS L 98 12.79 26.06 13.10
CA LYS L 98 14.08 25.99 13.77
C LYS L 98 14.14 27.07 14.83
N GLN L 99 15.20 27.06 15.64
CA GLN L 99 15.44 28.14 16.59
C GLN L 99 15.26 29.48 15.89
N GLU L 100 15.71 29.51 14.64
CA GLU L 100 15.57 30.70 13.82
C GLU L 100 15.57 30.29 12.35
N GLY L 101 14.43 30.42 11.70
CA GLY L 101 14.30 30.09 10.30
C GLY L 101 13.48 28.83 10.07
N CYS L 102 13.79 28.09 9.00
CA CYS L 102 13.05 26.88 8.70
C CYS L 102 13.96 25.68 8.48
N ARG L 103 13.42 24.48 8.68
CA ARG L 103 14.22 23.27 8.60
C ARG L 103 13.67 22.31 7.55
N LEU L 104 12.37 22.08 7.59
CA LEU L 104 11.70 21.22 6.60
C LEU L 104 10.57 22.00 5.93
N CYS L 105 10.67 22.16 4.61
CA CYS L 105 9.65 22.86 3.86
C CYS L 105 8.67 21.89 3.21
N ALA L 106 7.41 22.31 3.11
CA ALA L 106 6.37 21.47 2.52
C ALA L 106 5.49 22.29 1.59
N PRO L 107 5.03 21.68 0.50
CA PRO L 107 4.14 22.33 -0.47
C PRO L 107 2.77 22.61 0.15
N LEU L 108 2.23 23.80 -0.09
CA LEU L 108 0.90 24.13 0.42
C LEU L 108 -0.18 23.21 -0.14
N ARG L 109 -0.99 22.67 0.76
CA ARG L 109 -2.09 21.78 0.38
C ARG L 109 -2.91 22.38 -0.75
N LYS L 110 -3.56 21.52 -1.54
CA LYS L 110 -4.43 21.94 -2.62
C LYS L 110 -5.90 21.59 -2.32
N CYS L 111 -6.78 22.57 -2.44
CA CYS L 111 -8.20 22.36 -2.18
C CYS L 111 -8.95 21.87 -3.42
N ARG L 112 -9.11 20.54 -3.51
CA ARG L 112 -9.77 19.89 -4.64
C ARG L 112 -11.08 20.56 -5.05
N PRO L 113 -11.62 20.15 -6.21
CA PRO L 113 -12.97 20.56 -6.62
C PRO L 113 -14.00 20.03 -5.63
N GLY L 114 -14.89 20.92 -5.18
CA GLY L 114 -15.85 20.57 -4.15
C GLY L 114 -15.46 21.22 -2.85
N PHE L 115 -14.17 21.55 -2.75
CA PHE L 115 -13.61 22.19 -1.58
C PHE L 115 -12.97 23.52 -1.94
N GLY L 116 -13.15 24.51 -1.08
CA GLY L 116 -12.53 25.81 -1.27
C GLY L 116 -11.56 26.10 -0.14
N VAL L 117 -10.74 27.12 -0.31
CA VAL L 117 -9.80 27.50 0.74
C VAL L 117 -10.51 28.19 1.91
N ALA L 118 -10.54 27.51 3.05
CA ALA L 118 -11.16 28.05 4.26
C ALA L 118 -10.21 29.01 4.95
N ARG L 119 -9.02 28.51 5.23
CA ARG L 119 -7.99 29.29 5.91
C ARG L 119 -6.69 29.24 5.11
N PRO L 120 -6.22 30.41 4.64
CA PRO L 120 -4.99 30.46 3.84
C PRO L 120 -3.80 29.90 4.62
N GLY L 121 -2.68 29.69 3.94
CA GLY L 121 -1.49 29.19 4.62
C GLY L 121 -0.56 30.31 5.03
N THR L 122 0.31 30.03 6.00
CA THR L 122 1.32 30.98 6.42
C THR L 122 2.70 30.36 6.22
N GLU L 123 3.71 30.88 6.92
CA GLU L 123 5.05 30.31 6.83
C GLU L 123 5.22 29.18 7.81
N THR L 124 4.30 29.06 8.77
CA THR L 124 4.37 28.02 9.78
C THR L 124 3.08 27.21 9.85
N SER L 125 2.23 27.36 8.83
CA SER L 125 0.94 26.69 8.82
C SER L 125 0.52 26.37 7.39
N ASP L 126 -0.14 25.22 7.23
CA ASP L 126 -0.61 24.79 5.92
C ASP L 126 -1.94 25.44 5.59
N VAL L 127 -2.46 25.17 4.41
CA VAL L 127 -3.77 25.65 3.99
C VAL L 127 -4.84 24.70 4.53
N VAL L 128 -5.90 25.27 5.08
CA VAL L 128 -6.99 24.47 5.61
C VAL L 128 -8.16 24.50 4.63
N CYS L 129 -8.46 23.36 4.02
CA CYS L 129 -9.55 23.27 3.06
C CYS L 129 -10.90 23.18 3.78
N LYS L 130 -11.97 23.24 3.00
CA LYS L 130 -13.32 23.26 3.56
C LYS L 130 -14.35 22.92 2.50
N PRO L 131 -15.12 21.84 2.72
CA PRO L 131 -16.21 21.52 1.79
C PRO L 131 -17.11 22.73 1.60
N CYS L 132 -17.44 23.04 0.35
CA CYS L 132 -18.31 24.17 0.06
C CYS L 132 -19.75 23.89 0.51
N ALA L 133 -20.37 24.86 1.17
CA ALA L 133 -21.74 24.72 1.63
C ALA L 133 -22.70 24.87 0.46
N PRO L 134 -23.95 24.42 0.63
CA PRO L 134 -24.94 24.61 -0.43
C PRO L 134 -25.04 26.09 -0.82
N GLY L 135 -24.92 26.38 -2.10
CA GLY L 135 -24.94 27.74 -2.58
C GLY L 135 -23.61 28.20 -3.15
N THR L 136 -22.56 27.42 -2.86
CA THR L 136 -21.22 27.74 -3.35
C THR L 136 -20.58 26.54 -4.06
N PHE L 137 -19.52 26.80 -4.81
CA PHE L 137 -18.86 25.76 -5.59
C PHE L 137 -17.37 26.03 -5.80
N SER L 138 -16.64 24.97 -6.13
CA SER L 138 -15.21 25.08 -6.45
C SER L 138 -14.87 24.07 -7.56
N ASN L 139 -14.91 24.51 -8.80
CA ASN L 139 -14.63 23.62 -9.92
C ASN L 139 -13.15 23.59 -10.27
N THR L 140 -12.32 23.92 -9.29
CA THR L 140 -10.88 24.02 -9.51
C THR L 140 -10.09 23.40 -8.37
N THR L 141 -8.94 22.81 -8.69
CA THR L 141 -8.00 22.35 -7.69
C THR L 141 -7.03 23.50 -7.43
N SER L 142 -7.24 24.22 -6.33
CA SER L 142 -6.44 25.40 -6.02
C SER L 142 -6.13 25.55 -4.55
N SER L 143 -4.93 26.03 -4.25
CA SER L 143 -4.53 26.33 -2.88
C SER L 143 -4.80 27.79 -2.57
N THR L 144 -5.65 28.42 -3.37
CA THR L 144 -6.04 29.81 -3.14
C THR L 144 -7.52 30.04 -3.41
N ASP L 145 -8.06 29.38 -4.44
CA ASP L 145 -9.46 29.59 -4.82
C ASP L 145 -10.43 29.25 -3.68
N ILE L 146 -11.42 30.11 -3.50
CA ILE L 146 -12.37 29.97 -2.40
C ILE L 146 -13.73 29.54 -2.92
N CYS L 147 -14.56 28.98 -2.03
CA CYS L 147 -15.92 28.59 -2.39
C CYS L 147 -16.74 29.80 -2.83
N ARG L 148 -16.90 29.97 -4.14
CA ARG L 148 -17.68 31.07 -4.70
C ARG L 148 -19.15 30.68 -4.81
N PRO L 149 -20.06 31.67 -4.74
CA PRO L 149 -21.51 31.41 -4.73
C PRO L 149 -22.04 30.98 -6.10
N HIS L 150 -23.16 30.26 -6.11
CA HIS L 150 -23.77 29.82 -7.36
C HIS L 150 -24.28 31.02 -8.16
N GLN L 151 -24.37 30.82 -9.48
CA GLN L 151 -24.86 31.86 -10.38
C GLN L 151 -26.35 32.09 -10.14
N ILE L 152 -26.75 33.35 -10.03
CA ILE L 152 -28.14 33.72 -9.80
C ILE L 152 -28.87 33.81 -11.14
N CYS L 153 -30.10 33.30 -11.20
CA CYS L 153 -30.75 33.14 -12.48
C CYS L 153 -32.25 33.36 -12.55
N ASN L 154 -32.70 33.72 -13.75
CA ASN L 154 -34.12 33.91 -14.03
C ASN L 154 -34.83 32.57 -14.09
N VAL L 155 -34.18 31.61 -14.75
CA VAL L 155 -34.67 30.25 -14.85
C VAL L 155 -33.52 29.24 -14.78
N VAL L 156 -33.52 28.43 -13.73
CA VAL L 156 -32.45 27.46 -13.52
C VAL L 156 -32.57 26.24 -14.44
N ALA L 157 -31.53 25.99 -15.23
CA ALA L 157 -31.45 24.78 -16.04
C ALA L 157 -31.01 23.61 -15.16
N ILE L 158 -29.76 23.65 -14.69
CA ILE L 158 -29.24 22.64 -13.78
C ILE L 158 -28.84 23.26 -12.45
N PRO L 159 -29.44 22.78 -11.35
CA PRO L 159 -29.07 23.23 -10.01
C PRO L 159 -27.59 22.98 -9.75
N GLY L 160 -26.91 23.97 -9.18
CA GLY L 160 -25.49 23.87 -8.94
C GLY L 160 -25.14 23.03 -7.73
N ASN L 161 -24.13 22.19 -7.87
CA ASN L 161 -23.63 21.37 -6.78
C ASN L 161 -22.31 21.91 -6.25
N ALA L 162 -21.84 21.33 -5.15
CA ALA L 162 -20.62 21.80 -4.51
C ALA L 162 -19.45 21.95 -5.48
N SER L 163 -19.46 21.15 -6.54
CA SER L 163 -18.36 21.14 -7.51
C SER L 163 -18.58 22.07 -8.69
N MET L 164 -19.79 22.05 -9.25
CA MET L 164 -20.08 22.81 -10.46
C MET L 164 -21.12 23.89 -10.21
N ASP L 165 -21.03 24.97 -10.98
CA ASP L 165 -21.97 26.09 -10.86
C ASP L 165 -23.27 25.78 -11.61
N ALA L 166 -24.35 26.41 -11.19
CA ALA L 166 -25.66 26.26 -11.83
C ALA L 166 -25.64 26.69 -13.30
N VAL L 167 -26.63 26.21 -14.07
CA VAL L 167 -26.76 26.59 -15.49
C VAL L 167 -28.15 27.16 -15.74
N CYS L 168 -28.26 28.05 -16.73
CA CYS L 168 -29.50 28.80 -16.91
C CYS L 168 -29.83 29.06 -18.39
#